data_1V89
#
_entry.id   1V89
#
_cell.length_a   1.000
_cell.length_b   1.000
_cell.length_c   1.000
_cell.angle_alpha   90.00
_cell.angle_beta   90.00
_cell.angle_gamma   90.00
#
_symmetry.space_group_name_H-M   'P 1'
#
_entity_poly.entity_id   1
_entity_poly.type   'polypeptide(L)'
_entity_poly.pdbx_seq_one_letter_code
;GSSGSSGPIKMGWLKKQRSIVKNWQQRYFVLRAQQLYYYKDEEDTKPQGCMYLPGCTIKEIATNPEEAGKFVFEIIPASW
DQNRMGQDSYVLMASSQAEMEEWVKFLRRVAGSGPSSG
;
_entity_poly.pdbx_strand_id   A
#
# COMPACT_ATOMS: atom_id res chain seq x y z
N GLY A 1 -20.76 -4.68 6.05
CA GLY A 1 -21.90 -4.44 5.17
C GLY A 1 -21.81 -5.30 3.91
N SER A 2 -22.34 -4.76 2.82
CA SER A 2 -22.33 -5.46 1.55
C SER A 2 -21.38 -4.76 0.58
N SER A 3 -20.75 -5.56 -0.26
CA SER A 3 -19.81 -5.04 -1.24
C SER A 3 -19.81 -5.92 -2.50
N GLY A 4 -20.88 -5.78 -3.27
CA GLY A 4 -21.02 -6.54 -4.50
C GLY A 4 -20.23 -5.90 -5.65
N SER A 5 -20.80 -4.84 -6.19
CA SER A 5 -20.16 -4.13 -7.29
C SER A 5 -20.26 -2.62 -7.05
N SER A 6 -19.28 -1.90 -7.60
CA SER A 6 -19.26 -0.46 -7.46
C SER A 6 -17.95 0.09 -8.02
N GLY A 7 -16.85 -0.43 -7.50
CA GLY A 7 -15.53 0.00 -7.94
C GLY A 7 -14.59 0.17 -6.74
N PRO A 8 -13.39 0.75 -7.03
CA PRO A 8 -12.40 0.97 -6.00
C PRO A 8 -12.78 2.16 -5.12
N ILE A 9 -11.90 2.49 -4.19
CA ILE A 9 -12.14 3.60 -3.28
C ILE A 9 -11.08 4.68 -3.52
N LYS A 10 -9.83 4.24 -3.62
CA LYS A 10 -8.73 5.15 -3.83
C LYS A 10 -7.82 4.60 -4.93
N MET A 11 -7.43 5.48 -5.84
CA MET A 11 -6.56 5.08 -6.94
C MET A 11 -5.56 6.19 -7.27
N GLY A 12 -4.37 5.77 -7.66
CA GLY A 12 -3.31 6.71 -7.99
C GLY A 12 -2.01 5.98 -8.35
N TRP A 13 -1.12 6.69 -9.01
CA TRP A 13 0.15 6.13 -9.41
C TRP A 13 1.11 6.25 -8.23
N LEU A 14 1.47 5.10 -7.67
CA LEU A 14 2.37 5.06 -6.53
C LEU A 14 3.68 4.39 -6.96
N LYS A 15 4.73 4.70 -6.21
CA LYS A 15 6.05 4.14 -6.51
C LYS A 15 6.31 2.97 -5.55
N LYS A 16 6.44 1.79 -6.14
CA LYS A 16 6.70 0.60 -5.36
C LYS A 16 8.15 0.17 -5.55
N GLN A 17 8.84 -0.05 -4.44
CA GLN A 17 10.22 -0.47 -4.48
C GLN A 17 10.34 -1.87 -5.09
N ARG A 18 11.35 -2.03 -5.93
CA ARG A 18 11.59 -3.30 -6.59
C ARG A 18 11.74 -4.42 -5.55
N SER A 19 12.09 -5.59 -6.04
CA SER A 19 12.27 -6.74 -5.17
C SER A 19 13.59 -6.62 -4.41
N ILE A 20 14.67 -6.65 -5.17
CA ILE A 20 16.00 -6.54 -4.58
C ILE A 20 16.79 -5.45 -5.31
N VAL A 21 16.20 -4.26 -5.34
CA VAL A 21 16.84 -3.13 -6.00
C VAL A 21 16.49 -1.85 -5.25
N LYS A 22 17.32 -0.84 -5.45
CA LYS A 22 17.11 0.45 -4.80
C LYS A 22 16.44 1.40 -5.78
N ASN A 23 15.51 0.85 -6.56
CA ASN A 23 14.78 1.65 -7.53
C ASN A 23 13.31 1.67 -7.16
N TRP A 24 12.58 2.57 -7.81
CA TRP A 24 11.15 2.71 -7.56
C TRP A 24 10.42 2.46 -8.87
N GLN A 25 9.28 1.77 -8.76
CA GLN A 25 8.48 1.46 -9.93
C GLN A 25 7.13 2.18 -9.85
N GLN A 26 6.98 3.20 -10.66
CA GLN A 26 5.76 3.97 -10.69
C GLN A 26 4.64 3.18 -11.37
N ARG A 27 3.78 2.58 -10.55
CA ARG A 27 2.67 1.79 -11.07
C ARG A 27 1.34 2.40 -10.63
N TYR A 28 0.29 1.97 -11.30
CA TYR A 28 -1.05 2.47 -11.00
C TYR A 28 -1.72 1.60 -9.93
N PHE A 29 -1.75 2.14 -8.72
CA PHE A 29 -2.36 1.43 -7.60
C PHE A 29 -3.85 1.74 -7.50
N VAL A 30 -4.61 0.71 -7.15
CA VAL A 30 -6.05 0.86 -7.02
C VAL A 30 -6.51 0.16 -5.75
N LEU A 31 -7.49 0.77 -5.09
CA LEU A 31 -8.04 0.21 -3.86
C LEU A 31 -9.46 -0.29 -4.12
N ARG A 32 -9.59 -1.61 -4.13
CA ARG A 32 -10.88 -2.23 -4.36
C ARG A 32 -11.25 -3.15 -3.19
N ALA A 33 -12.42 -2.89 -2.61
CA ALA A 33 -12.89 -3.68 -1.49
C ALA A 33 -11.79 -3.77 -0.44
N GLN A 34 -11.70 -4.93 0.20
CA GLN A 34 -10.70 -5.16 1.22
C GLN A 34 -9.46 -5.82 0.62
N GLN A 35 -8.91 -5.15 -0.38
CA GLN A 35 -7.72 -5.66 -1.05
C GLN A 35 -7.04 -4.54 -1.86
N LEU A 36 -5.72 -4.53 -1.79
CA LEU A 36 -4.95 -3.52 -2.50
C LEU A 36 -4.34 -4.14 -3.76
N TYR A 37 -4.59 -3.48 -4.88
CA TYR A 37 -4.07 -3.96 -6.15
C TYR A 37 -3.22 -2.89 -6.83
N TYR A 38 -2.50 -3.32 -7.86
CA TYR A 38 -1.64 -2.41 -8.61
C TYR A 38 -1.35 -2.95 -10.01
N TYR A 39 -1.61 -2.10 -11.00
CA TYR A 39 -1.38 -2.48 -12.38
C TYR A 39 -0.25 -1.66 -13.00
N LYS A 40 0.33 -2.20 -14.06
CA LYS A 40 1.41 -1.53 -14.75
C LYS A 40 0.91 -0.24 -15.38
N ASP A 41 -0.30 -0.32 -15.92
CA ASP A 41 -0.92 0.84 -16.55
C ASP A 41 -2.43 0.82 -16.27
N GLU A 42 -3.10 1.84 -16.80
CA GLU A 42 -4.53 1.95 -16.61
C GLU A 42 -5.27 1.44 -17.86
N GLU A 43 -4.76 0.34 -18.39
CA GLU A 43 -5.34 -0.26 -19.58
C GLU A 43 -5.67 -1.73 -19.32
N ASP A 44 -4.65 -2.46 -18.89
CA ASP A 44 -4.82 -3.88 -18.61
C ASP A 44 -6.01 -4.07 -17.67
N THR A 45 -6.46 -5.32 -17.60
CA THR A 45 -7.59 -5.65 -16.75
C THR A 45 -7.25 -6.83 -15.83
N LYS A 46 -6.01 -6.85 -15.40
CA LYS A 46 -5.55 -7.92 -14.52
C LYS A 46 -4.60 -7.33 -13.47
N PRO A 47 -4.97 -7.57 -12.17
CA PRO A 47 -4.16 -7.07 -11.07
C PRO A 47 -2.89 -7.90 -10.89
N GLN A 48 -1.79 -7.20 -10.67
CA GLN A 48 -0.51 -7.85 -10.48
C GLN A 48 -0.39 -8.40 -9.06
N GLY A 49 -0.25 -7.48 -8.12
CA GLY A 49 -0.13 -7.84 -6.73
C GLY A 49 -1.43 -7.58 -5.96
N CYS A 50 -1.65 -8.38 -4.93
CA CYS A 50 -2.85 -8.22 -4.11
C CYS A 50 -2.44 -8.35 -2.65
N MET A 51 -2.71 -7.29 -1.89
CA MET A 51 -2.38 -7.28 -0.48
C MET A 51 -3.65 -7.18 0.37
N TYR A 52 -3.80 -8.15 1.26
CA TYR A 52 -4.95 -8.18 2.14
C TYR A 52 -4.88 -7.07 3.19
N LEU A 53 -5.72 -6.07 3.00
CA LEU A 53 -5.77 -4.94 3.90
C LEU A 53 -6.10 -5.44 5.32
N PRO A 54 -7.08 -6.37 5.37
CA PRO A 54 -7.50 -6.94 6.65
C PRO A 54 -6.47 -7.94 7.17
N GLY A 55 -5.24 -7.48 7.28
CA GLY A 55 -4.15 -8.32 7.77
C GLY A 55 -2.81 -7.81 7.26
N CYS A 56 -2.63 -6.50 7.34
CA CYS A 56 -1.40 -5.88 6.91
C CYS A 56 -0.94 -4.90 7.98
N THR A 57 0.28 -4.41 7.82
CA THR A 57 0.85 -3.47 8.77
C THR A 57 1.51 -2.30 8.03
N ILE A 58 0.84 -1.16 8.08
CA ILE A 58 1.34 0.03 7.43
C ILE A 58 2.35 0.74 8.35
N LYS A 59 3.60 0.72 7.93
CA LYS A 59 4.66 1.35 8.72
C LYS A 59 5.26 2.49 7.91
N GLU A 60 5.34 3.65 8.55
CA GLU A 60 5.89 4.83 7.91
C GLU A 60 7.42 4.79 7.95
N ILE A 61 8.01 4.59 6.78
CA ILE A 61 9.46 4.52 6.67
C ILE A 61 10.01 5.91 6.36
N ALA A 62 11.15 6.21 6.96
CA ALA A 62 11.79 7.49 6.76
C ALA A 62 13.09 7.30 5.97
N THR A 63 13.32 8.23 5.05
CA THR A 63 14.52 8.18 4.23
C THR A 63 15.77 8.38 5.08
N ASN A 64 16.59 9.34 4.65
CA ASN A 64 17.82 9.64 5.37
C ASN A 64 17.47 10.10 6.78
N PRO A 65 18.49 10.00 7.68
CA PRO A 65 18.31 10.40 9.07
C PRO A 65 18.30 11.93 9.21
N GLU A 66 19.17 12.56 8.44
CA GLU A 66 19.27 14.01 8.46
C GLU A 66 18.05 14.64 7.78
N GLU A 67 17.76 14.15 6.58
CA GLU A 67 16.64 14.65 5.82
C GLU A 67 15.40 14.73 6.70
N ALA A 68 14.54 15.70 6.39
CA ALA A 68 13.32 15.88 7.15
C ALA A 68 12.16 16.11 6.18
N GLY A 69 11.05 15.43 6.45
CA GLY A 69 9.87 15.55 5.62
C GLY A 69 9.91 14.55 4.46
N LYS A 70 9.46 13.34 4.76
CA LYS A 70 9.45 12.28 3.76
C LYS A 70 8.14 11.50 3.87
N PHE A 71 7.56 11.19 2.71
CA PHE A 71 6.32 10.44 2.68
C PHE A 71 6.54 9.04 2.12
N VAL A 72 7.08 8.18 2.97
CA VAL A 72 7.35 6.81 2.58
C VAL A 72 6.71 5.86 3.60
N PHE A 73 6.11 4.79 3.08
CA PHE A 73 5.46 3.82 3.93
C PHE A 73 5.40 2.45 3.24
N GLU A 74 5.74 1.42 4.01
CA GLU A 74 5.73 0.07 3.49
C GLU A 74 4.61 -0.75 4.15
N ILE A 75 4.02 -1.64 3.37
CA ILE A 75 2.95 -2.49 3.87
C ILE A 75 3.48 -3.89 4.13
N ILE A 76 3.24 -4.37 5.34
CA ILE A 76 3.69 -5.69 5.73
C ILE A 76 2.50 -6.64 5.78
N PRO A 77 2.58 -7.72 4.95
CA PRO A 77 1.52 -8.71 4.90
C PRO A 77 1.54 -9.62 6.14
N ALA A 78 0.41 -10.24 6.40
CA ALA A 78 0.28 -11.13 7.54
C ALA A 78 1.25 -12.29 7.37
N SER A 79 1.52 -12.97 8.49
CA SER A 79 2.42 -14.11 8.48
C SER A 79 3.75 -13.71 7.85
N TRP A 80 4.73 -13.47 8.72
CA TRP A 80 6.06 -13.08 8.26
C TRP A 80 7.04 -13.35 9.40
N ASP A 81 7.62 -14.53 9.38
CA ASP A 81 8.58 -14.91 10.41
C ASP A 81 9.24 -16.23 10.01
N GLN A 82 8.41 -17.18 9.62
CA GLN A 82 8.89 -18.49 9.23
C GLN A 82 8.95 -18.60 7.70
N ASN A 83 9.41 -17.51 7.07
CA ASN A 83 9.51 -17.47 5.64
C ASN A 83 10.94 -17.09 5.24
N ARG A 84 11.79 -18.10 5.18
CA ARG A 84 13.18 -17.89 4.84
C ARG A 84 13.40 -18.14 3.33
N MET A 85 12.47 -17.62 2.55
CA MET A 85 12.53 -17.77 1.11
C MET A 85 12.41 -16.42 0.40
N GLY A 86 11.19 -15.91 0.39
CA GLY A 86 10.91 -14.63 -0.25
C GLY A 86 9.59 -14.04 0.24
N GLN A 87 9.70 -12.99 1.04
CA GLN A 87 8.52 -12.33 1.58
C GLN A 87 8.89 -10.98 2.17
N ASP A 88 9.05 -9.99 1.28
CA ASP A 88 9.41 -8.65 1.71
C ASP A 88 8.16 -7.77 1.68
N SER A 89 8.12 -6.84 2.62
CA SER A 89 7.00 -5.92 2.72
C SER A 89 6.82 -5.16 1.40
N TYR A 90 5.77 -4.35 1.36
CA TYR A 90 5.49 -3.56 0.18
C TYR A 90 5.88 -2.10 0.38
N VAL A 91 7.11 -1.80 -0.01
CA VAL A 91 7.63 -0.44 0.13
C VAL A 91 6.95 0.46 -0.90
N LEU A 92 6.00 1.25 -0.43
CA LEU A 92 5.28 2.16 -1.30
C LEU A 92 5.62 3.60 -0.93
N MET A 93 5.67 4.44 -1.95
CA MET A 93 5.99 5.84 -1.74
C MET A 93 5.11 6.74 -2.63
N ALA A 94 4.60 7.80 -2.01
CA ALA A 94 3.75 8.73 -2.72
C ALA A 94 4.53 10.02 -3.00
N SER A 95 4.12 10.71 -4.05
CA SER A 95 4.77 11.95 -4.44
C SER A 95 4.48 13.03 -3.40
N SER A 96 3.20 13.24 -3.16
CA SER A 96 2.77 14.25 -2.20
C SER A 96 2.27 13.57 -0.92
N GLN A 97 2.23 14.35 0.15
CA GLN A 97 1.78 13.84 1.43
C GLN A 97 0.27 13.57 1.39
N ALA A 98 -0.48 14.63 1.08
CA ALA A 98 -1.92 14.52 1.01
C ALA A 98 -2.31 13.21 0.33
N GLU A 99 -1.43 12.76 -0.55
CA GLU A 99 -1.66 11.52 -1.28
C GLU A 99 -1.35 10.32 -0.38
N MET A 100 -0.18 10.38 0.25
CA MET A 100 0.24 9.31 1.14
C MET A 100 -0.69 9.19 2.34
N GLU A 101 -1.16 10.34 2.79
CA GLU A 101 -2.06 10.38 3.94
C GLU A 101 -3.36 9.64 3.62
N GLU A 102 -3.90 9.94 2.44
CA GLU A 102 -5.13 9.32 1.99
C GLU A 102 -4.94 7.81 1.84
N TRP A 103 -4.00 7.45 0.98
CA TRP A 103 -3.71 6.05 0.73
C TRP A 103 -3.62 5.33 2.07
N VAL A 104 -2.65 5.75 2.88
CA VAL A 104 -2.46 5.15 4.19
C VAL A 104 -3.79 5.16 4.95
N LYS A 105 -4.40 6.34 5.02
CA LYS A 105 -5.66 6.47 5.71
C LYS A 105 -6.58 5.32 5.32
N PHE A 106 -6.91 5.28 4.04
CA PHE A 106 -7.77 4.23 3.53
C PHE A 106 -7.21 2.84 3.84
N LEU A 107 -5.97 2.64 3.42
CA LEU A 107 -5.30 1.37 3.64
C LEU A 107 -5.48 0.96 5.10
N ARG A 108 -4.94 1.79 5.99
CA ARG A 108 -5.04 1.53 7.41
C ARG A 108 -6.50 1.36 7.83
N ARG A 109 -7.34 2.25 7.31
CA ARG A 109 -8.76 2.21 7.63
C ARG A 109 -9.30 0.79 7.41
N VAL A 110 -9.39 0.40 6.14
CA VAL A 110 -9.90 -0.91 5.80
C VAL A 110 -9.20 -1.96 6.65
N ALA A 111 -7.88 -1.87 6.70
CA ALA A 111 -7.08 -2.80 7.48
C ALA A 111 -7.66 -2.88 8.91
N GLY A 112 -8.08 -1.73 9.40
CA GLY A 112 -8.65 -1.66 10.74
C GLY A 112 -9.75 -2.70 10.92
N SER A 113 -10.69 -2.69 9.99
CA SER A 113 -11.80 -3.62 10.03
C SER A 113 -11.29 -5.06 9.96
N GLY A 114 -11.59 -5.81 11.00
CA GLY A 114 -11.15 -7.20 11.07
C GLY A 114 -12.07 -8.02 11.97
N PRO A 115 -11.68 -9.31 12.19
CA PRO A 115 -12.46 -10.20 13.02
C PRO A 115 -12.29 -9.86 14.50
N SER A 116 -13.09 -8.90 14.95
CA SER A 116 -13.05 -8.47 16.33
C SER A 116 -14.32 -7.71 16.70
N SER A 117 -15.13 -8.33 17.54
CA SER A 117 -16.38 -7.72 17.96
C SER A 117 -16.11 -6.66 19.02
N GLY A 118 -14.84 -6.49 19.34
CA GLY A 118 -14.42 -5.52 20.33
C GLY A 118 -13.06 -5.86 20.91
N GLY A 1 -20.09 -1.64 1.14
CA GLY A 1 -20.69 -0.32 1.02
C GLY A 1 -20.71 0.12 -0.44
N SER A 2 -21.82 -0.17 -1.11
CA SER A 2 -21.97 0.19 -2.50
C SER A 2 -22.33 1.68 -2.61
N SER A 3 -21.51 2.40 -3.36
CA SER A 3 -21.72 3.82 -3.55
C SER A 3 -21.65 4.16 -5.04
N GLY A 4 -22.81 4.09 -5.69
CA GLY A 4 -22.89 4.39 -7.11
C GLY A 4 -22.92 3.10 -7.93
N SER A 5 -21.72 2.58 -8.20
CA SER A 5 -21.60 1.37 -8.99
C SER A 5 -20.37 0.57 -8.52
N SER A 6 -20.53 -0.74 -8.49
CA SER A 6 -19.45 -1.62 -8.07
C SER A 6 -18.13 -1.14 -8.68
N GLY A 7 -17.27 -0.63 -7.82
CA GLY A 7 -15.98 -0.13 -8.27
C GLY A 7 -14.98 -0.07 -7.10
N PRO A 8 -13.80 0.54 -7.38
CA PRO A 8 -12.77 0.68 -6.37
C PRO A 8 -13.14 1.76 -5.34
N ILE A 9 -12.13 2.19 -4.61
CA ILE A 9 -12.32 3.21 -3.59
C ILE A 9 -11.30 4.33 -3.79
N LYS A 10 -10.03 3.93 -3.74
CA LYS A 10 -8.95 4.88 -3.91
C LYS A 10 -8.00 4.38 -5.01
N MET A 11 -7.76 5.24 -5.98
CA MET A 11 -6.88 4.90 -7.08
C MET A 11 -5.83 6.00 -7.31
N GLY A 12 -4.63 5.56 -7.65
CA GLY A 12 -3.54 6.49 -7.90
C GLY A 12 -2.25 5.74 -8.26
N TRP A 13 -1.29 6.49 -8.77
CA TRP A 13 -0.02 5.92 -9.17
C TRP A 13 0.99 6.19 -8.05
N LEU A 14 1.55 5.11 -7.53
CA LEU A 14 2.53 5.22 -6.46
C LEU A 14 3.83 4.55 -6.89
N LYS A 15 4.92 5.02 -6.33
CA LYS A 15 6.24 4.48 -6.65
C LYS A 15 6.53 3.29 -5.74
N LYS A 16 6.59 2.12 -6.36
CA LYS A 16 6.87 0.90 -5.61
C LYS A 16 8.33 0.50 -5.82
N GLN A 17 8.99 0.21 -4.71
CA GLN A 17 10.39 -0.19 -4.75
C GLN A 17 10.54 -1.54 -5.43
N ARG A 18 11.39 -1.56 -6.46
CA ARG A 18 11.63 -2.78 -7.21
C ARG A 18 12.14 -3.88 -6.27
N SER A 19 12.37 -5.05 -6.86
CA SER A 19 12.86 -6.19 -6.10
C SER A 19 14.04 -5.77 -5.24
N ILE A 20 15.23 -5.90 -5.81
CA ILE A 20 16.44 -5.53 -5.11
C ILE A 20 17.38 -4.78 -6.06
N VAL A 21 16.91 -3.61 -6.50
CA VAL A 21 17.68 -2.80 -7.41
C VAL A 21 17.73 -1.36 -6.87
N LYS A 22 17.24 -1.20 -5.66
CA LYS A 22 17.22 0.10 -5.02
C LYS A 22 16.73 1.15 -6.02
N ASN A 23 15.48 1.00 -6.42
CA ASN A 23 14.87 1.91 -7.38
C ASN A 23 13.39 2.09 -7.05
N TRP A 24 12.78 3.04 -7.73
CA TRP A 24 11.37 3.31 -7.53
C TRP A 24 10.67 3.25 -8.89
N GLN A 25 9.67 2.38 -8.97
CA GLN A 25 8.92 2.22 -10.21
C GLN A 25 7.50 2.75 -10.04
N GLN A 26 7.17 3.73 -10.87
CA GLN A 26 5.85 4.34 -10.82
C GLN A 26 4.79 3.33 -11.27
N ARG A 27 4.13 2.73 -10.27
CA ARG A 27 3.10 1.76 -10.55
C ARG A 27 1.72 2.34 -10.25
N TYR A 28 0.70 1.62 -10.70
CA TYR A 28 -0.67 2.07 -10.49
C TYR A 28 -1.37 1.22 -9.43
N PHE A 29 -1.59 1.83 -8.27
CA PHE A 29 -2.23 1.14 -7.18
C PHE A 29 -3.71 1.53 -7.07
N VAL A 30 -4.54 0.52 -6.86
CA VAL A 30 -5.97 0.74 -6.75
C VAL A 30 -6.50 0.05 -5.49
N LEU A 31 -7.34 0.76 -4.76
CA LEU A 31 -7.93 0.22 -3.54
C LEU A 31 -9.38 -0.19 -3.81
N ARG A 32 -9.60 -1.49 -3.72
CA ARG A 32 -10.94 -2.02 -3.95
C ARG A 32 -11.32 -3.01 -2.83
N ALA A 33 -12.54 -2.85 -2.34
CA ALA A 33 -13.03 -3.71 -1.28
C ALA A 33 -11.97 -3.81 -0.17
N GLN A 34 -11.89 -4.99 0.41
CA GLN A 34 -10.92 -5.23 1.48
C GLN A 34 -9.64 -5.83 0.90
N GLN A 35 -9.36 -5.47 -0.33
CA GLN A 35 -8.17 -5.96 -1.01
C GLN A 35 -7.47 -4.83 -1.74
N LEU A 36 -6.15 -4.87 -1.71
CA LEU A 36 -5.34 -3.84 -2.37
C LEU A 36 -4.71 -4.44 -3.63
N TYR A 37 -4.97 -3.77 -4.75
CA TYR A 37 -4.43 -4.21 -6.02
C TYR A 37 -3.51 -3.16 -6.62
N TYR A 38 -2.69 -3.61 -7.57
CA TYR A 38 -1.75 -2.71 -8.23
C TYR A 38 -1.30 -3.29 -9.58
N TYR A 39 -1.47 -2.48 -10.62
CA TYR A 39 -1.09 -2.89 -11.96
C TYR A 39 0.15 -2.14 -12.43
N LYS A 40 0.94 -2.83 -13.25
CA LYS A 40 2.16 -2.24 -13.78
C LYS A 40 1.80 -1.14 -14.77
N ASP A 41 0.53 -1.10 -15.14
CA ASP A 41 0.06 -0.10 -16.07
C ASP A 41 -1.29 0.45 -15.58
N GLU A 42 -1.91 1.26 -16.44
CA GLU A 42 -3.19 1.85 -16.10
C GLU A 42 -4.31 0.84 -16.29
N GLU A 43 -4.33 0.21 -17.45
CA GLU A 43 -5.34 -0.78 -17.76
C GLU A 43 -5.01 -2.11 -17.07
N ASP A 44 -4.25 -2.93 -17.78
CA ASP A 44 -3.86 -4.23 -17.24
C ASP A 44 -5.04 -4.84 -16.49
N THR A 45 -5.89 -5.53 -17.23
CA THR A 45 -7.05 -6.16 -16.65
C THR A 45 -6.63 -7.08 -15.50
N LYS A 46 -5.73 -7.99 -15.81
CA LYS A 46 -5.24 -8.93 -14.81
C LYS A 46 -4.32 -8.19 -13.83
N PRO A 47 -4.64 -8.35 -12.52
CA PRO A 47 -3.85 -7.70 -11.47
C PRO A 47 -2.52 -8.43 -11.28
N GLN A 48 -1.55 -7.67 -10.77
CA GLN A 48 -0.22 -8.23 -10.53
C GLN A 48 -0.18 -8.94 -9.19
N GLY A 49 -0.57 -8.20 -8.15
CA GLY A 49 -0.57 -8.74 -6.80
C GLY A 49 -1.79 -8.24 -6.02
N CYS A 50 -1.98 -8.82 -4.83
CA CYS A 50 -3.09 -8.44 -3.98
C CYS A 50 -2.62 -8.51 -2.52
N MET A 51 -3.00 -7.49 -1.77
CA MET A 51 -2.63 -7.41 -0.37
C MET A 51 -3.87 -7.23 0.51
N TYR A 52 -4.02 -8.14 1.46
CA TYR A 52 -5.15 -8.10 2.37
C TYR A 52 -4.97 -6.99 3.42
N LEU A 53 -5.74 -5.93 3.25
CA LEU A 53 -5.67 -4.80 4.17
C LEU A 53 -5.94 -5.29 5.60
N PRO A 54 -6.96 -6.18 5.72
CA PRO A 54 -7.32 -6.73 7.01
C PRO A 54 -6.31 -7.78 7.47
N GLY A 55 -5.30 -7.32 8.19
CA GLY A 55 -4.26 -8.20 8.69
C GLY A 55 -2.88 -7.74 8.23
N CYS A 56 -2.87 -6.60 7.55
CA CYS A 56 -1.62 -6.04 7.06
C CYS A 56 -1.09 -5.06 8.11
N THR A 57 0.11 -4.58 7.85
CA THR A 57 0.75 -3.63 8.76
C THR A 57 1.36 -2.47 7.98
N ILE A 58 0.64 -1.36 7.97
CA ILE A 58 1.11 -0.18 7.26
C ILE A 58 2.12 0.57 8.14
N LYS A 59 3.35 0.62 7.65
CA LYS A 59 4.41 1.30 8.38
C LYS A 59 4.99 2.42 7.50
N GLU A 60 5.43 3.48 8.16
CA GLU A 60 6.01 4.61 7.46
C GLU A 60 7.54 4.56 7.54
N ILE A 61 8.14 4.06 6.48
CA ILE A 61 9.59 3.95 6.42
C ILE A 61 10.19 5.35 6.20
N ALA A 62 11.16 5.68 7.03
CA ALA A 62 11.83 6.97 6.94
C ALA A 62 13.28 6.76 6.51
N THR A 63 13.79 7.75 5.80
CA THR A 63 15.16 7.69 5.32
C THR A 63 16.11 8.36 6.33
N ASN A 64 17.26 7.74 6.50
CA ASN A 64 18.26 8.26 7.42
C ASN A 64 17.68 8.26 8.84
N PRO A 65 18.60 8.47 9.83
CA PRO A 65 18.18 8.49 11.23
C PRO A 65 17.46 9.79 11.57
N GLU A 66 17.88 10.85 10.90
CA GLU A 66 17.28 12.16 11.12
C GLU A 66 16.54 12.63 9.86
N GLU A 67 17.33 13.09 8.89
CA GLU A 67 16.76 13.57 7.64
C GLU A 67 15.80 14.73 7.90
N ALA A 68 14.90 14.93 6.95
CA ALA A 68 13.92 16.00 7.06
C ALA A 68 12.55 15.48 6.64
N GLY A 69 12.07 14.49 7.39
CA GLY A 69 10.77 13.90 7.09
C GLY A 69 10.74 13.31 5.68
N LYS A 70 9.84 12.36 5.49
CA LYS A 70 9.69 11.72 4.19
C LYS A 70 8.31 11.05 4.11
N PHE A 71 7.86 10.88 2.89
CA PHE A 71 6.56 10.25 2.67
C PHE A 71 6.72 8.87 2.03
N VAL A 72 7.31 7.97 2.81
CA VAL A 72 7.54 6.61 2.34
C VAL A 72 6.94 5.62 3.35
N PHE A 73 6.09 4.75 2.85
CA PHE A 73 5.44 3.75 3.68
C PHE A 73 5.34 2.40 2.97
N GLU A 74 5.57 1.34 3.72
CA GLU A 74 5.50 0.00 3.17
C GLU A 74 4.35 -0.78 3.81
N ILE A 75 3.81 -1.71 3.04
CA ILE A 75 2.71 -2.53 3.51
C ILE A 75 3.22 -3.95 3.80
N ILE A 76 3.29 -4.27 5.07
CA ILE A 76 3.75 -5.58 5.49
C ILE A 76 2.55 -6.52 5.65
N PRO A 77 2.54 -7.58 4.81
CA PRO A 77 1.46 -8.57 4.84
C PRO A 77 1.59 -9.48 6.06
N ALA A 78 0.45 -10.00 6.48
CA ALA A 78 0.43 -10.89 7.64
C ALA A 78 1.64 -11.82 7.58
N SER A 79 1.70 -12.59 6.50
CA SER A 79 2.80 -13.53 6.31
C SER A 79 4.03 -12.79 5.79
N TRP A 80 5.19 -13.32 6.14
CA TRP A 80 6.45 -12.73 5.71
C TRP A 80 7.57 -13.72 6.02
N ASP A 81 7.35 -14.96 5.63
CA ASP A 81 8.34 -16.01 5.86
C ASP A 81 8.11 -17.14 4.85
N GLN A 82 6.90 -17.67 4.86
CA GLN A 82 6.55 -18.75 3.96
C GLN A 82 6.71 -18.30 2.50
N ASN A 83 6.46 -19.23 1.59
CA ASN A 83 6.57 -18.95 0.17
C ASN A 83 8.01 -18.61 -0.16
N ARG A 84 8.24 -18.29 -1.43
CA ARG A 84 9.57 -17.95 -1.90
C ARG A 84 9.77 -16.44 -1.87
N MET A 85 9.10 -15.79 -0.93
CA MET A 85 9.19 -14.35 -0.80
C MET A 85 9.02 -13.92 0.66
N GLY A 86 9.92 -14.42 1.50
CA GLY A 86 9.88 -14.10 2.92
C GLY A 86 10.39 -12.68 3.17
N GLN A 87 9.95 -12.12 4.28
CA GLN A 87 10.35 -10.77 4.66
C GLN A 87 10.40 -9.88 3.41
N ASP A 88 9.23 -9.71 2.79
CA ASP A 88 9.14 -8.88 1.60
C ASP A 88 7.81 -8.11 1.63
N SER A 89 7.89 -6.87 2.08
CA SER A 89 6.72 -6.02 2.16
C SER A 89 6.59 -5.19 0.88
N TYR A 90 5.54 -4.37 0.86
CA TYR A 90 5.29 -3.51 -0.29
C TYR A 90 5.75 -2.09 -0.02
N VAL A 91 7.00 -1.82 -0.38
CA VAL A 91 7.57 -0.50 -0.18
C VAL A 91 6.97 0.47 -1.20
N LEU A 92 6.02 1.26 -0.72
CA LEU A 92 5.36 2.24 -1.56
C LEU A 92 5.76 3.65 -1.13
N MET A 93 5.85 4.54 -2.11
CA MET A 93 6.21 5.92 -1.85
C MET A 93 5.39 6.88 -2.70
N ALA A 94 4.87 7.90 -2.04
CA ALA A 94 4.06 8.90 -2.72
C ALA A 94 4.92 10.13 -3.02
N SER A 95 4.29 11.12 -3.63
CA SER A 95 4.98 12.36 -3.97
C SER A 95 4.77 13.39 -2.86
N SER A 96 3.52 13.53 -2.45
CA SER A 96 3.18 14.47 -1.40
C SER A 96 2.64 13.74 -0.18
N GLN A 97 2.43 14.49 0.88
CA GLN A 97 1.91 13.91 2.11
C GLN A 97 0.40 13.67 1.99
N ALA A 98 -0.29 14.67 1.45
CA ALA A 98 -1.73 14.57 1.27
C ALA A 98 -2.06 13.27 0.53
N GLU A 99 -1.11 12.84 -0.29
CA GLU A 99 -1.30 11.61 -1.05
C GLU A 99 -1.12 10.38 -0.15
N MET A 100 0.05 10.30 0.47
CA MET A 100 0.35 9.20 1.35
C MET A 100 -0.66 9.10 2.48
N GLU A 101 -1.09 10.27 2.95
CA GLU A 101 -2.07 10.33 4.03
C GLU A 101 -3.38 9.69 3.59
N GLU A 102 -3.76 9.96 2.35
CA GLU A 102 -4.99 9.41 1.81
C GLU A 102 -4.88 7.90 1.66
N TRP A 103 -3.94 7.48 0.83
CA TRP A 103 -3.72 6.06 0.60
C TRP A 103 -3.69 5.36 1.96
N VAL A 104 -2.76 5.78 2.78
CA VAL A 104 -2.61 5.21 4.11
C VAL A 104 -3.97 5.23 4.82
N LYS A 105 -4.59 6.40 4.82
CA LYS A 105 -5.87 6.57 5.46
C LYS A 105 -6.80 5.42 5.04
N PHE A 106 -7.04 5.34 3.74
CA PHE A 106 -7.90 4.30 3.20
C PHE A 106 -7.33 2.92 3.51
N LEU A 107 -6.04 2.77 3.24
CA LEU A 107 -5.37 1.51 3.47
C LEU A 107 -5.61 1.07 4.92
N ARG A 108 -5.06 1.84 5.83
CA ARG A 108 -5.21 1.55 7.26
C ARG A 108 -6.68 1.45 7.62
N ARG A 109 -7.43 2.48 7.24
CA ARG A 109 -8.86 2.53 7.53
C ARG A 109 -9.47 1.15 7.36
N VAL A 110 -9.35 0.61 6.15
CA VAL A 110 -9.88 -0.69 5.85
C VAL A 110 -9.19 -1.75 6.72
N ALA A 111 -7.87 -1.61 6.82
CA ALA A 111 -7.09 -2.54 7.62
C ALA A 111 -7.67 -2.61 9.04
N GLY A 112 -8.21 -1.48 9.48
CA GLY A 112 -8.80 -1.40 10.80
C GLY A 112 -10.28 -1.02 10.72
N SER A 113 -11.02 -1.80 9.94
CA SER A 113 -12.45 -1.55 9.76
C SER A 113 -13.25 -2.61 10.52
N GLY A 114 -14.50 -2.27 10.79
CA GLY A 114 -15.39 -3.17 11.51
C GLY A 114 -15.42 -4.55 10.83
N PRO A 115 -16.09 -5.51 11.53
CA PRO A 115 -16.21 -6.86 11.02
C PRO A 115 -17.21 -6.94 9.88
N SER A 116 -17.08 -7.99 9.08
CA SER A 116 -17.97 -8.19 7.95
C SER A 116 -17.78 -9.59 7.37
N SER A 117 -18.87 -10.16 6.88
CA SER A 117 -18.82 -11.49 6.29
C SER A 117 -20.11 -11.75 5.50
N GLY A 118 -20.08 -11.36 4.23
CA GLY A 118 -21.22 -11.55 3.36
C GLY A 118 -21.12 -12.87 2.60
N GLY A 1 -19.63 0.10 8.39
CA GLY A 1 -20.83 0.56 7.71
C GLY A 1 -20.56 0.85 6.23
N SER A 2 -20.82 -0.16 5.41
CA SER A 2 -20.61 -0.04 3.98
C SER A 2 -21.18 -1.26 3.26
N SER A 3 -21.47 -1.06 1.98
CA SER A 3 -22.01 -2.13 1.17
C SER A 3 -22.22 -1.65 -0.28
N GLY A 4 -21.98 -2.55 -1.21
CA GLY A 4 -22.14 -2.24 -2.62
C GLY A 4 -20.86 -1.63 -3.18
N SER A 5 -20.94 -0.36 -3.52
CA SER A 5 -19.80 0.36 -4.07
C SER A 5 -19.21 -0.44 -5.24
N SER A 6 -19.57 -0.01 -6.44
CA SER A 6 -19.09 -0.67 -7.64
C SER A 6 -17.76 -0.05 -8.09
N GLY A 7 -16.68 -0.77 -7.82
CA GLY A 7 -15.36 -0.30 -8.18
C GLY A 7 -14.48 -0.11 -6.93
N PRO A 8 -13.29 0.49 -7.16
CA PRO A 8 -12.35 0.73 -6.07
C PRO A 8 -12.83 1.90 -5.20
N ILE A 9 -11.98 2.26 -4.25
CA ILE A 9 -12.28 3.35 -3.35
C ILE A 9 -11.24 4.46 -3.51
N LYS A 10 -10.00 4.04 -3.66
CA LYS A 10 -8.90 4.98 -3.83
C LYS A 10 -7.94 4.45 -4.90
N MET A 11 -7.57 5.34 -5.81
CA MET A 11 -6.66 4.97 -6.88
C MET A 11 -5.62 6.08 -7.12
N GLY A 12 -4.45 5.66 -7.58
CA GLY A 12 -3.38 6.61 -7.86
C GLY A 12 -2.09 5.87 -8.21
N TRP A 13 -1.17 6.61 -8.81
CA TRP A 13 0.11 6.04 -9.21
C TRP A 13 1.07 6.17 -8.02
N LEU A 14 1.56 5.02 -7.57
CA LEU A 14 2.48 4.99 -6.45
C LEU A 14 3.80 4.37 -6.90
N LYS A 15 4.88 4.79 -6.25
CA LYS A 15 6.20 4.28 -6.58
C LYS A 15 6.50 3.07 -5.69
N LYS A 16 6.33 1.89 -6.28
CA LYS A 16 6.58 0.65 -5.56
C LYS A 16 8.04 0.23 -5.77
N GLN A 17 8.73 -0.01 -4.66
CA GLN A 17 10.12 -0.42 -4.72
C GLN A 17 10.26 -1.71 -5.53
N ARG A 18 11.09 -1.62 -6.57
CA ARG A 18 11.31 -2.77 -7.42
C ARG A 18 11.78 -3.97 -6.60
N SER A 19 11.71 -5.14 -7.21
CA SER A 19 12.10 -6.37 -6.54
C SER A 19 13.37 -6.12 -5.71
N ILE A 20 14.51 -6.28 -6.36
CA ILE A 20 15.79 -6.08 -5.69
C ILE A 20 16.73 -5.30 -6.62
N VAL A 21 16.27 -4.12 -7.01
CA VAL A 21 17.05 -3.27 -7.90
C VAL A 21 17.22 -1.90 -7.26
N LYS A 22 16.82 -1.81 -6.01
CA LYS A 22 16.92 -0.57 -5.26
C LYS A 22 16.48 0.59 -6.16
N ASN A 23 15.25 0.50 -6.62
CA ASN A 23 14.69 1.53 -7.49
C ASN A 23 13.21 1.71 -7.16
N TRP A 24 12.64 2.76 -7.75
CA TRP A 24 11.23 3.06 -7.52
C TRP A 24 10.51 2.93 -8.87
N GLN A 25 9.50 2.08 -8.88
CA GLN A 25 8.72 1.84 -10.09
C GLN A 25 7.33 2.48 -9.95
N GLN A 26 7.10 3.51 -10.76
CA GLN A 26 5.83 4.21 -10.73
C GLN A 26 4.74 3.34 -11.35
N ARG A 27 3.99 2.68 -10.46
CA ARG A 27 2.90 1.81 -10.91
C ARG A 27 1.55 2.39 -10.48
N TYR A 28 0.50 1.83 -11.05
CA TYR A 28 -0.85 2.27 -10.74
C TYR A 28 -1.49 1.38 -9.68
N PHE A 29 -1.78 1.98 -8.53
CA PHE A 29 -2.40 1.24 -7.45
C PHE A 29 -3.89 1.58 -7.33
N VAL A 30 -4.68 0.54 -7.15
CA VAL A 30 -6.12 0.70 -7.02
C VAL A 30 -6.61 -0.03 -5.77
N LEU A 31 -7.47 0.64 -5.03
CA LEU A 31 -8.02 0.08 -3.81
C LEU A 31 -9.43 -0.45 -4.09
N ARG A 32 -9.54 -1.78 -4.09
CA ARG A 32 -10.83 -2.41 -4.34
C ARG A 32 -11.20 -3.32 -3.17
N ALA A 33 -12.30 -2.95 -2.52
CA ALA A 33 -12.78 -3.72 -1.38
C ALA A 33 -11.69 -3.77 -0.31
N GLN A 34 -11.63 -4.92 0.36
CA GLN A 34 -10.63 -5.10 1.40
C GLN A 34 -9.37 -5.72 0.83
N GLN A 35 -8.89 -5.13 -0.25
CA GLN A 35 -7.69 -5.61 -0.92
C GLN A 35 -7.03 -4.49 -1.71
N LEU A 36 -5.71 -4.53 -1.75
CA LEU A 36 -4.95 -3.52 -2.47
C LEU A 36 -4.37 -4.14 -3.74
N TYR A 37 -4.68 -3.52 -4.87
CA TYR A 37 -4.19 -4.00 -6.15
C TYR A 37 -3.24 -2.98 -6.80
N TYR A 38 -2.51 -3.45 -7.79
CA TYR A 38 -1.57 -2.60 -8.49
C TYR A 38 -1.24 -3.17 -9.87
N TYR A 39 -1.41 -2.34 -10.88
CA TYR A 39 -1.14 -2.74 -12.25
C TYR A 39 -0.03 -1.88 -12.87
N LYS A 40 0.63 -2.45 -13.87
CA LYS A 40 1.71 -1.76 -14.54
C LYS A 40 1.20 -0.43 -15.09
N ASP A 41 -0.04 -0.45 -15.56
CA ASP A 41 -0.66 0.75 -16.09
C ASP A 41 -2.17 0.67 -15.89
N GLU A 42 -2.86 1.69 -16.39
CA GLU A 42 -4.30 1.76 -16.26
C GLU A 42 -4.97 1.34 -17.58
N GLU A 43 -4.48 0.24 -18.13
CA GLU A 43 -5.02 -0.29 -19.37
C GLU A 43 -5.45 -1.74 -19.20
N ASP A 44 -4.56 -2.53 -18.61
CA ASP A 44 -4.84 -3.93 -18.39
C ASP A 44 -6.00 -4.07 -17.40
N THR A 45 -6.56 -5.26 -17.35
CA THR A 45 -7.68 -5.54 -16.46
C THR A 45 -7.25 -6.50 -15.35
N LYS A 46 -6.37 -7.42 -15.72
CA LYS A 46 -5.87 -8.41 -14.78
C LYS A 46 -4.84 -7.76 -13.86
N PRO A 47 -5.07 -7.94 -12.53
CA PRO A 47 -4.17 -7.38 -11.54
C PRO A 47 -2.87 -8.17 -11.46
N GLN A 48 -1.87 -7.55 -10.85
CA GLN A 48 -0.58 -8.19 -10.71
C GLN A 48 -0.46 -8.85 -9.33
N GLY A 49 -0.70 -8.05 -8.30
CA GLY A 49 -0.63 -8.54 -6.94
C GLY A 49 -1.78 -7.99 -6.10
N CYS A 50 -2.05 -8.66 -4.98
CA CYS A 50 -3.11 -8.25 -4.09
C CYS A 50 -2.60 -8.35 -2.66
N MET A 51 -2.87 -7.30 -1.90
CA MET A 51 -2.44 -7.24 -0.51
C MET A 51 -3.64 -7.12 0.44
N TYR A 52 -3.72 -8.06 1.37
CA TYR A 52 -4.80 -8.08 2.32
C TYR A 52 -4.72 -6.87 3.26
N LEU A 53 -5.63 -5.94 3.06
CA LEU A 53 -5.68 -4.74 3.88
C LEU A 53 -5.97 -5.12 5.33
N PRO A 54 -6.95 -6.06 5.49
CA PRO A 54 -7.33 -6.52 6.81
C PRO A 54 -6.27 -7.47 7.39
N GLY A 55 -5.29 -6.87 8.06
CA GLY A 55 -4.22 -7.66 8.66
C GLY A 55 -2.86 -7.07 8.30
N CYS A 56 -2.84 -6.33 7.20
CA CYS A 56 -1.61 -5.71 6.73
C CYS A 56 -1.18 -4.64 7.75
N THR A 57 0.10 -4.35 7.74
CA THR A 57 0.65 -3.35 8.66
C THR A 57 1.27 -2.19 7.88
N ILE A 58 0.68 -1.02 8.05
CA ILE A 58 1.17 0.16 7.37
C ILE A 58 2.20 0.86 8.24
N LYS A 59 3.46 0.74 7.84
CA LYS A 59 4.55 1.36 8.59
C LYS A 59 5.14 2.51 7.76
N GLU A 60 5.28 3.65 8.41
CA GLU A 60 5.83 4.82 7.76
C GLU A 60 7.36 4.80 7.84
N ILE A 61 7.97 4.60 6.68
CA ILE A 61 9.43 4.57 6.61
C ILE A 61 9.97 5.99 6.67
N ALA A 62 10.77 6.24 7.71
CA ALA A 62 11.36 7.56 7.89
C ALA A 62 12.78 7.56 7.33
N THR A 63 13.24 8.74 6.94
CA THR A 63 14.58 8.89 6.39
C THR A 63 15.59 9.18 7.51
N ASN A 64 16.85 9.27 7.12
CA ASN A 64 17.91 9.54 8.07
C ASN A 64 17.43 10.59 9.07
N PRO A 65 18.12 10.63 10.24
CA PRO A 65 17.78 11.57 11.28
C PRO A 65 18.25 12.99 10.93
N GLU A 66 19.40 13.03 10.25
CA GLU A 66 19.97 14.31 9.84
C GLU A 66 19.61 14.60 8.39
N GLU A 67 18.44 14.12 7.98
CA GLU A 67 17.98 14.33 6.63
C GLU A 67 16.65 15.10 6.63
N ALA A 68 16.18 15.41 5.43
CA ALA A 68 14.93 16.14 5.28
C ALA A 68 13.75 15.17 5.41
N GLY A 69 12.55 15.74 5.44
CA GLY A 69 11.35 14.94 5.55
C GLY A 69 11.03 14.25 4.23
N LYS A 70 10.47 13.05 4.35
CA LYS A 70 10.10 12.28 3.17
C LYS A 70 8.82 11.49 3.46
N PHE A 71 8.14 11.13 2.39
CA PHE A 71 6.90 10.38 2.51
C PHE A 71 7.05 8.96 1.92
N VAL A 72 7.45 8.05 2.79
CA VAL A 72 7.64 6.66 2.37
C VAL A 72 6.99 5.74 3.40
N PHE A 73 6.19 4.82 2.90
CA PHE A 73 5.51 3.86 3.76
C PHE A 73 5.43 2.48 3.09
N GLU A 74 5.76 1.47 3.88
CA GLU A 74 5.73 0.10 3.39
C GLU A 74 4.61 -0.68 4.07
N ILE A 75 4.03 -1.60 3.31
CA ILE A 75 2.95 -2.42 3.81
C ILE A 75 3.46 -3.84 4.06
N ILE A 76 3.09 -4.38 5.21
CA ILE A 76 3.51 -5.73 5.59
C ILE A 76 2.28 -6.63 5.66
N PRO A 77 2.39 -7.80 4.97
CA PRO A 77 1.30 -8.76 4.95
C PRO A 77 1.20 -9.51 6.29
N ALA A 78 0.21 -9.12 7.08
CA ALA A 78 0.01 -9.75 8.37
C ALA A 78 1.36 -10.03 9.02
N SER A 79 2.14 -8.97 9.21
CA SER A 79 3.45 -9.09 9.81
C SER A 79 4.13 -10.37 9.33
N TRP A 80 4.84 -10.25 8.22
CA TRP A 80 5.54 -11.39 7.65
C TRP A 80 6.54 -11.90 8.69
N ASP A 81 7.07 -13.08 8.43
CA ASP A 81 8.04 -13.69 9.33
C ASP A 81 8.99 -12.62 9.85
N GLN A 82 8.71 -12.16 11.06
CA GLN A 82 9.52 -11.14 11.69
C GLN A 82 10.60 -11.78 12.58
N ASN A 83 11.82 -11.74 12.09
CA ASN A 83 12.94 -12.31 12.82
C ASN A 83 14.20 -12.27 11.95
N ARG A 84 14.16 -13.04 10.88
CA ARG A 84 15.28 -13.11 9.95
C ARG A 84 14.93 -13.97 8.75
N MET A 85 13.67 -13.91 8.35
CA MET A 85 13.19 -14.68 7.22
C MET A 85 12.04 -13.96 6.51
N GLY A 86 12.39 -13.24 5.46
CA GLY A 86 11.39 -12.50 4.70
C GLY A 86 11.26 -11.07 5.22
N GLN A 87 11.90 -10.15 4.52
CA GLN A 87 11.85 -8.75 4.89
C GLN A 87 11.85 -7.86 3.64
N ASP A 88 10.77 -7.95 2.89
CA ASP A 88 10.64 -7.17 1.68
C ASP A 88 9.46 -6.19 1.83
N SER A 89 8.32 -6.76 2.20
CA SER A 89 7.12 -5.96 2.38
C SER A 89 6.86 -5.11 1.13
N TYR A 90 5.73 -4.43 1.15
CA TYR A 90 5.35 -3.57 0.03
C TYR A 90 5.79 -2.13 0.28
N VAL A 91 6.99 -1.82 -0.18
CA VAL A 91 7.53 -0.48 -0.02
C VAL A 91 6.90 0.46 -1.06
N LEU A 92 5.94 1.24 -0.59
CA LEU A 92 5.25 2.17 -1.46
C LEU A 92 5.63 3.60 -1.08
N MET A 93 5.90 4.40 -2.10
CA MET A 93 6.28 5.79 -1.88
C MET A 93 5.35 6.74 -2.66
N ALA A 94 4.89 7.76 -1.95
CA ALA A 94 4.00 8.74 -2.55
C ALA A 94 4.81 10.00 -2.89
N SER A 95 4.27 10.76 -3.83
CA SER A 95 4.91 11.99 -4.26
C SER A 95 4.70 13.09 -3.20
N SER A 96 3.45 13.25 -2.80
CA SER A 96 3.11 14.25 -1.82
C SER A 96 2.66 13.58 -0.52
N GLN A 97 2.44 14.40 0.49
CA GLN A 97 2.00 13.89 1.79
C GLN A 97 0.50 13.62 1.79
N ALA A 98 -0.24 14.61 1.30
CA ALA A 98 -1.69 14.49 1.23
C ALA A 98 -2.06 13.20 0.49
N GLU A 99 -1.13 12.74 -0.32
CA GLU A 99 -1.35 11.52 -1.08
C GLU A 99 -1.13 10.29 -0.20
N MET A 100 0.05 10.25 0.41
CA MET A 100 0.39 9.14 1.29
C MET A 100 -0.61 9.01 2.44
N GLU A 101 -1.11 10.16 2.88
CA GLU A 101 -2.07 10.19 3.97
C GLU A 101 -3.39 9.57 3.52
N GLU A 102 -3.85 10.01 2.35
CA GLU A 102 -5.10 9.50 1.80
C GLU A 102 -5.05 7.97 1.69
N TRP A 103 -4.09 7.51 0.90
CA TRP A 103 -3.92 6.08 0.69
C TRP A 103 -3.89 5.41 2.06
N VAL A 104 -2.93 5.83 2.88
CA VAL A 104 -2.79 5.27 4.20
C VAL A 104 -4.15 5.26 4.90
N LYS A 105 -4.76 6.43 4.97
CA LYS A 105 -6.06 6.57 5.61
C LYS A 105 -6.93 5.37 5.23
N PHE A 106 -7.12 5.21 3.92
CA PHE A 106 -7.93 4.11 3.42
C PHE A 106 -7.31 2.76 3.78
N LEU A 107 -6.06 2.59 3.38
CA LEU A 107 -5.35 1.36 3.65
C LEU A 107 -5.54 0.98 5.12
N ARG A 108 -4.97 1.79 6.00
CA ARG A 108 -5.08 1.55 7.42
C ARG A 108 -6.55 1.40 7.82
N ARG A 109 -7.36 2.35 7.38
CA ARG A 109 -8.77 2.33 7.69
C ARG A 109 -9.36 0.94 7.45
N VAL A 110 -9.26 0.50 6.21
CA VAL A 110 -9.77 -0.81 5.84
C VAL A 110 -9.12 -1.88 6.74
N ALA A 111 -7.80 -1.82 6.81
CA ALA A 111 -7.07 -2.77 7.63
C ALA A 111 -7.68 -2.82 9.03
N GLY A 112 -8.22 -1.69 9.44
CA GLY A 112 -8.86 -1.59 10.74
C GLY A 112 -8.71 -0.18 11.32
N SER A 113 -7.51 0.12 11.79
CA SER A 113 -7.22 1.42 12.36
C SER A 113 -7.72 1.47 13.81
N GLY A 114 -6.80 1.26 14.72
CA GLY A 114 -7.13 1.28 16.14
C GLY A 114 -7.92 2.53 16.50
N PRO A 115 -8.28 2.64 17.81
CA PRO A 115 -9.04 3.78 18.30
C PRO A 115 -8.14 5.02 18.40
N SER A 116 -8.61 6.10 17.80
CA SER A 116 -7.87 7.35 17.83
C SER A 116 -8.38 8.23 18.97
N SER A 117 -7.42 8.73 19.74
CA SER A 117 -7.75 9.59 20.87
C SER A 117 -8.97 9.02 21.62
N GLY A 118 -8.68 8.17 22.58
CA GLY A 118 -9.74 7.55 23.38
C GLY A 118 -10.61 6.64 22.51
N GLY A 1 -18.18 -4.37 5.93
CA GLY A 1 -17.35 -3.71 4.94
C GLY A 1 -17.93 -3.89 3.54
N SER A 2 -17.45 -3.05 2.62
CA SER A 2 -17.91 -3.09 1.25
C SER A 2 -16.91 -3.86 0.39
N SER A 3 -17.43 -4.77 -0.43
CA SER A 3 -16.60 -5.57 -1.31
C SER A 3 -16.91 -5.24 -2.77
N GLY A 4 -16.16 -4.29 -3.30
CA GLY A 4 -16.34 -3.87 -4.68
C GLY A 4 -17.82 -3.70 -5.02
N SER A 5 -18.33 -2.50 -4.75
CA SER A 5 -19.73 -2.20 -5.01
C SER A 5 -19.86 -1.54 -6.38
N SER A 6 -19.24 -0.37 -6.50
CA SER A 6 -19.29 0.37 -7.75
C SER A 6 -17.92 0.98 -8.06
N GLY A 7 -17.09 0.18 -8.71
CA GLY A 7 -15.75 0.64 -9.06
C GLY A 7 -14.81 0.56 -7.86
N PRO A 8 -13.59 1.13 -8.04
CA PRO A 8 -12.60 1.14 -6.98
C PRO A 8 -12.96 2.16 -5.89
N ILE A 9 -12.02 2.38 -4.99
CA ILE A 9 -12.22 3.33 -3.92
C ILE A 9 -11.16 4.43 -4.00
N LYS A 10 -9.91 4.01 -3.94
CA LYS A 10 -8.80 4.95 -4.01
C LYS A 10 -7.80 4.47 -5.06
N MET A 11 -7.64 5.30 -6.09
CA MET A 11 -6.73 4.97 -7.17
C MET A 11 -5.65 6.05 -7.31
N GLY A 12 -4.48 5.61 -7.75
CA GLY A 12 -3.36 6.53 -7.94
C GLY A 12 -2.09 5.76 -8.31
N TRP A 13 -1.15 6.49 -8.90
CA TRP A 13 0.11 5.89 -9.31
C TRP A 13 1.12 6.09 -8.17
N LEU A 14 1.39 5.01 -7.46
CA LEU A 14 2.33 5.06 -6.35
C LEU A 14 3.64 4.37 -6.76
N LYS A 15 4.72 4.87 -6.21
CA LYS A 15 6.03 4.32 -6.51
C LYS A 15 6.29 3.11 -5.61
N LYS A 16 6.46 1.96 -6.26
CA LYS A 16 6.71 0.72 -5.54
C LYS A 16 8.16 0.28 -5.77
N GLN A 17 8.84 0.00 -4.68
CA GLN A 17 10.24 -0.42 -4.75
C GLN A 17 10.31 -1.88 -5.19
N ARG A 18 10.58 -2.07 -6.48
CA ARG A 18 10.68 -3.41 -7.03
C ARG A 18 11.42 -4.33 -6.07
N SER A 19 10.97 -5.59 -6.04
CA SER A 19 11.58 -6.57 -5.16
C SER A 19 13.10 -6.59 -5.36
N ILE A 20 13.80 -6.74 -4.25
CA ILE A 20 15.26 -6.77 -4.28
C ILE A 20 15.76 -5.74 -5.29
N VAL A 21 15.39 -4.49 -5.04
CA VAL A 21 15.81 -3.40 -5.92
C VAL A 21 15.73 -2.08 -5.14
N LYS A 22 16.71 -1.23 -5.42
CA LYS A 22 16.78 0.06 -4.75
C LYS A 22 16.25 1.15 -5.70
N ASN A 23 15.18 0.80 -6.40
CA ASN A 23 14.57 1.72 -7.34
C ASN A 23 13.11 1.95 -6.96
N TRP A 24 12.48 2.88 -7.66
CA TRP A 24 11.09 3.20 -7.41
C TRP A 24 10.34 3.16 -8.75
N GLN A 25 9.47 2.17 -8.87
CA GLN A 25 8.68 2.01 -10.09
C GLN A 25 7.27 2.54 -9.88
N GLN A 26 6.93 3.55 -10.66
CA GLN A 26 5.60 4.16 -10.57
C GLN A 26 4.54 3.18 -11.08
N ARG A 27 3.87 2.54 -10.13
CA ARG A 27 2.83 1.59 -10.47
C ARG A 27 1.45 2.16 -10.13
N TYR A 28 0.46 1.74 -10.92
CA TYR A 28 -0.90 2.20 -10.71
C TYR A 28 -1.60 1.37 -9.64
N PHE A 29 -1.62 1.91 -8.43
CA PHE A 29 -2.26 1.23 -7.32
C PHE A 29 -3.75 1.59 -7.23
N VAL A 30 -4.56 0.59 -6.95
CA VAL A 30 -5.99 0.79 -6.83
C VAL A 30 -6.50 0.10 -5.56
N LEU A 31 -7.24 0.87 -4.77
CA LEU A 31 -7.79 0.35 -3.53
C LEU A 31 -9.24 -0.10 -3.77
N ARG A 32 -9.41 -1.42 -3.85
CA ARG A 32 -10.72 -1.99 -4.07
C ARG A 32 -11.07 -2.97 -2.95
N ALA A 33 -12.34 -2.98 -2.58
CA ALA A 33 -12.81 -3.87 -1.53
C ALA A 33 -11.78 -3.91 -0.41
N GLN A 34 -11.65 -5.09 0.19
CA GLN A 34 -10.70 -5.28 1.27
C GLN A 34 -9.39 -5.88 0.74
N GLN A 35 -8.87 -5.26 -0.32
CA GLN A 35 -7.64 -5.72 -0.92
C GLN A 35 -6.99 -4.59 -1.72
N LEU A 36 -5.67 -4.55 -1.65
CA LEU A 36 -4.91 -3.53 -2.36
C LEU A 36 -4.30 -4.13 -3.62
N TYR A 37 -4.63 -3.53 -4.75
CA TYR A 37 -4.13 -4.00 -6.03
C TYR A 37 -3.26 -2.94 -6.71
N TYR A 38 -2.51 -3.37 -7.71
CA TYR A 38 -1.65 -2.46 -8.44
C TYR A 38 -1.29 -3.04 -9.81
N TYR A 39 -1.53 -2.22 -10.84
CA TYR A 39 -1.24 -2.64 -12.20
C TYR A 39 -0.07 -1.85 -12.78
N LYS A 40 0.53 -2.40 -13.82
CA LYS A 40 1.65 -1.76 -14.47
C LYS A 40 1.14 -0.86 -15.61
N ASP A 41 -0.13 -0.49 -15.49
CA ASP A 41 -0.75 0.36 -16.50
C ASP A 41 -2.25 0.43 -16.24
N GLU A 42 -2.90 1.30 -16.99
CA GLU A 42 -4.34 1.48 -16.86
C GLU A 42 -5.08 0.74 -17.99
N GLU A 43 -4.35 -0.17 -18.62
CA GLU A 43 -4.92 -0.95 -19.71
C GLU A 43 -4.78 -2.44 -19.42
N ASP A 44 -4.48 -2.75 -18.18
CA ASP A 44 -4.33 -4.13 -17.75
C ASP A 44 -5.69 -4.68 -17.32
N THR A 45 -5.79 -6.00 -17.34
CA THR A 45 -7.02 -6.67 -16.96
C THR A 45 -6.77 -7.67 -15.83
N LYS A 46 -5.66 -7.45 -15.13
CA LYS A 46 -5.29 -8.32 -14.04
C LYS A 46 -4.31 -7.58 -13.12
N PRO A 47 -4.56 -7.72 -11.78
CA PRO A 47 -3.72 -7.07 -10.79
C PRO A 47 -2.39 -7.81 -10.65
N GLN A 48 -1.31 -7.04 -10.68
CA GLN A 48 0.03 -7.60 -10.56
C GLN A 48 0.20 -8.22 -9.17
N GLY A 49 -0.42 -7.60 -8.19
CA GLY A 49 -0.33 -8.07 -6.82
C GLY A 49 -1.62 -7.75 -6.04
N CYS A 50 -1.77 -8.40 -4.90
CA CYS A 50 -2.93 -8.19 -4.07
C CYS A 50 -2.51 -8.38 -2.60
N MET A 51 -2.75 -7.34 -1.81
CA MET A 51 -2.40 -7.37 -0.41
C MET A 51 -3.65 -7.28 0.47
N TYR A 52 -3.79 -8.26 1.35
CA TYR A 52 -4.94 -8.30 2.25
C TYR A 52 -4.87 -7.17 3.28
N LEU A 53 -5.75 -6.20 3.09
CA LEU A 53 -5.80 -5.05 3.98
C LEU A 53 -6.15 -5.53 5.39
N PRO A 54 -7.12 -6.47 5.45
CA PRO A 54 -7.57 -7.02 6.73
C PRO A 54 -6.54 -8.01 7.28
N GLY A 55 -5.30 -7.53 7.40
CA GLY A 55 -4.23 -8.36 7.91
C GLY A 55 -2.87 -7.88 7.38
N CYS A 56 -2.69 -6.57 7.42
CA CYS A 56 -1.45 -5.97 6.96
C CYS A 56 -1.01 -4.93 7.99
N THR A 57 0.20 -4.41 7.78
CA THR A 57 0.75 -3.42 8.67
C THR A 57 1.37 -2.26 7.87
N ILE A 58 0.73 -1.10 7.99
CA ILE A 58 1.20 0.08 7.29
C ILE A 58 2.22 0.82 8.17
N LYS A 59 3.48 0.76 7.72
CA LYS A 59 4.55 1.42 8.45
C LYS A 59 5.17 2.50 7.57
N GLU A 60 5.57 3.59 8.22
CA GLU A 60 6.18 4.69 7.51
C GLU A 60 7.70 4.55 7.50
N ILE A 61 8.22 4.12 6.37
CA ILE A 61 9.65 3.93 6.22
C ILE A 61 10.33 5.29 6.06
N ALA A 62 11.11 5.65 7.05
CA ALA A 62 11.82 6.92 7.03
C ALA A 62 13.33 6.66 7.08
N THR A 63 14.08 7.61 6.53
CA THR A 63 15.53 7.50 6.51
C THR A 63 16.15 8.44 7.54
N ASN A 64 17.28 8.01 8.08
CA ASN A 64 17.98 8.81 9.08
C ASN A 64 17.03 9.11 10.24
N PRO A 65 17.64 9.61 11.36
CA PRO A 65 16.86 9.94 12.54
C PRO A 65 16.08 11.25 12.33
N GLU A 66 16.22 11.80 11.14
CA GLU A 66 15.55 13.05 10.80
C GLU A 66 15.27 13.11 9.30
N GLU A 67 16.32 13.36 8.55
CA GLU A 67 16.20 13.45 7.10
C GLU A 67 14.91 14.19 6.71
N ALA A 68 14.72 15.34 7.34
CA ALA A 68 13.54 16.15 7.07
C ALA A 68 12.30 15.27 7.17
N GLY A 69 11.25 15.71 6.49
CA GLY A 69 9.99 14.97 6.49
C GLY A 69 9.73 14.34 5.12
N LYS A 70 9.91 13.02 5.07
CA LYS A 70 9.70 12.29 3.84
C LYS A 70 8.35 11.57 3.91
N PHE A 71 7.88 11.15 2.74
CA PHE A 71 6.61 10.43 2.65
C PHE A 71 6.79 9.06 2.03
N VAL A 72 7.06 8.08 2.89
CA VAL A 72 7.25 6.71 2.44
C VAL A 72 6.65 5.75 3.46
N PHE A 73 5.97 4.74 2.94
CA PHE A 73 5.34 3.75 3.80
C PHE A 73 5.27 2.39 3.10
N GLU A 74 5.56 1.35 3.87
CA GLU A 74 5.53 0.00 3.34
C GLU A 74 4.37 -0.79 3.94
N ILE A 75 3.90 -1.78 3.18
CA ILE A 75 2.79 -2.61 3.63
C ILE A 75 3.30 -4.02 3.91
N ILE A 76 3.12 -4.45 5.15
CA ILE A 76 3.54 -5.78 5.55
C ILE A 76 2.33 -6.69 5.66
N PRO A 77 2.51 -7.95 5.18
CA PRO A 77 1.44 -8.93 5.22
C PRO A 77 1.24 -9.47 6.64
N ALA A 78 0.37 -10.47 6.74
CA ALA A 78 0.08 -11.08 8.04
C ALA A 78 0.70 -12.48 8.08
N SER A 79 0.49 -13.22 6.99
CA SER A 79 1.02 -14.56 6.89
C SER A 79 2.46 -14.61 7.39
N TRP A 80 3.16 -13.51 7.14
CA TRP A 80 4.55 -13.41 7.55
C TRP A 80 4.59 -13.35 9.08
N ASP A 81 4.24 -12.19 9.61
CA ASP A 81 4.24 -11.99 11.05
C ASP A 81 5.66 -11.71 11.52
N GLN A 82 6.55 -12.67 11.26
CA GLN A 82 7.93 -12.54 11.65
C GLN A 82 8.64 -11.52 10.76
N ASN A 83 9.89 -11.24 11.12
CA ASN A 83 10.69 -10.29 10.36
C ASN A 83 12.18 -10.59 10.59
N ARG A 84 12.45 -11.84 10.92
CA ARG A 84 13.82 -12.26 11.18
C ARG A 84 14.28 -13.24 10.10
N MET A 85 13.66 -13.13 8.94
CA MET A 85 14.00 -14.00 7.82
C MET A 85 13.36 -13.49 6.53
N GLY A 86 14.07 -12.60 5.86
CA GLY A 86 13.59 -12.03 4.61
C GLY A 86 12.54 -10.96 4.87
N GLN A 87 11.31 -11.27 4.50
CA GLN A 87 10.21 -10.34 4.68
C GLN A 87 10.37 -9.13 3.77
N ASP A 88 9.82 -9.24 2.57
CA ASP A 88 9.90 -8.16 1.61
C ASP A 88 8.54 -7.48 1.48
N SER A 89 8.23 -6.66 2.48
CA SER A 89 6.97 -5.95 2.50
C SER A 89 6.80 -5.13 1.21
N TYR A 90 5.69 -4.42 1.14
CA TYR A 90 5.41 -3.60 -0.04
C TYR A 90 5.81 -2.14 0.21
N VAL A 91 7.05 -1.84 -0.14
CA VAL A 91 7.57 -0.49 0.04
C VAL A 91 6.95 0.43 -1.02
N LEU A 92 5.99 1.23 -0.57
CA LEU A 92 5.31 2.15 -1.45
C LEU A 92 5.68 3.59 -1.06
N MET A 93 5.65 4.46 -2.05
CA MET A 93 5.98 5.86 -1.83
C MET A 93 5.05 6.78 -2.63
N ALA A 94 4.74 7.91 -2.03
CA ALA A 94 3.85 8.89 -2.67
C ALA A 94 4.64 10.17 -2.95
N SER A 95 4.17 10.91 -3.93
CA SER A 95 4.81 12.16 -4.31
C SER A 95 4.64 13.20 -3.19
N SER A 96 3.38 13.51 -2.91
CA SER A 96 3.07 14.48 -1.89
C SER A 96 2.72 13.75 -0.57
N GLN A 97 2.38 14.55 0.43
CA GLN A 97 2.03 14.00 1.73
C GLN A 97 0.52 13.73 1.81
N ALA A 98 -0.24 14.65 1.25
CA ALA A 98 -1.69 14.52 1.25
C ALA A 98 -2.08 13.26 0.48
N GLU A 99 -1.20 12.85 -0.42
CA GLU A 99 -1.44 11.67 -1.23
C GLU A 99 -1.15 10.41 -0.41
N MET A 100 -0.09 10.48 0.36
CA MET A 100 0.32 9.35 1.20
C MET A 100 -0.64 9.19 2.38
N GLU A 101 -1.07 10.32 2.92
CA GLU A 101 -1.98 10.31 4.06
C GLU A 101 -3.31 9.65 3.66
N GLU A 102 -3.73 9.91 2.44
CA GLU A 102 -4.97 9.35 1.94
C GLU A 102 -4.85 7.85 1.78
N TRP A 103 -3.91 7.45 0.93
CA TRP A 103 -3.69 6.03 0.67
C TRP A 103 -3.61 5.32 2.02
N VAL A 104 -2.71 5.79 2.87
CA VAL A 104 -2.54 5.20 4.18
C VAL A 104 -3.89 5.19 4.91
N LYS A 105 -4.55 6.34 4.88
CA LYS A 105 -5.84 6.47 5.53
C LYS A 105 -6.76 5.33 5.08
N PHE A 106 -7.04 5.31 3.79
CA PHE A 106 -7.89 4.28 3.22
C PHE A 106 -7.36 2.89 3.54
N LEU A 107 -6.06 2.72 3.33
CA LEU A 107 -5.42 1.45 3.59
C LEU A 107 -5.64 1.06 5.06
N ARG A 108 -4.99 1.80 5.94
CA ARG A 108 -5.10 1.55 7.36
C ARG A 108 -6.58 1.45 7.77
N ARG A 109 -7.37 2.35 7.21
CA ARG A 109 -8.80 2.37 7.51
C ARG A 109 -9.41 0.97 7.29
N VAL A 110 -9.27 0.48 6.07
CA VAL A 110 -9.79 -0.82 5.72
C VAL A 110 -9.14 -1.88 6.62
N ALA A 111 -7.82 -1.85 6.67
CA ALA A 111 -7.08 -2.79 7.48
C ALA A 111 -7.65 -2.80 8.90
N GLY A 112 -8.07 -1.63 9.33
CA GLY A 112 -8.65 -1.48 10.67
C GLY A 112 -7.55 -1.34 11.72
N SER A 113 -6.98 -0.15 11.79
CA SER A 113 -5.92 0.13 12.75
C SER A 113 -5.80 1.64 12.96
N GLY A 114 -5.72 2.00 14.23
CA GLY A 114 -5.59 3.41 14.60
C GLY A 114 -4.65 3.59 15.78
N PRO A 115 -4.45 4.88 16.17
CA PRO A 115 -3.56 5.20 17.28
C PRO A 115 -4.23 4.86 18.62
N SER A 116 -4.56 3.59 18.77
CA SER A 116 -5.20 3.13 20.00
C SER A 116 -6.28 4.12 20.43
N SER A 117 -7.46 3.96 19.85
CA SER A 117 -8.57 4.83 20.18
C SER A 117 -9.49 4.15 21.19
N GLY A 118 -10.05 3.03 20.77
CA GLY A 118 -10.94 2.28 21.63
C GLY A 118 -11.08 0.83 21.14
N GLY A 1 -24.96 -3.39 8.28
CA GLY A 1 -26.08 -2.79 7.58
C GLY A 1 -25.93 -2.90 6.06
N SER A 2 -25.60 -1.78 5.45
CA SER A 2 -25.41 -1.75 4.01
C SER A 2 -24.31 -0.75 3.64
N SER A 3 -23.50 -1.14 2.67
CA SER A 3 -22.41 -0.29 2.22
C SER A 3 -22.46 -0.14 0.70
N GLY A 4 -22.38 -1.27 0.02
CA GLY A 4 -22.41 -1.26 -1.44
C GLY A 4 -21.02 -1.00 -2.02
N SER A 5 -20.93 0.09 -2.76
CA SER A 5 -19.66 0.46 -3.39
C SER A 5 -18.97 -0.78 -3.95
N SER A 6 -19.30 -1.07 -5.20
CA SER A 6 -18.73 -2.22 -5.87
C SER A 6 -17.32 -1.89 -6.37
N GLY A 7 -17.25 -0.82 -7.15
CA GLY A 7 -15.97 -0.38 -7.69
C GLY A 7 -14.93 -0.19 -6.58
N PRO A 8 -13.77 0.40 -6.98
CA PRO A 8 -12.70 0.65 -6.02
C PRO A 8 -13.03 1.82 -5.10
N ILE A 9 -12.06 2.18 -4.29
CA ILE A 9 -12.23 3.29 -3.36
C ILE A 9 -11.26 4.41 -3.71
N LYS A 10 -10.04 4.01 -4.04
CA LYS A 10 -9.01 4.97 -4.40
C LYS A 10 -8.17 4.41 -5.55
N MET A 11 -8.02 5.22 -6.59
CA MET A 11 -7.25 4.81 -7.74
C MET A 11 -6.27 5.91 -8.17
N GLY A 12 -5.01 5.53 -8.26
CA GLY A 12 -3.97 6.47 -8.66
C GLY A 12 -2.66 5.74 -8.98
N TRP A 13 -1.58 6.50 -8.93
CA TRP A 13 -0.26 5.94 -9.21
C TRP A 13 0.60 6.11 -7.96
N LEU A 14 1.48 5.13 -7.75
CA LEU A 14 2.37 5.18 -6.60
C LEU A 14 3.70 4.52 -6.97
N LYS A 15 4.72 4.84 -6.20
CA LYS A 15 6.04 4.29 -6.44
C LYS A 15 6.28 3.11 -5.49
N LYS A 16 6.48 1.94 -6.08
CA LYS A 16 6.72 0.74 -5.31
C LYS A 16 8.14 0.24 -5.56
N GLN A 17 8.80 -0.14 -4.48
CA GLN A 17 10.17 -0.64 -4.58
C GLN A 17 10.19 -1.96 -5.33
N ARG A 18 11.15 -2.08 -6.24
CA ARG A 18 11.30 -3.29 -7.03
C ARG A 18 11.52 -4.50 -6.11
N SER A 19 11.77 -5.63 -6.74
CA SER A 19 12.00 -6.86 -6.00
C SER A 19 12.99 -6.62 -4.86
N ILE A 20 14.26 -6.91 -5.15
CA ILE A 20 15.31 -6.71 -4.17
C ILE A 20 16.35 -5.73 -4.71
N VAL A 21 16.07 -4.45 -4.49
CA VAL A 21 16.97 -3.40 -4.95
C VAL A 21 16.38 -2.04 -4.59
N LYS A 22 17.27 -1.08 -4.37
CA LYS A 22 16.86 0.27 -4.02
C LYS A 22 16.41 1.00 -5.29
N ASN A 23 15.23 0.64 -5.77
CA ASN A 23 14.69 1.26 -6.97
C ASN A 23 13.17 1.40 -6.82
N TRP A 24 12.68 2.58 -7.18
CA TRP A 24 11.26 2.85 -7.10
C TRP A 24 10.66 2.70 -8.50
N GLN A 25 9.55 1.99 -8.57
CA GLN A 25 8.87 1.78 -9.84
C GLN A 25 7.47 2.39 -9.80
N GLN A 26 7.29 3.41 -10.62
CA GLN A 26 6.01 4.09 -10.69
C GLN A 26 4.96 3.18 -11.34
N ARG A 27 4.10 2.64 -10.50
CA ARG A 27 3.05 1.75 -10.97
C ARG A 27 1.68 2.23 -10.49
N TYR A 28 0.65 1.78 -11.18
CA TYR A 28 -0.72 2.16 -10.84
C TYR A 28 -1.22 1.37 -9.63
N PHE A 29 -1.69 2.11 -8.64
CA PHE A 29 -2.20 1.50 -7.43
C PHE A 29 -3.68 1.81 -7.23
N VAL A 30 -4.48 0.76 -7.22
CA VAL A 30 -5.92 0.91 -7.04
C VAL A 30 -6.35 0.20 -5.76
N LEU A 31 -7.40 0.74 -5.14
CA LEU A 31 -7.92 0.17 -3.92
C LEU A 31 -9.35 -0.32 -4.15
N ARG A 32 -9.53 -1.62 -3.97
CA ARG A 32 -10.83 -2.23 -4.17
C ARG A 32 -11.22 -3.05 -2.93
N ALA A 33 -12.44 -2.82 -2.47
CA ALA A 33 -12.95 -3.52 -1.30
C ALA A 33 -11.83 -3.65 -0.27
N GLN A 34 -11.78 -4.81 0.37
CA GLN A 34 -10.78 -5.09 1.38
C GLN A 34 -9.55 -5.74 0.73
N GLN A 35 -9.02 -5.07 -0.28
CA GLN A 35 -7.85 -5.58 -0.98
C GLN A 35 -7.14 -4.44 -1.73
N LEU A 36 -5.83 -4.58 -1.86
CA LEU A 36 -5.04 -3.58 -2.55
C LEU A 36 -4.46 -4.19 -3.82
N TYR A 37 -4.74 -3.54 -4.94
CA TYR A 37 -4.24 -4.01 -6.22
C TYR A 37 -3.37 -2.94 -6.89
N TYR A 38 -2.63 -3.38 -7.91
CA TYR A 38 -1.76 -2.48 -8.63
C TYR A 38 -1.50 -3.01 -10.05
N TYR A 39 -1.65 -2.12 -11.02
CA TYR A 39 -1.44 -2.47 -12.41
C TYR A 39 -0.18 -1.79 -12.96
N LYS A 40 0.53 -2.52 -13.81
CA LYS A 40 1.74 -1.99 -14.40
C LYS A 40 1.44 -0.63 -15.04
N ASP A 41 0.34 -0.58 -15.76
CA ASP A 41 -0.07 0.65 -16.42
C ASP A 41 -1.59 0.73 -16.45
N GLU A 42 -2.09 1.81 -17.03
CA GLU A 42 -3.52 2.02 -17.13
C GLU A 42 -4.05 1.44 -18.44
N GLU A 43 -3.52 0.29 -18.80
CA GLU A 43 -3.92 -0.39 -20.02
C GLU A 43 -4.45 -1.79 -19.71
N ASP A 44 -3.59 -2.59 -19.12
CA ASP A 44 -3.95 -3.95 -18.76
C ASP A 44 -5.32 -3.94 -18.08
N THR A 45 -5.97 -5.09 -18.10
CA THR A 45 -7.28 -5.23 -17.49
C THR A 45 -7.19 -6.08 -16.22
N LYS A 46 -6.20 -6.95 -16.20
CA LYS A 46 -5.99 -7.83 -15.06
C LYS A 46 -4.96 -7.19 -14.12
N PRO A 47 -5.19 -7.40 -12.79
CA PRO A 47 -4.30 -6.86 -11.78
C PRO A 47 -2.99 -7.64 -11.72
N GLN A 48 -2.03 -7.08 -10.99
CA GLN A 48 -0.74 -7.72 -10.84
C GLN A 48 -0.60 -8.35 -9.46
N GLY A 49 -0.52 -7.49 -8.46
CA GLY A 49 -0.40 -7.96 -7.09
C GLY A 49 -1.69 -7.73 -6.30
N CYS A 50 -1.76 -8.36 -5.14
CA CYS A 50 -2.93 -8.23 -4.29
C CYS A 50 -2.48 -8.34 -2.83
N MET A 51 -2.90 -7.37 -2.04
CA MET A 51 -2.55 -7.35 -0.63
C MET A 51 -3.81 -7.25 0.24
N TYR A 52 -3.92 -8.19 1.18
CA TYR A 52 -5.05 -8.22 2.08
C TYR A 52 -4.94 -7.12 3.14
N LEU A 53 -5.78 -6.11 2.99
CA LEU A 53 -5.79 -4.99 3.92
C LEU A 53 -6.09 -5.52 5.33
N PRO A 54 -7.09 -6.44 5.40
CA PRO A 54 -7.47 -7.02 6.67
C PRO A 54 -6.44 -8.05 7.15
N GLY A 55 -5.21 -7.58 7.29
CA GLY A 55 -4.13 -8.44 7.73
C GLY A 55 -2.78 -7.93 7.22
N CYS A 56 -2.59 -6.63 7.34
CA CYS A 56 -1.36 -5.99 6.91
C CYS A 56 -0.93 -4.99 7.97
N THR A 57 0.26 -4.45 7.79
CA THR A 57 0.80 -3.48 8.72
C THR A 57 1.41 -2.29 7.97
N ILE A 58 0.78 -1.14 8.12
CA ILE A 58 1.24 0.07 7.47
C ILE A 58 2.32 0.74 8.33
N LYS A 59 3.54 0.71 7.82
CA LYS A 59 4.66 1.30 8.54
C LYS A 59 5.25 2.43 7.69
N GLU A 60 5.56 3.53 8.35
CA GLU A 60 6.13 4.68 7.68
C GLU A 60 7.67 4.62 7.74
N ILE A 61 8.26 4.33 6.60
CA ILE A 61 9.70 4.25 6.50
C ILE A 61 10.29 5.65 6.44
N ALA A 62 11.20 5.93 7.38
CA ALA A 62 11.84 7.22 7.45
C ALA A 62 13.21 7.15 6.76
N THR A 63 13.60 8.28 6.18
CA THR A 63 14.87 8.35 5.48
C THR A 63 16.03 8.19 6.47
N ASN A 64 16.91 9.19 6.47
CA ASN A 64 18.06 9.17 7.37
C ASN A 64 17.57 9.11 8.81
N PRO A 65 18.50 8.70 9.71
CA PRO A 65 18.18 8.59 11.12
C PRO A 65 18.13 9.97 11.78
N GLU A 66 18.46 10.98 10.99
CA GLU A 66 18.45 12.34 11.48
C GLU A 66 17.75 13.26 10.48
N GLU A 67 16.60 12.80 10.01
CA GLU A 67 15.81 13.57 9.05
C GLU A 67 14.31 13.28 9.24
N ALA A 68 13.51 14.23 8.79
CA ALA A 68 12.07 14.09 8.89
C ALA A 68 11.40 14.97 7.83
N GLY A 69 11.09 14.34 6.70
CA GLY A 69 10.46 15.06 5.61
C GLY A 69 10.40 14.19 4.35
N LYS A 70 10.09 12.91 4.55
CA LYS A 70 10.01 11.97 3.45
C LYS A 70 8.75 11.12 3.61
N PHE A 71 7.87 11.23 2.63
CA PHE A 71 6.62 10.48 2.64
C PHE A 71 6.83 9.07 2.09
N VAL A 72 7.19 8.16 2.98
CA VAL A 72 7.42 6.78 2.58
C VAL A 72 6.74 5.85 3.59
N PHE A 73 6.21 4.76 3.07
CA PHE A 73 5.54 3.77 3.90
C PHE A 73 5.43 2.43 3.20
N GLU A 74 5.79 1.38 3.94
CA GLU A 74 5.73 0.03 3.40
C GLU A 74 4.56 -0.74 4.01
N ILE A 75 4.06 -1.71 3.24
CA ILE A 75 2.94 -2.51 3.69
C ILE A 75 3.44 -3.94 3.95
N ILE A 76 3.25 -4.38 5.18
CA ILE A 76 3.66 -5.72 5.57
C ILE A 76 2.44 -6.64 5.62
N PRO A 77 2.54 -7.77 4.86
CA PRO A 77 1.46 -8.73 4.80
C PRO A 77 1.39 -9.55 6.09
N ALA A 78 0.19 -10.04 6.38
CA ALA A 78 -0.02 -10.84 7.57
C ALA A 78 1.17 -11.78 7.76
N SER A 79 1.33 -12.23 9.00
CA SER A 79 2.42 -13.14 9.33
C SER A 79 3.76 -12.46 9.06
N TRP A 80 4.83 -13.24 9.20
CA TRP A 80 6.17 -12.73 8.98
C TRP A 80 6.47 -11.70 10.07
N ASP A 81 6.64 -12.20 11.28
CA ASP A 81 6.94 -11.35 12.42
C ASP A 81 8.46 -11.32 12.64
N GLN A 82 8.88 -10.39 13.49
CA GLN A 82 10.29 -10.25 13.80
C GLN A 82 11.09 -9.95 12.53
N ASN A 83 11.39 -8.68 12.34
CA ASN A 83 12.15 -8.26 11.17
C ASN A 83 13.31 -9.22 10.95
N ARG A 84 14.11 -9.38 12.00
CA ARG A 84 15.27 -10.26 11.93
C ARG A 84 15.91 -10.18 10.55
N MET A 85 16.44 -9.01 10.23
CA MET A 85 17.09 -8.79 8.95
C MET A 85 16.35 -9.52 7.84
N GLY A 86 15.07 -9.20 7.71
CA GLY A 86 14.23 -9.82 6.68
C GLY A 86 12.81 -9.27 6.73
N GLN A 87 12.44 -8.56 5.67
CA GLN A 87 11.11 -7.98 5.58
C GLN A 87 10.94 -7.26 4.26
N ASP A 88 10.49 -8.01 3.26
CA ASP A 88 10.28 -7.45 1.93
C ASP A 88 9.16 -6.41 2.00
N SER A 89 7.98 -6.88 2.40
CA SER A 89 6.82 -6.00 2.51
C SER A 89 6.64 -5.21 1.22
N TYR A 90 5.62 -4.37 1.22
CA TYR A 90 5.34 -3.54 0.06
C TYR A 90 5.77 -2.10 0.28
N VAL A 91 7.01 -1.81 -0.10
CA VAL A 91 7.56 -0.48 0.06
C VAL A 91 6.90 0.46 -0.95
N LEU A 92 5.94 1.24 -0.46
CA LEU A 92 5.23 2.18 -1.31
C LEU A 92 5.64 3.60 -0.93
N MET A 93 5.62 4.47 -1.93
CA MET A 93 5.99 5.86 -1.72
C MET A 93 5.11 6.79 -2.56
N ALA A 94 4.66 7.86 -1.93
CA ALA A 94 3.82 8.83 -2.60
C ALA A 94 4.64 10.09 -2.91
N SER A 95 4.23 10.78 -3.96
CA SER A 95 4.91 12.00 -4.37
C SER A 95 4.67 13.11 -3.35
N SER A 96 3.39 13.29 -3.03
CA SER A 96 3.01 14.31 -2.07
C SER A 96 2.69 13.67 -0.72
N GLN A 97 2.18 14.50 0.19
CA GLN A 97 1.82 14.03 1.52
C GLN A 97 0.35 13.68 1.58
N ALA A 98 -0.47 14.62 1.17
CA ALA A 98 -1.92 14.43 1.17
C ALA A 98 -2.25 13.11 0.49
N GLU A 99 -1.36 12.71 -0.42
CA GLU A 99 -1.55 11.46 -1.14
C GLU A 99 -1.23 10.26 -0.24
N MET A 100 -0.07 10.34 0.40
CA MET A 100 0.36 9.28 1.30
C MET A 100 -0.59 9.14 2.48
N GLU A 101 -1.09 10.28 2.94
CA GLU A 101 -2.00 10.31 4.07
C GLU A 101 -3.32 9.62 3.70
N GLU A 102 -3.78 9.92 2.49
CA GLU A 102 -5.03 9.35 2.01
C GLU A 102 -4.88 7.84 1.83
N TRP A 103 -3.82 7.46 1.11
CA TRP A 103 -3.55 6.05 0.86
C TRP A 103 -3.45 5.34 2.20
N VAL A 104 -2.63 5.91 3.08
CA VAL A 104 -2.43 5.34 4.40
C VAL A 104 -3.77 5.31 5.14
N LYS A 105 -4.44 6.45 5.14
CA LYS A 105 -5.73 6.58 5.81
C LYS A 105 -6.61 5.39 5.41
N PHE A 106 -6.99 5.37 4.14
CA PHE A 106 -7.84 4.30 3.63
C PHE A 106 -7.28 2.93 4.03
N LEU A 107 -6.02 2.72 3.71
CA LEU A 107 -5.37 1.46 4.02
C LEU A 107 -5.58 1.15 5.51
N ARG A 108 -4.97 1.97 6.34
CA ARG A 108 -5.09 1.79 7.78
C ARG A 108 -6.56 1.66 8.19
N ARG A 109 -7.39 2.46 7.52
CA ARG A 109 -8.82 2.44 7.80
C ARG A 109 -9.39 1.05 7.57
N VAL A 110 -9.16 0.54 6.37
CA VAL A 110 -9.65 -0.79 6.02
C VAL A 110 -8.93 -1.83 6.86
N ALA A 111 -7.62 -1.88 6.71
CA ALA A 111 -6.81 -2.84 7.45
C ALA A 111 -7.15 -2.74 8.94
N GLY A 112 -7.64 -1.57 9.32
CA GLY A 112 -8.01 -1.33 10.71
C GLY A 112 -9.26 -2.14 11.09
N SER A 113 -10.40 -1.66 10.62
CA SER A 113 -11.66 -2.32 10.90
C SER A 113 -11.61 -3.78 10.42
N GLY A 114 -11.72 -4.69 11.37
CA GLY A 114 -11.68 -6.11 11.06
C GLY A 114 -11.61 -6.95 12.34
N PRO A 115 -11.28 -8.25 12.15
CA PRO A 115 -11.17 -9.17 13.28
C PRO A 115 -9.89 -8.93 14.06
N SER A 116 -9.90 -9.40 15.30
CA SER A 116 -8.74 -9.23 16.18
C SER A 116 -8.51 -7.76 16.46
N SER A 117 -8.93 -7.34 17.65
CA SER A 117 -8.78 -5.95 18.06
C SER A 117 -8.49 -5.88 19.56
N GLY A 118 -9.41 -6.43 20.34
CA GLY A 118 -9.27 -6.43 21.78
C GLY A 118 -10.61 -6.09 22.46
N GLY A 1 -20.82 -11.35 3.83
CA GLY A 1 -21.41 -11.57 2.52
C GLY A 1 -20.50 -12.44 1.65
N SER A 2 -20.57 -12.19 0.35
CA SER A 2 -19.76 -12.95 -0.59
C SER A 2 -19.57 -12.14 -1.88
N SER A 3 -20.69 -11.81 -2.50
CA SER A 3 -20.65 -11.04 -3.74
C SER A 3 -21.11 -9.60 -3.47
N GLY A 4 -20.57 -8.69 -4.27
CA GLY A 4 -20.91 -7.28 -4.12
C GLY A 4 -19.74 -6.39 -4.56
N SER A 5 -19.70 -6.12 -5.86
CA SER A 5 -18.65 -5.29 -6.42
C SER A 5 -19.25 -4.03 -7.03
N SER A 6 -18.38 -3.08 -7.35
CA SER A 6 -18.81 -1.83 -7.93
C SER A 6 -17.60 -1.08 -8.50
N GLY A 7 -16.65 -0.82 -7.63
CA GLY A 7 -15.44 -0.09 -8.02
C GLY A 7 -14.51 0.11 -6.83
N PRO A 8 -13.30 0.65 -7.13
CA PRO A 8 -12.31 0.92 -6.09
C PRO A 8 -12.70 2.15 -5.27
N ILE A 9 -12.09 2.26 -4.10
CA ILE A 9 -12.36 3.38 -3.21
C ILE A 9 -11.38 4.51 -3.53
N LYS A 10 -10.10 4.17 -3.50
CA LYS A 10 -9.05 5.15 -3.78
C LYS A 10 -8.16 4.63 -4.90
N MET A 11 -8.01 5.45 -5.92
CA MET A 11 -7.18 5.09 -7.06
C MET A 11 -6.11 6.15 -7.32
N GLY A 12 -4.89 5.67 -7.56
CA GLY A 12 -3.79 6.57 -7.83
C GLY A 12 -2.51 5.78 -8.14
N TRP A 13 -1.50 6.50 -8.60
CA TRP A 13 -0.22 5.88 -8.93
C TRP A 13 0.70 6.03 -7.72
N LEU A 14 1.49 4.99 -7.49
CA LEU A 14 2.42 4.98 -6.37
C LEU A 14 3.73 4.33 -6.81
N LYS A 15 4.79 4.67 -6.11
CA LYS A 15 6.11 4.13 -6.42
C LYS A 15 6.37 2.93 -5.52
N LYS A 16 6.51 1.77 -6.15
CA LYS A 16 6.77 0.54 -5.43
C LYS A 16 8.22 0.10 -5.68
N GLN A 17 8.90 -0.20 -4.58
CA GLN A 17 10.29 -0.63 -4.66
C GLN A 17 10.39 -1.96 -5.42
N ARG A 18 11.50 -2.11 -6.14
CA ARG A 18 11.73 -3.31 -6.91
C ARG A 18 11.79 -4.53 -6.00
N SER A 19 12.06 -5.68 -6.60
CA SER A 19 12.14 -6.92 -5.84
C SER A 19 13.34 -6.89 -4.91
N ILE A 20 14.47 -6.47 -5.46
CA ILE A 20 15.70 -6.38 -4.68
C ILE A 20 16.37 -5.03 -4.94
N VAL A 21 16.71 -4.80 -6.20
CA VAL A 21 17.35 -3.56 -6.59
C VAL A 21 16.70 -2.40 -5.83
N LYS A 22 17.51 -1.39 -5.55
CA LYS A 22 17.02 -0.23 -4.83
C LYS A 22 16.54 0.82 -5.84
N ASN A 23 15.38 0.54 -6.41
CA ASN A 23 14.78 1.44 -7.39
C ASN A 23 13.27 1.53 -7.16
N TRP A 24 12.73 2.69 -7.46
CA TRP A 24 11.30 2.92 -7.29
C TRP A 24 10.64 2.80 -8.66
N GLN A 25 9.58 2.01 -8.70
CA GLN A 25 8.85 1.80 -9.94
C GLN A 25 7.45 2.41 -9.84
N GLN A 26 7.21 3.41 -10.67
CA GLN A 26 5.92 4.08 -10.68
C GLN A 26 4.85 3.18 -11.31
N ARG A 27 3.89 2.79 -10.49
CA ARG A 27 2.81 1.94 -10.95
C ARG A 27 1.46 2.54 -10.57
N TYR A 28 0.40 1.90 -11.06
CA TYR A 28 -0.94 2.36 -10.78
C TYR A 28 -1.61 1.49 -9.71
N PHE A 29 -1.67 2.04 -8.51
CA PHE A 29 -2.28 1.33 -7.39
C PHE A 29 -3.77 1.67 -7.26
N VAL A 30 -4.57 0.63 -7.10
CA VAL A 30 -6.01 0.80 -6.97
C VAL A 30 -6.48 0.08 -5.71
N LEU A 31 -7.35 0.75 -4.98
CA LEU A 31 -7.90 0.19 -3.75
C LEU A 31 -9.31 -0.31 -4.00
N ARG A 32 -9.46 -1.62 -3.91
CA ARG A 32 -10.76 -2.24 -4.14
C ARG A 32 -11.12 -3.17 -2.97
N ALA A 33 -12.37 -3.07 -2.54
CA ALA A 33 -12.85 -3.89 -1.43
C ALA A 33 -11.78 -3.93 -0.34
N GLN A 34 -11.64 -5.10 0.26
CA GLN A 34 -10.66 -5.30 1.32
C GLN A 34 -9.39 -5.91 0.76
N GLN A 35 -8.85 -5.27 -0.26
CA GLN A 35 -7.63 -5.75 -0.89
C GLN A 35 -6.98 -4.63 -1.71
N LEU A 36 -5.66 -4.58 -1.65
CA LEU A 36 -4.91 -3.57 -2.37
C LEU A 36 -4.31 -4.19 -3.63
N TYR A 37 -4.59 -3.54 -4.76
CA TYR A 37 -4.10 -4.02 -6.04
C TYR A 37 -3.23 -2.95 -6.72
N TYR A 38 -2.54 -3.38 -7.77
CA TYR A 38 -1.68 -2.47 -8.51
C TYR A 38 -1.40 -3.01 -9.92
N TYR A 39 -1.68 -2.18 -10.90
CA TYR A 39 -1.47 -2.56 -12.29
C TYR A 39 -0.28 -1.79 -12.90
N LYS A 40 0.30 -2.39 -13.93
CA LYS A 40 1.43 -1.78 -14.60
C LYS A 40 1.03 -0.40 -15.13
N ASP A 41 -0.07 -0.38 -15.86
CA ASP A 41 -0.57 0.86 -16.42
C ASP A 41 -2.09 0.93 -16.22
N GLU A 42 -2.69 1.95 -16.82
CA GLU A 42 -4.13 2.14 -16.72
C GLU A 42 -4.83 1.56 -17.94
N GLU A 43 -4.34 0.40 -18.37
CA GLU A 43 -4.91 -0.27 -19.53
C GLU A 43 -4.84 -1.79 -19.35
N ASP A 44 -5.19 -2.23 -18.16
CA ASP A 44 -5.17 -3.65 -17.84
C ASP A 44 -6.48 -4.04 -17.16
N THR A 45 -6.82 -5.32 -17.29
CA THR A 45 -8.04 -5.83 -16.70
C THR A 45 -7.72 -6.91 -15.67
N LYS A 46 -6.46 -6.93 -15.24
CA LYS A 46 -6.02 -7.91 -14.27
C LYS A 46 -4.93 -7.28 -13.39
N PRO A 47 -5.12 -7.44 -12.05
CA PRO A 47 -4.17 -6.89 -11.09
C PRO A 47 -2.89 -7.74 -11.05
N GLN A 48 -1.80 -7.08 -10.66
CA GLN A 48 -0.52 -7.75 -10.58
C GLN A 48 -0.36 -8.41 -9.21
N GLY A 49 -0.57 -7.61 -8.17
CA GLY A 49 -0.45 -8.10 -6.80
C GLY A 49 -1.73 -7.84 -6.01
N CYS A 50 -1.79 -8.46 -4.84
CA CYS A 50 -2.95 -8.31 -3.99
C CYS A 50 -2.49 -8.41 -2.53
N MET A 51 -2.74 -7.34 -1.78
CA MET A 51 -2.36 -7.31 -0.38
C MET A 51 -3.60 -7.21 0.52
N TYR A 52 -3.76 -8.22 1.36
CA TYR A 52 -4.89 -8.26 2.27
C TYR A 52 -4.82 -7.12 3.29
N LEU A 53 -5.68 -6.14 3.09
CA LEU A 53 -5.72 -4.98 3.98
C LEU A 53 -6.03 -5.45 5.40
N PRO A 54 -7.01 -6.38 5.49
CA PRO A 54 -7.41 -6.92 6.79
C PRO A 54 -6.37 -7.91 7.31
N GLY A 55 -5.13 -7.43 7.41
CA GLY A 55 -4.05 -8.26 7.89
C GLY A 55 -2.70 -7.77 7.37
N CYS A 56 -2.53 -6.45 7.40
CA CYS A 56 -1.30 -5.84 6.93
C CYS A 56 -0.83 -4.83 7.98
N THR A 57 0.37 -4.33 7.77
CA THR A 57 0.95 -3.36 8.69
C THR A 57 1.59 -2.20 7.91
N ILE A 58 0.91 -1.06 7.95
CA ILE A 58 1.40 0.11 7.26
C ILE A 58 2.45 0.81 8.12
N LYS A 59 3.71 0.61 7.76
CA LYS A 59 4.81 1.22 8.49
C LYS A 59 5.29 2.47 7.74
N GLU A 60 5.30 3.58 8.45
CA GLU A 60 5.74 4.84 7.87
C GLU A 60 7.27 4.93 7.89
N ILE A 61 7.85 4.66 6.72
CA ILE A 61 9.30 4.71 6.58
C ILE A 61 9.76 6.17 6.57
N ALA A 62 10.10 6.64 7.76
CA ALA A 62 10.55 8.02 7.90
C ALA A 62 12.09 8.05 7.85
N THR A 63 12.61 9.19 7.42
CA THR A 63 14.04 9.37 7.32
C THR A 63 14.63 9.84 8.66
N ASN A 64 15.93 10.01 8.66
CA ASN A 64 16.62 10.46 9.87
C ASN A 64 15.79 11.54 10.56
N PRO A 65 16.07 11.73 11.87
CA PRO A 65 15.35 12.72 12.65
C PRO A 65 15.82 14.14 12.31
N GLU A 66 17.12 14.25 12.06
CA GLU A 66 17.70 15.54 11.72
C GLU A 66 17.72 15.72 10.21
N GLU A 67 16.78 15.07 9.55
CA GLU A 67 16.68 15.15 8.10
C GLU A 67 15.35 15.76 7.70
N ALA A 68 15.19 15.95 6.40
CA ALA A 68 13.96 16.53 5.87
C ALA A 68 12.87 15.46 5.84
N GLY A 69 11.74 15.80 6.43
CA GLY A 69 10.62 14.87 6.47
C GLY A 69 10.32 14.31 5.08
N LYS A 70 10.07 13.01 5.04
CA LYS A 70 9.76 12.33 3.79
C LYS A 70 8.43 11.59 3.92
N PHE A 71 7.93 11.13 2.79
CA PHE A 71 6.68 10.40 2.76
C PHE A 71 6.86 9.02 2.12
N VAL A 72 7.17 8.05 2.96
CA VAL A 72 7.38 6.70 2.49
C VAL A 72 6.77 5.72 3.50
N PHE A 73 6.03 4.76 2.97
CA PHE A 73 5.39 3.76 3.82
C PHE A 73 5.37 2.39 3.11
N GLU A 74 5.74 1.37 3.87
CA GLU A 74 5.78 0.02 3.35
C GLU A 74 4.66 -0.82 3.99
N ILE A 75 4.03 -1.63 3.15
CA ILE A 75 2.95 -2.49 3.62
C ILE A 75 3.51 -3.87 3.94
N ILE A 76 3.29 -4.29 5.17
CA ILE A 76 3.76 -5.59 5.62
C ILE A 76 2.57 -6.57 5.71
N PRO A 77 2.71 -7.69 4.95
CA PRO A 77 1.67 -8.70 4.93
C PRO A 77 1.67 -9.52 6.22
N ALA A 78 0.59 -10.28 6.40
CA ALA A 78 0.47 -11.11 7.59
C ALA A 78 1.42 -12.30 7.48
N SER A 79 1.71 -12.90 8.63
CA SER A 79 2.60 -14.04 8.68
C SER A 79 3.79 -13.80 7.76
N TRP A 80 4.83 -13.19 8.33
CA TRP A 80 6.03 -12.91 7.57
C TRP A 80 7.24 -13.17 8.47
N ASP A 81 7.39 -14.44 8.83
CA ASP A 81 8.50 -14.84 9.69
C ASP A 81 9.32 -15.93 8.99
N GLN A 82 9.79 -15.60 7.80
CA GLN A 82 10.58 -16.54 7.02
C GLN A 82 10.00 -17.95 7.14
N ASN A 83 8.92 -18.18 6.41
CA ASN A 83 8.26 -19.48 6.42
C ASN A 83 8.47 -20.16 5.07
N ARG A 84 9.67 -20.02 4.55
CA ARG A 84 10.01 -20.62 3.27
C ARG A 84 9.26 -19.91 2.14
N MET A 85 8.60 -18.82 2.50
CA MET A 85 7.84 -18.04 1.53
C MET A 85 7.94 -16.55 1.83
N GLY A 86 8.10 -15.77 0.76
CA GLY A 86 8.21 -14.33 0.88
C GLY A 86 9.34 -13.96 1.86
N GLN A 87 9.70 -12.68 1.82
CA GLN A 87 10.75 -12.18 2.69
C GLN A 87 10.97 -10.68 2.45
N ASP A 88 9.89 -9.93 2.58
CA ASP A 88 9.95 -8.50 2.38
C ASP A 88 8.53 -7.92 2.43
N SER A 89 8.48 -6.60 2.49
CA SER A 89 7.20 -5.91 2.54
C SER A 89 6.99 -5.09 1.26
N TYR A 90 5.83 -4.45 1.19
CA TYR A 90 5.49 -3.64 0.03
C TYR A 90 5.89 -2.18 0.26
N VAL A 91 7.11 -1.86 -0.17
CA VAL A 91 7.62 -0.51 -0.02
C VAL A 91 6.93 0.41 -1.04
N LEU A 92 5.98 1.18 -0.54
CA LEU A 92 5.25 2.11 -1.39
C LEU A 92 5.61 3.54 -1.02
N MET A 93 5.74 4.37 -2.05
CA MET A 93 6.08 5.77 -1.84
C MET A 93 5.17 6.68 -2.66
N ALA A 94 4.76 7.77 -2.04
CA ALA A 94 3.90 8.73 -2.70
C ALA A 94 4.70 9.97 -3.07
N SER A 95 4.05 10.87 -3.79
CA SER A 95 4.70 12.11 -4.22
C SER A 95 4.51 13.19 -3.16
N SER A 96 3.25 13.40 -2.80
CA SER A 96 2.92 14.41 -1.80
C SER A 96 2.37 13.73 -0.55
N GLN A 97 2.50 14.44 0.57
CA GLN A 97 2.03 13.92 1.84
C GLN A 97 0.51 13.71 1.79
N ALA A 98 -0.17 14.69 1.23
CA ALA A 98 -1.62 14.64 1.12
C ALA A 98 -2.02 13.33 0.43
N GLU A 99 -1.14 12.87 -0.44
CA GLU A 99 -1.39 11.64 -1.17
C GLU A 99 -1.16 10.43 -0.27
N MET A 100 0.02 10.39 0.35
CA MET A 100 0.37 9.31 1.24
C MET A 100 -0.64 9.18 2.38
N GLU A 101 -1.15 10.33 2.81
CA GLU A 101 -2.11 10.36 3.89
C GLU A 101 -3.42 9.69 3.45
N GLU A 102 -3.85 10.04 2.25
CA GLU A 102 -5.08 9.48 1.71
C GLU A 102 -4.97 7.96 1.61
N TRP A 103 -3.99 7.52 0.85
CA TRP A 103 -3.77 6.09 0.66
C TRP A 103 -3.78 5.43 2.05
N VAL A 104 -2.78 5.78 2.84
CA VAL A 104 -2.67 5.23 4.18
C VAL A 104 -4.05 5.25 4.85
N LYS A 105 -4.64 6.43 4.91
CA LYS A 105 -5.95 6.59 5.50
C LYS A 105 -6.84 5.41 5.11
N PHE A 106 -7.05 5.29 3.80
CA PHE A 106 -7.87 4.22 3.27
C PHE A 106 -7.29 2.85 3.63
N LEU A 107 -6.02 2.68 3.28
CA LEU A 107 -5.33 1.42 3.56
C LEU A 107 -5.56 1.04 5.02
N ARG A 108 -4.95 1.82 5.91
CA ARG A 108 -5.08 1.58 7.33
C ARG A 108 -6.54 1.38 7.71
N ARG A 109 -7.37 2.29 7.22
CA ARG A 109 -8.80 2.24 7.50
C ARG A 109 -9.34 0.84 7.24
N VAL A 110 -9.36 0.47 5.96
CA VAL A 110 -9.85 -0.83 5.55
C VAL A 110 -9.20 -1.91 6.43
N ALA A 111 -7.88 -1.83 6.52
CA ALA A 111 -7.12 -2.77 7.32
C ALA A 111 -7.76 -2.89 8.71
N GLY A 112 -8.26 -1.77 9.19
CA GLY A 112 -8.89 -1.72 10.50
C GLY A 112 -8.32 -0.60 11.35
N SER A 113 -8.70 0.63 11.00
CA SER A 113 -8.23 1.79 11.73
C SER A 113 -8.32 1.55 13.24
N GLY A 114 -7.43 2.21 13.97
CA GLY A 114 -7.41 2.07 15.41
C GLY A 114 -8.28 3.14 16.09
N PRO A 115 -8.27 3.10 17.44
CA PRO A 115 -9.05 4.06 18.22
C PRO A 115 -8.39 5.43 18.21
N SER A 116 -8.67 6.20 17.17
CA SER A 116 -8.12 7.53 17.04
C SER A 116 -9.12 8.45 16.34
N SER A 117 -9.52 8.05 15.15
CA SER A 117 -10.47 8.82 14.37
C SER A 117 -11.72 9.11 15.21
N GLY A 118 -12.37 8.03 15.64
CA GLY A 118 -13.57 8.14 16.44
C GLY A 118 -13.64 7.03 17.49
N GLY A 1 -22.67 6.64 -4.38
CA GLY A 1 -22.35 6.31 -3.00
C GLY A 1 -23.56 6.57 -2.09
N SER A 2 -24.47 5.61 -2.07
CA SER A 2 -25.66 5.72 -1.25
C SER A 2 -25.99 4.36 -0.63
N SER A 3 -25.99 3.34 -1.48
CA SER A 3 -26.29 2.00 -1.03
C SER A 3 -25.38 1.00 -1.73
N GLY A 4 -25.35 1.09 -3.05
CA GLY A 4 -24.51 0.21 -3.84
C GLY A 4 -23.03 0.56 -3.70
N SER A 5 -22.19 -0.36 -4.15
CA SER A 5 -20.76 -0.15 -4.08
C SER A 5 -20.03 -1.21 -4.90
N SER A 6 -19.69 -0.84 -6.13
CA SER A 6 -19.00 -1.74 -7.03
C SER A 6 -17.74 -1.07 -7.58
N GLY A 7 -16.64 -1.80 -7.52
CA GLY A 7 -15.37 -1.29 -8.00
C GLY A 7 -14.42 -0.97 -6.85
N PRO A 8 -13.30 -0.30 -7.19
CA PRO A 8 -12.30 0.06 -6.19
C PRO A 8 -12.79 1.24 -5.34
N ILE A 9 -11.86 1.80 -4.57
CA ILE A 9 -12.18 2.92 -3.72
C ILE A 9 -11.22 4.08 -4.02
N LYS A 10 -9.94 3.78 -3.89
CA LYS A 10 -8.92 4.78 -4.16
C LYS A 10 -7.97 4.27 -5.24
N MET A 11 -7.79 5.10 -6.27
CA MET A 11 -6.91 4.74 -7.37
C MET A 11 -5.92 5.87 -7.66
N GLY A 12 -4.65 5.49 -7.75
CA GLY A 12 -3.60 6.46 -8.03
C GLY A 12 -2.28 5.75 -8.35
N TRP A 13 -1.32 6.54 -8.80
CA TRP A 13 -0.01 6.01 -9.15
C TRP A 13 0.89 6.16 -7.93
N LEU A 14 1.49 5.05 -7.54
CA LEU A 14 2.39 5.05 -6.39
C LEU A 14 3.72 4.42 -6.79
N LYS A 15 4.79 4.94 -6.20
CA LYS A 15 6.13 4.44 -6.49
C LYS A 15 6.41 3.22 -5.61
N LYS A 16 6.35 2.06 -6.24
CA LYS A 16 6.60 0.81 -5.53
C LYS A 16 8.06 0.39 -5.73
N GLN A 17 8.74 0.17 -4.61
CA GLN A 17 10.14 -0.22 -4.66
C GLN A 17 10.30 -1.49 -5.51
N ARG A 18 11.52 -1.69 -5.97
CA ARG A 18 11.82 -2.84 -6.81
C ARG A 18 12.39 -3.98 -5.96
N SER A 19 12.72 -5.07 -6.62
CA SER A 19 13.27 -6.23 -5.94
C SER A 19 14.76 -5.99 -5.62
N ILE A 20 15.60 -6.48 -6.52
CA ILE A 20 17.03 -6.32 -6.35
C ILE A 20 17.54 -5.19 -7.25
N VAL A 21 17.64 -4.01 -6.66
CA VAL A 21 18.11 -2.85 -7.39
C VAL A 21 17.82 -1.59 -6.57
N LYS A 22 16.76 -1.66 -5.78
CA LYS A 22 16.36 -0.54 -4.95
C LYS A 22 15.98 0.64 -5.83
N ASN A 23 14.88 0.48 -6.56
CA ASN A 23 14.40 1.52 -7.45
C ASN A 23 12.92 1.78 -7.16
N TRP A 24 12.49 2.99 -7.49
CA TRP A 24 11.11 3.39 -7.27
C TRP A 24 10.40 3.34 -8.63
N GLN A 25 9.55 2.34 -8.78
CA GLN A 25 8.79 2.16 -10.01
C GLN A 25 7.38 2.73 -9.84
N GLN A 26 7.13 3.83 -10.52
CA GLN A 26 5.82 4.47 -10.46
C GLN A 26 4.76 3.58 -11.12
N ARG A 27 4.06 2.84 -10.27
CA ARG A 27 3.01 1.96 -10.76
C ARG A 27 1.63 2.53 -10.44
N TYR A 28 0.61 1.82 -10.90
CA TYR A 28 -0.76 2.24 -10.67
C TYR A 28 -1.46 1.35 -9.66
N PHE A 29 -1.61 1.88 -8.45
CA PHE A 29 -2.26 1.13 -7.38
C PHE A 29 -3.75 1.47 -7.30
N VAL A 30 -4.53 0.47 -6.92
CA VAL A 30 -5.96 0.66 -6.79
C VAL A 30 -6.46 -0.08 -5.55
N LEU A 31 -7.28 0.61 -4.78
CA LEU A 31 -7.83 0.04 -3.56
C LEU A 31 -9.23 -0.51 -3.84
N ARG A 32 -9.53 -1.63 -3.21
CA ARG A 32 -10.83 -2.26 -3.39
C ARG A 32 -11.43 -2.63 -2.04
N ALA A 33 -12.28 -3.65 -2.06
CA ALA A 33 -12.93 -4.11 -0.84
C ALA A 33 -11.98 -5.05 -0.09
N GLN A 34 -11.62 -4.62 1.12
CA GLN A 34 -10.72 -5.41 1.94
C GLN A 34 -9.66 -6.09 1.09
N GLN A 35 -9.12 -5.32 0.15
CA GLN A 35 -8.09 -5.83 -0.74
C GLN A 35 -7.37 -4.68 -1.44
N LEU A 36 -6.14 -4.94 -1.83
CA LEU A 36 -5.33 -3.94 -2.51
C LEU A 36 -4.72 -4.55 -3.77
N TYR A 37 -4.76 -3.79 -4.85
CA TYR A 37 -4.22 -4.25 -6.11
C TYR A 37 -3.28 -3.19 -6.72
N TYR A 38 -2.52 -3.63 -7.71
CA TYR A 38 -1.59 -2.74 -8.38
C TYR A 38 -1.23 -3.27 -9.76
N TYR A 39 -1.36 -2.39 -10.75
CA TYR A 39 -1.06 -2.75 -12.12
C TYR A 39 0.14 -1.96 -12.65
N LYS A 40 0.90 -2.60 -13.52
CA LYS A 40 2.07 -1.98 -14.11
C LYS A 40 1.66 -0.69 -14.81
N ASP A 41 0.52 -0.77 -15.50
CA ASP A 41 0.01 0.38 -16.23
C ASP A 41 -1.52 0.37 -16.15
N GLU A 42 -2.12 1.34 -16.83
CA GLU A 42 -3.56 1.47 -16.84
C GLU A 42 -4.13 0.88 -18.15
N GLU A 43 -3.60 -0.27 -18.52
CA GLU A 43 -4.05 -0.94 -19.72
C GLU A 43 -4.56 -2.34 -19.40
N ASP A 44 -3.69 -3.13 -18.80
CA ASP A 44 -4.04 -4.50 -18.43
C ASP A 44 -5.40 -4.49 -17.74
N THR A 45 -5.95 -5.69 -17.55
CA THR A 45 -7.24 -5.83 -16.92
C THR A 45 -7.10 -6.55 -15.57
N LYS A 46 -6.29 -7.60 -15.58
CA LYS A 46 -6.05 -8.39 -14.38
C LYS A 46 -4.97 -7.71 -13.55
N PRO A 47 -5.10 -7.85 -12.21
CA PRO A 47 -4.13 -7.27 -11.29
C PRO A 47 -2.84 -8.07 -11.28
N GLN A 48 -1.81 -7.46 -10.68
CA GLN A 48 -0.51 -8.11 -10.61
C GLN A 48 -0.31 -8.73 -9.22
N GLY A 49 -0.78 -8.01 -8.21
CA GLY A 49 -0.66 -8.48 -6.84
C GLY A 49 -1.95 -8.23 -6.06
N CYS A 50 -2.05 -8.86 -4.90
CA CYS A 50 -3.22 -8.70 -4.05
C CYS A 50 -2.75 -8.70 -2.59
N MET A 51 -3.17 -7.66 -1.89
CA MET A 51 -2.80 -7.52 -0.49
C MET A 51 -4.04 -7.29 0.38
N TYR A 52 -4.09 -8.02 1.49
CA TYR A 52 -5.22 -7.91 2.40
C TYR A 52 -4.98 -6.79 3.43
N LEU A 53 -5.70 -5.70 3.23
CA LEU A 53 -5.58 -4.56 4.13
C LEU A 53 -5.86 -5.00 5.56
N PRO A 54 -6.94 -5.82 5.70
CA PRO A 54 -7.33 -6.32 7.01
C PRO A 54 -6.38 -7.43 7.47
N GLY A 55 -5.35 -7.01 8.21
CA GLY A 55 -4.37 -7.96 8.72
C GLY A 55 -2.96 -7.57 8.27
N CYS A 56 -2.89 -6.47 7.52
CA CYS A 56 -1.61 -6.00 7.03
C CYS A 56 -0.99 -5.10 8.10
N THR A 57 0.21 -4.61 7.80
CA THR A 57 0.91 -3.74 8.71
C THR A 57 1.50 -2.54 7.97
N ILE A 58 0.79 -1.42 8.06
CA ILE A 58 1.23 -0.20 7.40
C ILE A 58 2.28 0.49 8.27
N LYS A 59 3.51 0.47 7.77
CA LYS A 59 4.61 1.09 8.48
C LYS A 59 5.21 2.22 7.63
N GLU A 60 5.54 3.31 8.28
CA GLU A 60 6.11 4.46 7.60
C GLU A 60 7.64 4.39 7.65
N ILE A 61 8.21 3.99 6.52
CA ILE A 61 9.66 3.88 6.43
C ILE A 61 10.28 5.28 6.46
N ALA A 62 11.33 5.41 7.25
CA ALA A 62 12.01 6.69 7.39
C ALA A 62 13.43 6.57 6.80
N THR A 63 13.88 7.67 6.23
CA THR A 63 15.21 7.71 5.63
C THR A 63 16.29 7.66 6.71
N ASN A 64 15.84 7.70 7.95
CA ASN A 64 16.76 7.66 9.08
C ASN A 64 15.98 7.24 10.33
N PRO A 65 16.74 6.63 11.29
CA PRO A 65 16.14 6.18 12.54
C PRO A 65 15.86 7.36 13.48
N GLU A 66 15.17 8.34 12.93
CA GLU A 66 14.83 9.53 13.69
C GLU A 66 13.97 10.49 12.85
N GLU A 67 14.47 10.75 11.65
CA GLU A 67 13.77 11.64 10.73
C GLU A 67 12.35 11.13 10.47
N ALA A 68 11.47 12.06 10.13
CA ALA A 68 10.09 11.72 9.85
C ALA A 68 9.48 12.79 8.95
N GLY A 69 10.06 12.92 7.77
CA GLY A 69 9.57 13.89 6.80
C GLY A 69 9.23 13.23 5.47
N LYS A 70 10.15 12.38 5.02
CA LYS A 70 9.97 11.67 3.76
C LYS A 70 8.67 10.86 3.82
N PHE A 71 7.86 11.01 2.78
CA PHE A 71 6.59 10.30 2.71
C PHE A 71 6.79 8.90 2.13
N VAL A 72 7.38 8.03 2.94
CA VAL A 72 7.63 6.66 2.51
C VAL A 72 6.96 5.71 3.51
N PHE A 73 6.17 4.79 2.97
CA PHE A 73 5.48 3.81 3.79
C PHE A 73 5.37 2.47 3.07
N GLU A 74 5.75 1.42 3.79
CA GLU A 74 5.69 0.08 3.24
C GLU A 74 4.54 -0.72 3.86
N ILE A 75 4.03 -1.66 3.08
CA ILE A 75 2.93 -2.48 3.54
C ILE A 75 3.43 -3.91 3.78
N ILE A 76 3.30 -4.35 5.03
CA ILE A 76 3.74 -5.69 5.39
C ILE A 76 2.53 -6.59 5.55
N PRO A 77 2.46 -7.62 4.65
CA PRO A 77 1.35 -8.56 4.66
C PRO A 77 1.50 -9.54 5.84
N ALA A 78 0.35 -10.02 6.30
CA ALA A 78 0.33 -10.97 7.40
C ALA A 78 1.41 -12.03 7.18
N SER A 79 1.55 -12.43 5.92
CA SER A 79 2.53 -13.44 5.56
C SER A 79 3.93 -12.98 5.99
N TRP A 80 4.42 -11.96 5.31
CA TRP A 80 5.73 -11.42 5.60
C TRP A 80 6.71 -12.59 5.74
N ASP A 81 7.31 -12.96 4.62
CA ASP A 81 8.26 -14.06 4.60
C ASP A 81 9.28 -13.86 5.73
N GLN A 82 9.57 -14.97 6.41
CA GLN A 82 10.52 -14.93 7.51
C GLN A 82 11.79 -15.70 7.15
N ASN A 83 12.92 -15.09 7.43
CA ASN A 83 14.20 -15.71 7.13
C ASN A 83 14.30 -15.97 5.63
N ARG A 84 15.53 -15.97 5.14
CA ARG A 84 15.78 -16.19 3.73
C ARG A 84 15.28 -15.01 2.91
N MET A 85 16.15 -14.04 2.72
CA MET A 85 15.80 -12.85 1.95
C MET A 85 14.36 -12.43 2.23
N GLY A 86 14.00 -12.46 3.50
CA GLY A 86 12.66 -12.08 3.91
C GLY A 86 12.56 -10.57 4.10
N GLN A 87 11.47 -10.16 4.74
CA GLN A 87 11.23 -8.75 5.00
C GLN A 87 11.23 -7.97 3.68
N ASP A 88 10.22 -8.24 2.87
CA ASP A 88 10.09 -7.58 1.58
C ASP A 88 9.05 -6.46 1.70
N SER A 89 7.85 -6.85 2.11
CA SER A 89 6.77 -5.89 2.26
C SER A 89 6.60 -5.08 0.97
N TYR A 90 5.57 -4.25 0.97
CA TYR A 90 5.29 -3.41 -0.18
C TYR A 90 5.72 -1.97 0.07
N VAL A 91 6.95 -1.67 -0.31
CA VAL A 91 7.50 -0.35 -0.13
C VAL A 91 6.85 0.61 -1.14
N LEU A 92 5.91 1.39 -0.64
CA LEU A 92 5.20 2.35 -1.48
C LEU A 92 5.60 3.77 -1.07
N MET A 93 5.81 4.60 -2.08
CA MET A 93 6.19 5.99 -1.84
C MET A 93 5.32 6.95 -2.67
N ALA A 94 4.86 7.99 -2.01
CA ALA A 94 4.03 8.99 -2.66
C ALA A 94 4.80 10.30 -2.78
N SER A 95 4.63 10.95 -3.92
CA SER A 95 5.29 12.21 -4.18
C SER A 95 4.99 13.20 -3.07
N SER A 96 3.71 13.48 -2.90
CA SER A 96 3.27 14.41 -1.86
C SER A 96 2.80 13.64 -0.64
N GLN A 97 2.54 14.38 0.43
CA GLN A 97 2.08 13.79 1.67
C GLN A 97 0.57 13.53 1.61
N ALA A 98 -0.17 14.57 1.25
CA ALA A 98 -1.61 14.46 1.14
C ALA A 98 -1.97 13.16 0.42
N GLU A 99 -1.07 12.72 -0.44
CA GLU A 99 -1.28 11.49 -1.19
C GLU A 99 -1.03 10.28 -0.30
N MET A 100 0.08 10.32 0.42
CA MET A 100 0.44 9.23 1.31
C MET A 100 -0.56 9.12 2.47
N GLU A 101 -1.06 10.27 2.88
CA GLU A 101 -2.02 10.32 3.97
C GLU A 101 -3.35 9.69 3.54
N GLU A 102 -3.81 10.11 2.37
CA GLU A 102 -5.06 9.60 1.84
C GLU A 102 -4.99 8.08 1.68
N TRP A 103 -3.93 7.62 1.01
CA TRP A 103 -3.74 6.20 0.79
C TRP A 103 -3.72 5.51 2.16
N VAL A 104 -2.73 5.87 2.95
CA VAL A 104 -2.59 5.29 4.28
C VAL A 104 -3.95 5.30 4.98
N LYS A 105 -4.63 6.43 4.87
CA LYS A 105 -5.93 6.59 5.49
C LYS A 105 -6.83 5.42 5.07
N PHE A 106 -7.09 5.35 3.77
CA PHE A 106 -7.93 4.30 3.23
C PHE A 106 -7.38 2.91 3.59
N LEU A 107 -6.06 2.79 3.48
CA LEU A 107 -5.39 1.54 3.79
C LEU A 107 -5.65 1.18 5.26
N ARG A 108 -5.03 1.96 6.13
CA ARG A 108 -5.17 1.75 7.57
C ARG A 108 -6.65 1.66 7.95
N ARG A 109 -7.44 2.52 7.31
CA ARG A 109 -8.87 2.56 7.57
C ARG A 109 -9.47 1.16 7.36
N VAL A 110 -9.31 0.67 6.15
CA VAL A 110 -9.83 -0.64 5.80
C VAL A 110 -9.11 -1.72 6.60
N ALA A 111 -7.80 -1.53 6.73
CA ALA A 111 -6.97 -2.46 7.48
C ALA A 111 -7.57 -2.65 8.88
N GLY A 112 -8.13 -1.59 9.40
CA GLY A 112 -8.74 -1.62 10.73
C GLY A 112 -7.77 -2.19 11.75
N SER A 113 -6.79 -1.38 12.11
CA SER A 113 -5.78 -1.80 13.09
C SER A 113 -5.06 -0.57 13.65
N GLY A 114 -4.54 -0.74 14.85
CA GLY A 114 -3.82 0.33 15.52
C GLY A 114 -4.55 0.79 16.78
N PRO A 115 -4.07 1.92 17.35
CA PRO A 115 -4.67 2.47 18.55
C PRO A 115 -6.01 3.15 18.23
N SER A 116 -7.08 2.48 18.61
CA SER A 116 -8.42 3.00 18.37
C SER A 116 -8.68 3.10 16.86
N SER A 117 -9.95 3.30 16.53
CA SER A 117 -10.34 3.42 15.14
C SER A 117 -10.04 4.83 14.63
N GLY A 118 -9.15 4.89 13.65
CA GLY A 118 -8.77 6.16 13.06
C GLY A 118 -7.29 6.15 12.63
N GLY A 1 -21.42 -9.99 8.48
CA GLY A 1 -22.86 -9.91 8.35
C GLY A 1 -23.26 -8.85 7.33
N SER A 2 -22.99 -7.60 7.66
CA SER A 2 -23.31 -6.49 6.79
C SER A 2 -22.05 -5.99 6.09
N SER A 3 -22.23 -5.58 4.84
CA SER A 3 -21.12 -5.08 4.05
C SER A 3 -21.60 -4.66 2.67
N GLY A 4 -21.51 -3.36 2.41
CA GLY A 4 -21.94 -2.80 1.14
C GLY A 4 -20.78 -2.12 0.42
N SER A 5 -20.42 -2.67 -0.73
CA SER A 5 -19.34 -2.13 -1.52
C SER A 5 -19.64 -2.29 -3.02
N SER A 6 -18.92 -1.53 -3.82
CA SER A 6 -19.10 -1.58 -5.26
C SER A 6 -17.95 -0.84 -5.96
N GLY A 7 -17.14 -1.62 -6.67
CA GLY A 7 -16.01 -1.05 -7.38
C GLY A 7 -14.85 -0.75 -6.42
N PRO A 8 -13.83 -0.04 -6.97
CA PRO A 8 -12.66 0.32 -6.19
C PRO A 8 -12.99 1.47 -5.23
N ILE A 9 -11.99 1.84 -4.44
CA ILE A 9 -12.15 2.93 -3.49
C ILE A 9 -11.24 4.10 -3.89
N LYS A 10 -9.95 3.82 -3.89
CA LYS A 10 -8.97 4.84 -4.26
C LYS A 10 -8.10 4.33 -5.41
N MET A 11 -7.92 5.20 -6.39
CA MET A 11 -7.11 4.84 -7.55
C MET A 11 -6.12 5.96 -7.89
N GLY A 12 -4.85 5.59 -7.90
CA GLY A 12 -3.80 6.54 -8.21
C GLY A 12 -2.47 5.83 -8.47
N TRP A 13 -1.52 6.59 -9.02
CA TRP A 13 -0.21 6.04 -9.32
C TRP A 13 0.64 6.15 -8.05
N LEU A 14 1.25 5.02 -7.69
CA LEU A 14 2.09 4.98 -6.50
C LEU A 14 3.42 4.33 -6.86
N LYS A 15 4.46 4.73 -6.13
CA LYS A 15 5.79 4.19 -6.36
C LYS A 15 5.96 2.91 -5.55
N LYS A 16 6.57 1.92 -6.19
CA LYS A 16 6.80 0.64 -5.54
C LYS A 16 8.22 0.17 -5.84
N GLN A 17 9.01 0.06 -4.79
CA GLN A 17 10.39 -0.37 -4.92
C GLN A 17 10.49 -1.55 -5.89
N ARG A 18 11.66 -1.71 -6.48
CA ARG A 18 11.89 -2.78 -7.43
C ARG A 18 12.41 -4.02 -6.70
N SER A 19 12.64 -3.86 -5.41
CA SER A 19 13.14 -4.96 -4.59
C SER A 19 14.58 -5.27 -4.97
N ILE A 20 15.37 -5.62 -3.95
CA ILE A 20 16.76 -5.95 -4.16
C ILE A 20 17.53 -4.67 -4.50
N VAL A 21 17.18 -4.09 -5.63
CA VAL A 21 17.83 -2.87 -6.08
C VAL A 21 17.17 -1.67 -5.41
N LYS A 22 17.95 -0.61 -5.26
CA LYS A 22 17.45 0.61 -4.64
C LYS A 22 16.86 1.53 -5.71
N ASN A 23 15.66 1.16 -6.15
CA ASN A 23 14.97 1.93 -7.18
C ASN A 23 13.46 1.82 -6.95
N TRP A 24 12.77 2.89 -7.29
CA TRP A 24 11.32 2.93 -7.15
C TRP A 24 10.70 2.83 -8.54
N GLN A 25 9.60 2.09 -8.62
CA GLN A 25 8.91 1.91 -9.88
C GLN A 25 7.49 2.48 -9.78
N GLN A 26 7.29 3.58 -10.50
CA GLN A 26 5.99 4.24 -10.50
C GLN A 26 4.95 3.36 -11.20
N ARG A 27 4.16 2.68 -10.38
CA ARG A 27 3.13 1.80 -10.90
C ARG A 27 1.76 2.23 -10.40
N TYR A 28 0.73 1.79 -11.11
CA TYR A 28 -0.63 2.12 -10.74
C TYR A 28 -1.09 1.31 -9.54
N PHE A 29 -1.75 1.99 -8.61
CA PHE A 29 -2.25 1.34 -7.42
C PHE A 29 -3.72 1.70 -7.16
N VAL A 30 -4.55 0.68 -7.17
CA VAL A 30 -5.98 0.86 -6.95
C VAL A 30 -6.40 0.11 -5.68
N LEU A 31 -7.53 0.53 -5.13
CA LEU A 31 -8.06 -0.10 -3.93
C LEU A 31 -9.46 -0.63 -4.20
N ARG A 32 -9.72 -1.82 -3.69
CA ARG A 32 -11.02 -2.45 -3.87
C ARG A 32 -11.48 -3.10 -2.57
N ALA A 33 -12.70 -2.76 -2.17
CA ALA A 33 -13.26 -3.31 -0.95
C ALA A 33 -12.18 -3.37 0.12
N GLN A 34 -11.67 -4.56 0.35
CA GLN A 34 -10.63 -4.77 1.35
C GLN A 34 -9.43 -5.48 0.72
N GLN A 35 -8.81 -4.81 -0.24
CA GLN A 35 -7.66 -5.35 -0.93
C GLN A 35 -6.89 -4.25 -1.65
N LEU A 36 -5.59 -4.43 -1.74
CA LEU A 36 -4.74 -3.45 -2.40
C LEU A 36 -4.17 -4.07 -3.69
N TYR A 37 -4.54 -3.45 -4.80
CA TYR A 37 -4.10 -3.92 -6.10
C TYR A 37 -3.24 -2.87 -6.80
N TYR A 38 -2.48 -3.33 -7.79
CA TYR A 38 -1.61 -2.44 -8.54
C TYR A 38 -1.39 -2.96 -9.96
N TYR A 39 -1.55 -2.05 -10.92
CA TYR A 39 -1.38 -2.41 -12.32
C TYR A 39 -0.17 -1.69 -12.92
N LYS A 40 0.45 -2.35 -13.88
CA LYS A 40 1.61 -1.79 -14.54
C LYS A 40 1.24 -0.44 -15.16
N ASP A 41 0.08 -0.40 -15.79
CA ASP A 41 -0.40 0.82 -16.41
C ASP A 41 -1.90 0.70 -16.67
N GLU A 42 -2.51 1.83 -16.98
CA GLU A 42 -3.94 1.88 -17.23
C GLU A 42 -4.32 0.78 -18.24
N GLU A 43 -3.41 0.51 -19.16
CA GLU A 43 -3.64 -0.50 -20.17
C GLU A 43 -4.02 -1.82 -19.51
N ASP A 44 -3.13 -2.32 -18.68
CA ASP A 44 -3.37 -3.58 -17.99
C ASP A 44 -4.79 -3.58 -17.42
N THR A 45 -5.42 -4.74 -17.49
CA THR A 45 -6.77 -4.89 -16.99
C THR A 45 -6.79 -5.82 -15.77
N LYS A 46 -5.94 -6.83 -15.82
CA LYS A 46 -5.84 -7.79 -14.73
C LYS A 46 -4.94 -7.22 -13.63
N PRO A 47 -5.38 -7.45 -12.37
CA PRO A 47 -4.61 -6.97 -11.23
C PRO A 47 -3.37 -7.83 -10.99
N GLN A 48 -2.24 -7.17 -10.85
CA GLN A 48 -0.98 -7.86 -10.62
C GLN A 48 -0.96 -8.45 -9.21
N GLY A 49 -0.51 -7.65 -8.27
CA GLY A 49 -0.44 -8.08 -6.88
C GLY A 49 -1.74 -7.76 -6.13
N CYS A 50 -1.86 -8.36 -4.95
CA CYS A 50 -3.04 -8.15 -4.13
C CYS A 50 -2.63 -8.31 -2.67
N MET A 51 -2.95 -7.28 -1.89
CA MET A 51 -2.62 -7.28 -0.47
C MET A 51 -3.88 -7.14 0.37
N TYR A 52 -4.01 -8.06 1.33
CA TYR A 52 -5.17 -8.05 2.22
C TYR A 52 -5.04 -6.95 3.28
N LEU A 53 -5.84 -5.92 3.10
CA LEU A 53 -5.83 -4.80 4.03
C LEU A 53 -6.16 -5.30 5.43
N PRO A 54 -7.19 -6.19 5.49
CA PRO A 54 -7.61 -6.75 6.76
C PRO A 54 -6.62 -7.82 7.26
N GLY A 55 -5.37 -7.40 7.36
CA GLY A 55 -4.33 -8.30 7.81
C GLY A 55 -2.96 -7.87 7.29
N CYS A 56 -2.72 -6.56 7.38
CA CYS A 56 -1.46 -6.01 6.92
C CYS A 56 -0.93 -5.06 8.00
N THR A 57 0.31 -4.62 7.82
CA THR A 57 0.94 -3.72 8.76
C THR A 57 1.55 -2.53 8.03
N ILE A 58 0.90 -1.38 8.19
CA ILE A 58 1.38 -0.16 7.55
C ILE A 58 2.46 0.48 8.43
N LYS A 59 3.69 0.42 7.95
CA LYS A 59 4.81 0.99 8.66
C LYS A 59 5.44 2.10 7.83
N GLU A 60 5.59 3.26 8.45
CA GLU A 60 6.18 4.40 7.78
C GLU A 60 7.70 4.32 7.82
N ILE A 61 8.28 3.97 6.68
CA ILE A 61 9.72 3.85 6.58
C ILE A 61 10.36 5.24 6.70
N ALA A 62 11.20 5.38 7.73
CA ALA A 62 11.87 6.64 7.96
C ALA A 62 13.38 6.45 7.81
N THR A 63 14.04 7.50 7.35
CA THR A 63 15.47 7.46 7.15
C THR A 63 16.20 7.71 8.47
N ASN A 64 15.41 7.82 9.53
CA ASN A 64 15.96 8.05 10.86
C ASN A 64 14.82 8.33 11.85
N PRO A 65 15.18 8.31 13.16
CA PRO A 65 14.20 8.56 14.20
C PRO A 65 13.85 10.04 14.28
N GLU A 66 14.88 10.87 14.22
CA GLU A 66 14.69 12.30 14.29
C GLU A 66 14.14 12.83 12.97
N GLU A 67 14.69 12.31 11.88
CA GLU A 67 14.27 12.71 10.56
C GLU A 67 12.78 12.39 10.35
N ALA A 68 12.54 11.39 9.52
CA ALA A 68 11.19 10.97 9.23
C ALA A 68 10.37 12.17 8.74
N GLY A 69 10.37 12.36 7.43
CA GLY A 69 9.65 13.46 6.83
C GLY A 69 9.06 13.06 5.47
N LYS A 70 9.92 12.47 4.65
CA LYS A 70 9.50 12.03 3.33
C LYS A 70 8.29 11.11 3.46
N PHE A 71 7.38 11.24 2.50
CA PHE A 71 6.18 10.42 2.51
C PHE A 71 6.45 9.03 1.95
N VAL A 72 6.86 8.14 2.85
CA VAL A 72 7.17 6.77 2.47
C VAL A 72 6.58 5.81 3.50
N PHE A 73 6.12 4.67 3.01
CA PHE A 73 5.54 3.67 3.88
C PHE A 73 5.45 2.30 3.17
N GLU A 74 5.74 1.26 3.93
CA GLU A 74 5.70 -0.09 3.39
C GLU A 74 4.61 -0.90 4.07
N ILE A 75 3.98 -1.77 3.29
CA ILE A 75 2.91 -2.62 3.81
C ILE A 75 3.45 -4.03 4.01
N ILE A 76 3.21 -4.55 5.20
CA ILE A 76 3.65 -5.90 5.54
C ILE A 76 2.44 -6.83 5.64
N PRO A 77 2.48 -7.90 4.81
CA PRO A 77 1.40 -8.87 4.79
C PRO A 77 1.45 -9.77 6.02
N ALA A 78 0.31 -10.39 6.32
CA ALA A 78 0.21 -11.27 7.46
C ALA A 78 1.17 -12.45 7.28
N SER A 79 1.57 -13.02 8.40
CA SER A 79 2.49 -14.15 8.38
C SER A 79 3.76 -13.78 7.61
N TRP A 80 4.59 -12.98 8.27
CA TRP A 80 5.84 -12.55 7.67
C TRP A 80 6.63 -11.78 8.72
N ASP A 81 7.89 -11.53 8.40
CA ASP A 81 8.77 -10.81 9.31
C ASP A 81 9.20 -11.75 10.45
N GLN A 82 10.49 -12.02 10.50
CA GLN A 82 11.03 -12.89 11.53
C GLN A 82 12.52 -13.14 11.28
N ASN A 83 12.81 -13.61 10.07
CA ASN A 83 14.19 -13.89 9.70
C ASN A 83 15.03 -12.62 9.85
N ARG A 84 16.34 -12.79 9.74
CA ARG A 84 17.25 -11.67 9.86
C ARG A 84 18.01 -11.47 8.55
N MET A 85 17.26 -11.45 7.46
CA MET A 85 17.86 -11.26 6.15
C MET A 85 16.77 -11.00 5.09
N GLY A 86 16.40 -9.73 4.99
CA GLY A 86 15.39 -9.33 4.03
C GLY A 86 14.41 -8.33 4.66
N GLN A 87 13.30 -8.12 3.97
CA GLN A 87 12.28 -7.20 4.45
C GLN A 87 10.90 -7.85 4.37
N ASP A 88 10.56 -8.31 3.18
CA ASP A 88 9.27 -8.95 2.96
C ASP A 88 8.15 -7.96 3.26
N SER A 89 7.88 -7.10 2.29
CA SER A 89 6.83 -6.10 2.44
C SER A 89 6.65 -5.33 1.13
N TYR A 90 5.68 -4.42 1.14
CA TYR A 90 5.41 -3.61 -0.03
C TYR A 90 5.83 -2.16 0.20
N VAL A 91 7.07 -1.87 -0.19
CA VAL A 91 7.61 -0.53 -0.04
C VAL A 91 6.93 0.40 -1.03
N LEU A 92 5.96 1.15 -0.54
CA LEU A 92 5.22 2.08 -1.38
C LEU A 92 5.60 3.51 -0.99
N MET A 93 5.56 4.39 -1.98
CA MET A 93 5.89 5.79 -1.76
C MET A 93 4.95 6.71 -2.55
N ALA A 94 4.63 7.83 -1.93
CA ALA A 94 3.74 8.80 -2.55
C ALA A 94 4.52 10.09 -2.81
N SER A 95 4.16 10.75 -3.90
CA SER A 95 4.80 12.01 -4.27
C SER A 95 3.97 13.19 -3.75
N SER A 96 3.42 13.01 -2.57
CA SER A 96 2.61 14.06 -1.96
C SER A 96 2.11 13.59 -0.59
N GLN A 97 2.14 14.52 0.36
CA GLN A 97 1.69 14.22 1.71
C GLN A 97 0.20 13.86 1.70
N ALA A 98 -0.58 14.69 1.03
CA ALA A 98 -2.01 14.48 0.94
C ALA A 98 -2.27 13.13 0.27
N GLU A 99 -1.35 12.74 -0.59
CA GLU A 99 -1.48 11.47 -1.30
C GLU A 99 -1.17 10.31 -0.36
N MET A 100 -0.02 10.40 0.29
CA MET A 100 0.39 9.36 1.22
C MET A 100 -0.59 9.23 2.38
N GLU A 101 -1.15 10.38 2.77
CA GLU A 101 -2.11 10.41 3.86
C GLU A 101 -3.41 9.72 3.45
N GLU A 102 -3.91 10.12 2.30
CA GLU A 102 -5.14 9.55 1.78
C GLU A 102 -5.03 8.03 1.68
N TRP A 103 -3.95 7.59 1.05
CA TRP A 103 -3.71 6.17 0.88
C TRP A 103 -3.68 5.52 2.26
N VAL A 104 -2.64 5.87 3.02
CA VAL A 104 -2.48 5.34 4.36
C VAL A 104 -3.83 5.37 5.08
N LYS A 105 -4.50 6.52 4.96
CA LYS A 105 -5.79 6.69 5.59
C LYS A 105 -6.69 5.52 5.25
N PHE A 106 -6.94 5.35 3.96
CA PHE A 106 -7.77 4.26 3.49
C PHE A 106 -7.19 2.90 3.88
N LEU A 107 -5.91 2.74 3.60
CA LEU A 107 -5.21 1.50 3.92
C LEU A 107 -5.43 1.17 5.39
N ARG A 108 -4.84 2.01 6.24
CA ARG A 108 -4.96 1.82 7.69
C ARG A 108 -6.43 1.64 8.08
N ARG A 109 -7.26 2.49 7.51
CA ARG A 109 -8.69 2.44 7.79
C ARG A 109 -9.24 1.05 7.51
N VAL A 110 -9.29 0.72 6.22
CA VAL A 110 -9.79 -0.58 5.79
C VAL A 110 -9.14 -1.67 6.64
N ALA A 111 -7.82 -1.62 6.71
CA ALA A 111 -7.07 -2.60 7.48
C ALA A 111 -7.67 -2.70 8.88
N GLY A 112 -8.00 -1.55 9.43
CA GLY A 112 -8.59 -1.50 10.77
C GLY A 112 -8.06 -0.29 11.54
N SER A 113 -6.78 -0.34 11.85
CA SER A 113 -6.14 0.74 12.59
C SER A 113 -6.68 2.09 12.12
N GLY A 114 -7.54 2.67 12.95
CA GLY A 114 -8.14 3.95 12.63
C GLY A 114 -8.89 4.53 13.83
N PRO A 115 -9.72 5.56 13.55
CA PRO A 115 -10.50 6.21 14.59
C PRO A 115 -11.69 5.33 15.01
N SER A 116 -12.09 5.48 16.26
CA SER A 116 -13.20 4.72 16.80
C SER A 116 -14.48 5.07 16.04
N SER A 117 -15.44 4.16 16.13
CA SER A 117 -16.72 4.36 15.45
C SER A 117 -17.83 4.51 16.49
N GLY A 118 -18.38 5.72 16.56
CA GLY A 118 -19.45 6.00 17.50
C GLY A 118 -20.79 5.49 16.97
N GLY A 1 -24.57 -8.23 -0.06
CA GLY A 1 -24.13 -6.88 0.25
C GLY A 1 -23.14 -6.88 1.41
N SER A 2 -21.94 -7.38 1.13
CA SER A 2 -20.90 -7.44 2.14
C SER A 2 -19.97 -6.23 2.01
N SER A 3 -19.39 -6.10 0.83
CA SER A 3 -18.48 -4.99 0.56
C SER A 3 -18.40 -4.74 -0.94
N GLY A 4 -18.00 -3.52 -1.28
CA GLY A 4 -17.87 -3.13 -2.67
C GLY A 4 -19.21 -2.63 -3.23
N SER A 5 -19.41 -1.33 -3.09
CA SER A 5 -20.64 -0.71 -3.56
C SER A 5 -20.56 -0.49 -5.08
N SER A 6 -19.69 0.44 -5.47
CA SER A 6 -19.51 0.75 -6.88
C SER A 6 -18.06 1.18 -7.13
N GLY A 7 -17.54 0.73 -8.26
CA GLY A 7 -16.18 1.06 -8.64
C GLY A 7 -15.22 0.83 -7.46
N PRO A 8 -13.96 1.30 -7.66
CA PRO A 8 -12.93 1.15 -6.63
C PRO A 8 -13.15 2.15 -5.50
N ILE A 9 -12.17 2.23 -4.62
CA ILE A 9 -12.24 3.14 -3.49
C ILE A 9 -11.30 4.32 -3.74
N LYS A 10 -10.02 4.04 -3.71
CA LYS A 10 -9.01 5.07 -3.92
C LYS A 10 -8.03 4.61 -5.00
N MET A 11 -7.70 5.53 -5.89
CA MET A 11 -6.78 5.22 -6.97
C MET A 11 -5.68 6.28 -7.06
N GLY A 12 -4.48 5.81 -7.39
CA GLY A 12 -3.34 6.71 -7.51
C GLY A 12 -2.09 5.95 -7.93
N TRP A 13 -1.09 6.70 -8.37
CA TRP A 13 0.17 6.11 -8.81
C TRP A 13 1.16 6.19 -7.65
N LEU A 14 1.67 5.02 -7.28
CA LEU A 14 2.63 4.94 -6.19
C LEU A 14 3.91 4.26 -6.69
N LYS A 15 5.03 4.70 -6.14
CA LYS A 15 6.32 4.15 -6.51
C LYS A 15 6.65 2.97 -5.60
N LYS A 16 6.65 1.78 -6.21
CA LYS A 16 6.95 0.57 -5.47
C LYS A 16 8.43 0.21 -5.63
N GLN A 17 9.02 -0.27 -4.55
CA GLN A 17 10.43 -0.65 -4.57
C GLN A 17 10.59 -2.04 -5.17
N ARG A 18 11.51 -2.13 -6.12
CA ARG A 18 11.78 -3.40 -6.79
C ARG A 18 12.62 -4.30 -5.87
N SER A 19 12.65 -5.58 -6.22
CA SER A 19 13.39 -6.56 -5.46
C SER A 19 14.89 -6.38 -5.71
N ILE A 20 15.66 -6.44 -4.63
CA ILE A 20 17.11 -6.29 -4.73
C ILE A 20 17.44 -4.87 -5.18
N VAL A 21 17.40 -4.67 -6.49
CA VAL A 21 17.69 -3.37 -7.06
C VAL A 21 16.88 -2.30 -6.33
N LYS A 22 17.59 -1.36 -5.75
CA LYS A 22 16.95 -0.27 -5.02
C LYS A 22 16.46 0.79 -6.02
N ASN A 23 15.45 0.40 -6.78
CA ASN A 23 14.88 1.30 -7.77
C ASN A 23 13.36 1.42 -7.53
N TRP A 24 12.88 2.63 -7.68
CA TRP A 24 11.46 2.90 -7.48
C TRP A 24 10.75 2.69 -8.83
N GLN A 25 9.56 2.09 -8.74
CA GLN A 25 8.78 1.83 -9.93
C GLN A 25 7.40 2.48 -9.82
N GLN A 26 7.18 3.47 -10.67
CA GLN A 26 5.92 4.19 -10.68
C GLN A 26 4.81 3.31 -11.26
N ARG A 27 3.96 2.82 -10.38
CA ARG A 27 2.86 1.96 -10.79
C ARG A 27 1.52 2.58 -10.36
N TYR A 28 0.45 2.02 -10.91
CA TYR A 28 -0.88 2.50 -10.58
C TYR A 28 -1.56 1.59 -9.56
N PHE A 29 -1.64 2.09 -8.33
CA PHE A 29 -2.25 1.34 -7.25
C PHE A 29 -3.72 1.74 -7.08
N VAL A 30 -4.56 0.72 -6.91
CA VAL A 30 -5.98 0.96 -6.73
C VAL A 30 -6.46 0.22 -5.47
N LEU A 31 -7.42 0.84 -4.80
CA LEU A 31 -7.97 0.26 -3.59
C LEU A 31 -9.40 -0.21 -3.85
N ARG A 32 -9.66 -1.45 -3.46
CA ARG A 32 -10.98 -2.03 -3.65
C ARG A 32 -11.26 -3.07 -2.57
N ALA A 33 -12.52 -3.11 -2.14
CA ALA A 33 -12.93 -4.05 -1.12
C ALA A 33 -11.88 -4.07 0.00
N GLN A 34 -11.62 -5.27 0.49
CA GLN A 34 -10.64 -5.45 1.55
C GLN A 34 -9.34 -6.03 0.98
N GLN A 35 -8.92 -5.47 -0.14
CA GLN A 35 -7.70 -5.91 -0.80
C GLN A 35 -7.08 -4.76 -1.60
N LEU A 36 -5.76 -4.71 -1.57
CA LEU A 36 -5.03 -3.68 -2.28
C LEU A 36 -4.51 -4.25 -3.60
N TYR A 37 -4.80 -3.54 -4.68
CA TYR A 37 -4.35 -3.96 -6.00
C TYR A 37 -3.50 -2.89 -6.67
N TYR A 38 -2.78 -3.30 -7.69
CA TYR A 38 -1.92 -2.38 -8.42
C TYR A 38 -1.58 -2.93 -9.81
N TYR A 39 -1.73 -2.08 -10.80
CA TYR A 39 -1.44 -2.46 -12.18
C TYR A 39 -0.29 -1.62 -12.75
N LYS A 40 0.43 -2.25 -13.67
CA LYS A 40 1.56 -1.58 -14.31
C LYS A 40 1.09 -0.25 -14.90
N ASP A 41 -0.20 -0.19 -15.20
CA ASP A 41 -0.78 1.01 -15.77
C ASP A 41 -2.30 0.93 -15.69
N GLU A 42 -2.96 1.90 -16.31
CA GLU A 42 -4.40 1.94 -16.31
C GLU A 42 -4.95 1.47 -17.66
N GLU A 43 -4.37 0.39 -18.16
CA GLU A 43 -4.78 -0.16 -19.44
C GLU A 43 -4.84 -1.69 -19.36
N ASP A 44 -5.02 -2.18 -18.14
CA ASP A 44 -5.10 -3.61 -17.92
C ASP A 44 -6.45 -3.95 -17.28
N THR A 45 -6.61 -5.23 -16.95
CA THR A 45 -7.84 -5.70 -16.35
C THR A 45 -7.54 -6.47 -15.07
N LYS A 46 -6.57 -7.36 -15.18
CA LYS A 46 -6.18 -8.18 -14.03
C LYS A 46 -5.08 -7.46 -13.24
N PRO A 47 -5.20 -7.54 -11.90
CA PRO A 47 -4.23 -6.91 -11.02
C PRO A 47 -2.92 -7.69 -10.99
N GLN A 48 -1.84 -6.96 -10.77
CA GLN A 48 -0.52 -7.57 -10.71
C GLN A 48 -0.30 -8.23 -9.35
N GLY A 49 -0.64 -7.47 -8.30
CA GLY A 49 -0.48 -7.97 -6.94
C GLY A 49 -1.77 -7.80 -6.15
N CYS A 50 -1.78 -8.38 -4.96
CA CYS A 50 -2.95 -8.30 -4.09
C CYS A 50 -2.46 -8.36 -2.64
N MET A 51 -2.90 -7.39 -1.86
CA MET A 51 -2.53 -7.31 -0.46
C MET A 51 -3.77 -7.37 0.44
N TYR A 52 -3.59 -8.01 1.59
CA TYR A 52 -4.68 -8.14 2.55
C TYR A 52 -4.67 -6.98 3.55
N LEU A 53 -5.63 -6.09 3.37
CA LEU A 53 -5.74 -4.94 4.25
C LEU A 53 -6.05 -5.41 5.67
N PRO A 54 -7.00 -6.38 5.76
CA PRO A 54 -7.39 -6.93 7.05
C PRO A 54 -6.32 -7.88 7.59
N GLY A 55 -5.16 -7.30 7.89
CA GLY A 55 -4.06 -8.08 8.42
C GLY A 55 -2.73 -7.64 7.79
N CYS A 56 -2.57 -6.33 7.68
CA CYS A 56 -1.36 -5.78 7.10
C CYS A 56 -0.79 -4.74 8.07
N THR A 57 0.49 -4.44 7.90
CA THR A 57 1.15 -3.48 8.75
C THR A 57 1.67 -2.30 7.92
N ILE A 58 1.05 -1.15 8.15
CA ILE A 58 1.43 0.06 7.44
C ILE A 58 2.60 0.73 8.16
N LYS A 59 3.79 0.48 7.64
CA LYS A 59 5.00 1.06 8.24
C LYS A 59 5.32 2.39 7.53
N GLU A 60 5.58 3.39 8.35
CA GLU A 60 5.90 4.71 7.83
C GLU A 60 7.42 4.89 7.74
N ILE A 61 7.97 4.41 6.64
CA ILE A 61 9.41 4.52 6.42
C ILE A 61 9.79 5.99 6.22
N ALA A 62 10.83 6.40 6.93
CA ALA A 62 11.30 7.76 6.84
C ALA A 62 12.70 7.77 6.21
N THR A 63 13.02 8.90 5.59
CA THR A 63 14.31 9.06 4.95
C THR A 63 15.41 9.27 5.99
N ASN A 64 14.98 9.31 7.25
CA ASN A 64 15.92 9.51 8.34
C ASN A 64 15.14 9.70 9.64
N PRO A 65 15.88 9.60 10.78
CA PRO A 65 15.27 9.77 12.08
C PRO A 65 14.96 11.24 12.36
N GLU A 66 15.78 12.10 11.79
CA GLU A 66 15.61 13.53 11.97
C GLU A 66 14.71 14.10 10.87
N GLU A 67 15.20 14.02 9.65
CA GLU A 67 14.44 14.53 8.51
C GLU A 67 12.95 14.18 8.66
N ALA A 68 12.12 15.17 8.37
CA ALA A 68 10.68 14.99 8.46
C ALA A 68 10.30 13.64 7.86
N GLY A 69 9.41 12.94 8.54
CA GLY A 69 8.95 11.64 8.08
C GLY A 69 8.55 11.70 6.60
N LYS A 70 9.51 11.38 5.75
CA LYS A 70 9.27 11.39 4.32
C LYS A 70 8.03 10.56 4.01
N PHE A 71 7.36 10.94 2.93
CA PHE A 71 6.15 10.25 2.51
C PHE A 71 6.48 8.88 1.90
N VAL A 72 6.95 7.99 2.74
CA VAL A 72 7.30 6.65 2.31
C VAL A 72 6.81 5.63 3.34
N PHE A 73 5.98 4.71 2.86
CA PHE A 73 5.43 3.67 3.72
C PHE A 73 5.44 2.32 3.01
N GLU A 74 5.75 1.29 3.79
CA GLU A 74 5.78 -0.06 3.25
C GLU A 74 4.70 -0.92 3.89
N ILE A 75 3.97 -1.63 3.03
CA ILE A 75 2.89 -2.49 3.50
C ILE A 75 3.44 -3.89 3.77
N ILE A 76 3.19 -4.36 4.99
CA ILE A 76 3.66 -5.68 5.39
C ILE A 76 2.47 -6.62 5.50
N PRO A 77 2.54 -7.73 4.71
CA PRO A 77 1.47 -8.72 4.71
C PRO A 77 1.51 -9.57 5.98
N ALA A 78 0.97 -9.02 7.06
CA ALA A 78 0.94 -9.72 8.32
C ALA A 78 2.33 -10.29 8.62
N SER A 79 2.40 -11.07 9.68
CA SER A 79 3.65 -11.69 10.08
C SER A 79 4.41 -12.19 8.84
N TRP A 80 5.54 -11.55 8.58
CA TRP A 80 6.36 -11.91 7.43
C TRP A 80 7.77 -12.22 7.95
N ASP A 81 8.08 -13.51 7.98
CA ASP A 81 9.39 -13.95 8.44
C ASP A 81 10.07 -14.74 7.32
N GLN A 82 10.07 -14.16 6.13
CA GLN A 82 10.68 -14.80 4.98
C GLN A 82 10.33 -16.29 4.96
N ASN A 83 11.27 -17.09 5.44
CA ASN A 83 11.08 -18.52 5.47
C ASN A 83 11.07 -19.07 4.04
N ARG A 84 10.03 -18.69 3.30
CA ARG A 84 9.89 -19.13 1.93
C ARG A 84 8.63 -18.54 1.31
N MET A 85 8.40 -17.26 1.60
CA MET A 85 7.23 -16.58 1.09
C MET A 85 7.55 -15.10 0.78
N GLY A 86 7.11 -14.67 -0.39
CA GLY A 86 7.35 -13.30 -0.82
C GLY A 86 8.83 -12.95 -0.74
N GLN A 87 9.16 -11.79 -1.30
CA GLN A 87 10.54 -11.34 -1.31
C GLN A 87 10.76 -10.29 -0.22
N ASP A 88 9.71 -9.52 0.03
CA ASP A 88 9.76 -8.48 1.04
C ASP A 88 8.45 -7.71 1.05
N SER A 89 8.31 -6.84 2.05
CA SER A 89 7.11 -6.04 2.18
C SER A 89 6.89 -5.19 0.92
N TYR A 90 5.80 -4.44 0.92
CA TYR A 90 5.48 -3.59 -0.20
C TYR A 90 5.91 -2.14 0.06
N VAL A 91 7.13 -1.83 -0.34
CA VAL A 91 7.65 -0.49 -0.16
C VAL A 91 7.01 0.45 -1.17
N LEU A 92 6.02 1.18 -0.70
CA LEU A 92 5.31 2.13 -1.55
C LEU A 92 5.67 3.56 -1.12
N MET A 93 5.88 4.40 -2.12
CA MET A 93 6.23 5.78 -1.86
C MET A 93 5.28 6.73 -2.61
N ALA A 94 4.89 7.79 -1.91
CA ALA A 94 3.99 8.77 -2.49
C ALA A 94 4.77 10.04 -2.81
N SER A 95 4.46 10.62 -3.98
CA SER A 95 5.13 11.83 -4.40
C SER A 95 4.88 12.96 -3.40
N SER A 96 3.60 13.13 -3.07
CA SER A 96 3.22 14.17 -2.13
C SER A 96 2.77 13.53 -0.81
N GLN A 97 2.31 14.37 0.10
CA GLN A 97 1.86 13.91 1.40
C GLN A 97 0.34 13.66 1.37
N ALA A 98 -0.38 14.66 0.91
CA ALA A 98 -1.83 14.55 0.83
C ALA A 98 -2.21 13.24 0.16
N GLU A 99 -1.28 12.73 -0.65
CA GLU A 99 -1.50 11.48 -1.35
C GLU A 99 -1.31 10.30 -0.40
N MET A 100 -0.15 10.28 0.24
CA MET A 100 0.18 9.22 1.18
C MET A 100 -0.88 9.11 2.28
N GLU A 101 -1.36 10.28 2.71
CA GLU A 101 -2.37 10.33 3.75
C GLU A 101 -3.64 9.61 3.29
N GLU A 102 -4.15 10.05 2.14
CA GLU A 102 -5.35 9.45 1.59
C GLU A 102 -5.17 7.95 1.40
N TRP A 103 -3.99 7.59 0.93
CA TRP A 103 -3.68 6.18 0.70
C TRP A 103 -3.73 5.45 2.05
N VAL A 104 -2.83 5.85 2.93
CA VAL A 104 -2.77 5.25 4.25
C VAL A 104 -4.15 5.28 4.89
N LYS A 105 -4.79 6.45 4.79
CA LYS A 105 -6.11 6.62 5.35
C LYS A 105 -6.96 5.38 5.04
N PHE A 106 -7.20 5.18 3.75
CA PHE A 106 -7.99 4.05 3.30
C PHE A 106 -7.35 2.73 3.73
N LEU A 107 -6.10 2.56 3.33
CA LEU A 107 -5.37 1.35 3.66
C LEU A 107 -5.63 0.98 5.12
N ARG A 108 -5.14 1.83 6.01
CA ARG A 108 -5.33 1.60 7.44
C ARG A 108 -6.81 1.40 7.76
N ARG A 109 -7.62 2.32 7.27
CA ARG A 109 -9.05 2.26 7.51
C ARG A 109 -9.55 0.82 7.35
N VAL A 110 -9.56 0.36 6.10
CA VAL A 110 -10.01 -0.99 5.81
C VAL A 110 -9.29 -1.98 6.73
N ALA A 111 -7.97 -1.87 6.73
CA ALA A 111 -7.15 -2.75 7.56
C ALA A 111 -7.68 -2.72 8.99
N GLY A 112 -8.31 -1.61 9.35
CA GLY A 112 -8.86 -1.45 10.68
C GLY A 112 -7.77 -1.49 11.74
N SER A 113 -7.18 -0.33 11.99
CA SER A 113 -6.12 -0.22 12.97
C SER A 113 -5.98 1.23 13.43
N GLY A 114 -6.42 1.47 14.67
CA GLY A 114 -6.35 2.80 15.24
C GLY A 114 -7.75 3.38 15.46
N PRO A 115 -7.79 4.67 15.85
CA PRO A 115 -9.05 5.36 16.09
C PRO A 115 -9.76 5.68 14.78
N SER A 116 -11.07 5.55 14.80
CA SER A 116 -11.87 5.84 13.62
C SER A 116 -13.12 6.63 14.02
N SER A 117 -13.22 7.83 13.46
CA SER A 117 -14.36 8.69 13.74
C SER A 117 -15.66 7.97 13.43
N GLY A 118 -16.49 7.84 14.46
CA GLY A 118 -17.76 7.17 14.32
C GLY A 118 -18.54 7.71 13.12
N GLY A 1 -23.74 7.19 5.04
CA GLY A 1 -23.56 5.91 5.72
C GLY A 1 -24.44 4.83 5.09
N SER A 2 -24.05 4.43 3.88
CA SER A 2 -24.78 3.40 3.16
C SER A 2 -23.82 2.55 2.33
N SER A 3 -24.25 1.33 2.07
CA SER A 3 -23.44 0.41 1.28
C SER A 3 -24.05 0.21 -0.10
N GLY A 4 -23.59 1.01 -1.06
CA GLY A 4 -24.09 0.93 -2.42
C GLY A 4 -23.20 1.73 -3.37
N SER A 5 -22.23 1.04 -3.94
CA SER A 5 -21.31 1.67 -4.88
C SER A 5 -20.35 0.63 -5.45
N SER A 6 -20.75 0.07 -6.58
CA SER A 6 -19.94 -0.93 -7.25
C SER A 6 -18.72 -0.28 -7.89
N GLY A 7 -17.56 -0.89 -7.66
CA GLY A 7 -16.32 -0.38 -8.21
C GLY A 7 -15.27 -0.19 -7.11
N PRO A 8 -14.14 0.45 -7.50
CA PRO A 8 -13.07 0.71 -6.57
C PRO A 8 -13.43 1.83 -5.60
N ILE A 9 -12.42 2.26 -4.84
CA ILE A 9 -12.62 3.34 -3.88
C ILE A 9 -11.62 4.45 -4.15
N LYS A 10 -10.34 4.10 -4.06
CA LYS A 10 -9.28 5.06 -4.29
C LYS A 10 -8.33 4.51 -5.35
N MET A 11 -8.11 5.31 -6.38
CA MET A 11 -7.21 4.91 -7.46
C MET A 11 -6.18 6.00 -7.75
N GLY A 12 -4.99 5.57 -8.13
CA GLY A 12 -3.92 6.48 -8.44
C GLY A 12 -2.63 5.74 -8.77
N TRP A 13 -1.50 6.40 -8.53
CA TRP A 13 -0.21 5.81 -8.80
C TRP A 13 0.60 5.83 -7.50
N LEU A 14 1.56 4.92 -7.42
CA LEU A 14 2.40 4.82 -6.25
C LEU A 14 3.73 4.18 -6.63
N LYS A 15 4.80 4.71 -6.05
CA LYS A 15 6.14 4.21 -6.33
C LYS A 15 6.39 2.97 -5.47
N LYS A 16 6.43 1.83 -6.14
CA LYS A 16 6.68 0.56 -5.46
C LYS A 16 8.13 0.15 -5.66
N GLN A 17 8.81 -0.07 -4.54
CA GLN A 17 10.21 -0.48 -4.58
C GLN A 17 10.35 -1.81 -5.32
N ARG A 18 11.43 -1.91 -6.08
CA ARG A 18 11.71 -3.11 -6.84
C ARG A 18 12.43 -4.14 -5.97
N SER A 19 12.42 -5.38 -6.44
CA SER A 19 13.07 -6.46 -5.72
C SER A 19 14.59 -6.35 -5.86
N ILE A 20 15.27 -6.52 -4.74
CA ILE A 20 16.72 -6.44 -4.73
C ILE A 20 17.15 -5.00 -5.04
N VAL A 21 17.16 -4.69 -6.33
CA VAL A 21 17.54 -3.36 -6.77
C VAL A 21 16.75 -2.31 -5.98
N LYS A 22 17.50 -1.43 -5.33
CA LYS A 22 16.88 -0.37 -4.54
C LYS A 22 16.45 0.76 -5.47
N ASN A 23 15.39 0.50 -6.21
CA ASN A 23 14.86 1.50 -7.14
C ASN A 23 13.33 1.52 -7.04
N TRP A 24 12.80 2.73 -6.99
CA TRP A 24 11.36 2.91 -6.90
C TRP A 24 10.79 2.91 -8.32
N GLN A 25 9.70 2.18 -8.48
CA GLN A 25 9.05 2.08 -9.77
C GLN A 25 7.62 2.63 -9.70
N GLN A 26 7.38 3.68 -10.48
CA GLN A 26 6.07 4.30 -10.49
C GLN A 26 5.05 3.36 -11.15
N ARG A 27 4.15 2.84 -10.33
CA ARG A 27 3.13 1.94 -10.81
C ARG A 27 1.74 2.46 -10.44
N TYR A 28 0.72 1.73 -10.88
CA TYR A 28 -0.65 2.11 -10.59
C TYR A 28 -1.22 1.30 -9.44
N PHE A 29 -1.86 2.00 -8.52
CA PHE A 29 -2.45 1.35 -7.36
C PHE A 29 -3.94 1.70 -7.23
N VAL A 30 -4.74 0.68 -7.01
CA VAL A 30 -6.17 0.87 -6.86
C VAL A 30 -6.65 0.19 -5.58
N LEU A 31 -7.60 0.84 -4.93
CA LEU A 31 -8.15 0.31 -3.69
C LEU A 31 -9.64 0.01 -3.88
N ARG A 32 -9.95 -1.28 -3.82
CA ARG A 32 -11.33 -1.71 -3.99
C ARG A 32 -12.01 -1.85 -2.63
N ALA A 33 -11.62 -2.91 -1.91
CA ALA A 33 -12.18 -3.17 -0.60
C ALA A 33 -11.45 -4.35 0.03
N GLN A 34 -11.02 -4.15 1.26
CA GLN A 34 -10.30 -5.19 1.99
C GLN A 34 -9.30 -5.89 1.07
N GLN A 35 -8.79 -5.13 0.11
CA GLN A 35 -7.83 -5.66 -0.84
C GLN A 35 -7.12 -4.52 -1.57
N LEU A 36 -5.82 -4.68 -1.71
CA LEU A 36 -5.01 -3.67 -2.39
C LEU A 36 -4.53 -4.22 -3.72
N TYR A 37 -4.87 -3.51 -4.79
CA TYR A 37 -4.46 -3.92 -6.13
C TYR A 37 -3.55 -2.88 -6.77
N TYR A 38 -2.79 -3.34 -7.76
CA TYR A 38 -1.87 -2.46 -8.46
C TYR A 38 -1.57 -2.99 -9.87
N TYR A 39 -1.72 -2.10 -10.84
CA TYR A 39 -1.46 -2.47 -12.23
C TYR A 39 -0.14 -1.90 -12.71
N LYS A 40 0.50 -2.64 -13.61
CA LYS A 40 1.78 -2.23 -14.15
C LYS A 40 1.65 -0.82 -14.74
N ASP A 41 0.59 -0.65 -15.53
CA ASP A 41 0.34 0.64 -16.15
C ASP A 41 -1.16 0.81 -16.37
N GLU A 42 -1.52 1.91 -17.01
CA GLU A 42 -2.91 2.21 -17.29
C GLU A 42 -3.27 1.77 -18.72
N GLU A 43 -2.83 0.58 -19.06
CA GLU A 43 -3.09 0.03 -20.37
C GLU A 43 -3.76 -1.34 -20.27
N ASP A 44 -3.07 -2.25 -19.59
CA ASP A 44 -3.58 -3.59 -19.41
C ASP A 44 -4.93 -3.53 -18.70
N THR A 45 -5.62 -4.66 -18.70
CA THR A 45 -6.93 -4.74 -18.06
C THR A 45 -6.95 -5.90 -17.06
N LYS A 46 -5.95 -5.92 -16.19
CA LYS A 46 -5.86 -6.96 -15.19
C LYS A 46 -4.85 -6.54 -14.12
N PRO A 47 -5.18 -6.88 -12.84
CA PRO A 47 -4.32 -6.55 -11.73
C PRO A 47 -3.09 -7.45 -11.70
N GLN A 48 -2.16 -7.10 -10.80
CA GLN A 48 -0.94 -7.87 -10.67
C GLN A 48 -0.89 -8.56 -9.30
N GLY A 49 -0.68 -7.75 -8.27
CA GLY A 49 -0.61 -8.27 -6.91
C GLY A 49 -1.91 -7.97 -6.15
N CYS A 50 -2.01 -8.55 -4.97
CA CYS A 50 -3.18 -8.35 -4.13
C CYS A 50 -2.75 -8.45 -2.66
N MET A 51 -2.94 -7.36 -1.94
CA MET A 51 -2.59 -7.32 -0.53
C MET A 51 -3.83 -7.20 0.35
N TYR A 52 -3.97 -8.15 1.26
CA TYR A 52 -5.11 -8.16 2.16
C TYR A 52 -4.99 -7.05 3.20
N LEU A 53 -5.82 -6.05 3.06
CA LEU A 53 -5.82 -4.92 3.97
C LEU A 53 -6.09 -5.42 5.39
N PRO A 54 -7.09 -6.34 5.49
CA PRO A 54 -7.46 -6.92 6.78
C PRO A 54 -6.42 -7.93 7.25
N GLY A 55 -5.18 -7.47 7.35
CA GLY A 55 -4.09 -8.32 7.79
C GLY A 55 -2.75 -7.83 7.23
N CYS A 56 -2.57 -6.52 7.30
CA CYS A 56 -1.34 -5.90 6.81
C CYS A 56 -0.88 -4.87 7.84
N THR A 57 0.33 -4.38 7.62
CA THR A 57 0.90 -3.38 8.52
C THR A 57 1.45 -2.20 7.72
N ILE A 58 0.78 -1.07 7.85
CA ILE A 58 1.19 0.14 7.15
C ILE A 58 2.17 0.91 8.02
N LYS A 59 3.45 0.80 7.68
CA LYS A 59 4.49 1.49 8.42
C LYS A 59 5.03 2.64 7.58
N GLU A 60 5.46 3.69 8.26
CA GLU A 60 6.00 4.85 7.59
C GLU A 60 7.53 4.76 7.50
N ILE A 61 8.03 4.86 6.28
CA ILE A 61 9.46 4.78 6.04
C ILE A 61 10.00 6.19 5.78
N ALA A 62 11.24 6.40 6.18
CA ALA A 62 11.88 7.69 6.00
C ALA A 62 13.11 7.52 5.10
N THR A 63 13.46 8.60 4.42
CA THR A 63 14.60 8.57 3.52
C THR A 63 15.82 9.20 4.20
N ASN A 64 16.96 8.55 4.02
CA ASN A 64 18.19 9.02 4.60
C ASN A 64 18.12 8.89 6.12
N PRO A 65 19.30 9.07 6.77
CA PRO A 65 19.37 8.97 8.22
C PRO A 65 18.80 10.22 8.88
N GLU A 66 18.69 11.28 8.08
CA GLU A 66 18.16 12.53 8.58
C GLU A 66 17.82 13.47 7.41
N GLU A 67 16.64 13.28 6.85
CA GLU A 67 16.20 14.09 5.74
C GLU A 67 14.83 14.70 6.03
N ALA A 68 14.67 15.17 7.25
CA ALA A 68 13.42 15.78 7.67
C ALA A 68 12.26 14.86 7.28
N GLY A 69 12.35 13.61 7.76
CA GLY A 69 11.32 12.63 7.47
C GLY A 69 11.12 12.46 5.96
N LYS A 70 10.04 11.80 5.61
CA LYS A 70 9.72 11.56 4.21
C LYS A 70 8.35 10.90 4.10
N PHE A 71 7.72 11.12 2.96
CA PHE A 71 6.39 10.55 2.72
C PHE A 71 6.51 9.16 2.09
N VAL A 72 7.06 8.23 2.87
CA VAL A 72 7.23 6.87 2.40
C VAL A 72 6.64 5.90 3.43
N PHE A 73 6.18 4.77 2.93
CA PHE A 73 5.59 3.76 3.81
C PHE A 73 5.59 2.39 3.12
N GLU A 74 5.76 1.36 3.93
CA GLU A 74 5.79 0.00 3.42
C GLU A 74 4.64 -0.81 4.04
N ILE A 75 4.06 -1.67 3.20
CA ILE A 75 2.95 -2.50 3.66
C ILE A 75 3.45 -3.93 3.86
N ILE A 76 3.28 -4.41 5.08
CA ILE A 76 3.71 -5.76 5.43
C ILE A 76 2.48 -6.67 5.54
N PRO A 77 2.55 -7.81 4.80
CA PRO A 77 1.46 -8.77 4.80
C PRO A 77 1.43 -9.57 6.11
N ALA A 78 0.34 -10.29 6.30
CA ALA A 78 0.18 -11.11 7.49
C ALA A 78 1.22 -12.24 7.48
N SER A 79 1.03 -13.16 6.54
CA SER A 79 1.94 -14.29 6.42
C SER A 79 3.36 -13.80 6.17
N TRP A 80 4.05 -13.51 7.26
CA TRP A 80 5.42 -13.03 7.18
C TRP A 80 5.87 -12.66 8.58
N ASP A 81 5.87 -13.66 9.46
CA ASP A 81 6.27 -13.45 10.84
C ASP A 81 7.42 -14.41 11.17
N GLN A 82 7.19 -15.68 10.87
CA GLN A 82 8.19 -16.70 11.12
C GLN A 82 9.43 -16.46 10.26
N ASN A 83 10.31 -15.61 10.76
CA ASN A 83 11.54 -15.29 10.04
C ASN A 83 12.45 -14.48 10.95
N ARG A 84 13.75 -14.76 10.83
CA ARG A 84 14.74 -14.07 11.63
C ARG A 84 15.42 -12.97 10.80
N MET A 85 14.60 -12.24 10.05
CA MET A 85 15.10 -11.17 9.21
C MET A 85 14.11 -10.00 9.15
N GLY A 86 12.94 -10.30 8.61
CA GLY A 86 11.90 -9.30 8.49
C GLY A 86 12.34 -8.16 7.56
N GLN A 87 11.72 -8.12 6.39
CA GLN A 87 12.04 -7.09 5.42
C GLN A 87 11.03 -7.12 4.26
N ASP A 88 10.89 -8.30 3.67
CA ASP A 88 9.96 -8.48 2.56
C ASP A 88 8.65 -7.75 2.89
N SER A 89 8.23 -6.93 1.94
CA SER A 89 7.00 -6.18 2.10
C SER A 89 6.77 -5.29 0.88
N TYR A 90 5.72 -4.47 0.98
CA TYR A 90 5.38 -3.57 -0.11
C TYR A 90 5.84 -2.14 0.19
N VAL A 91 7.05 -1.84 -0.25
CA VAL A 91 7.62 -0.52 -0.03
C VAL A 91 7.04 0.45 -1.06
N LEU A 92 6.03 1.20 -0.63
CA LEU A 92 5.38 2.16 -1.49
C LEU A 92 5.81 3.58 -1.08
N MET A 93 5.81 4.47 -2.06
CA MET A 93 6.19 5.85 -1.81
C MET A 93 5.30 6.82 -2.58
N ALA A 94 4.91 7.88 -1.91
CA ALA A 94 4.05 8.88 -2.52
C ALA A 94 4.87 10.15 -2.80
N SER A 95 4.31 11.01 -3.64
CA SER A 95 4.98 12.25 -4.00
C SER A 95 4.73 13.30 -2.91
N SER A 96 3.46 13.47 -2.58
CA SER A 96 3.07 14.43 -1.56
C SER A 96 2.46 13.71 -0.36
N GLN A 97 2.44 14.42 0.76
CA GLN A 97 1.89 13.85 1.99
C GLN A 97 0.39 13.61 1.82
N ALA A 98 -0.30 14.63 1.35
CA ALA A 98 -1.73 14.54 1.15
C ALA A 98 -2.06 13.21 0.44
N GLU A 99 -1.14 12.80 -0.41
CA GLU A 99 -1.32 11.56 -1.15
C GLU A 99 -1.12 10.36 -0.22
N MET A 100 0.02 10.34 0.44
CA MET A 100 0.34 9.26 1.37
C MET A 100 -0.74 9.13 2.45
N GLU A 101 -1.21 10.28 2.90
CA GLU A 101 -2.24 10.31 3.94
C GLU A 101 -3.52 9.64 3.44
N GLU A 102 -3.86 9.94 2.19
CA GLU A 102 -5.06 9.38 1.59
C GLU A 102 -4.92 7.86 1.49
N TRP A 103 -3.88 7.43 0.80
CA TRP A 103 -3.63 6.01 0.63
C TRP A 103 -3.62 5.35 2.00
N VAL A 104 -2.60 5.70 2.79
CA VAL A 104 -2.47 5.15 4.13
C VAL A 104 -3.84 5.12 4.80
N LYS A 105 -4.50 6.27 4.77
CA LYS A 105 -5.83 6.38 5.38
C LYS A 105 -6.67 5.17 4.97
N PHE A 106 -6.95 5.09 3.68
CA PHE A 106 -7.75 3.99 3.15
C PHE A 106 -7.14 2.64 3.54
N LEU A 107 -5.83 2.53 3.33
CA LEU A 107 -5.13 1.30 3.66
C LEU A 107 -5.37 0.95 5.12
N ARG A 108 -4.79 1.75 6.00
CA ARG A 108 -4.94 1.53 7.43
C ARG A 108 -6.42 1.44 7.80
N ARG A 109 -7.16 2.48 7.44
CA ARG A 109 -8.58 2.52 7.73
C ARG A 109 -9.20 1.14 7.54
N VAL A 110 -9.02 0.60 6.34
CA VAL A 110 -9.57 -0.71 6.02
C VAL A 110 -8.89 -1.76 6.91
N ALA A 111 -7.56 -1.77 6.85
CA ALA A 111 -6.79 -2.71 7.64
C ALA A 111 -7.26 -2.67 9.09
N GLY A 112 -7.87 -1.55 9.45
CA GLY A 112 -8.36 -1.38 10.80
C GLY A 112 -9.79 -0.80 10.79
N SER A 113 -10.65 -1.46 10.05
CA SER A 113 -12.04 -1.02 9.94
C SER A 113 -12.74 -1.19 11.29
N GLY A 114 -13.35 -0.11 11.74
CA GLY A 114 -14.07 -0.13 13.00
C GLY A 114 -15.52 0.33 12.83
N PRO A 115 -16.21 0.49 13.98
CA PRO A 115 -17.60 0.92 13.96
C PRO A 115 -17.71 2.41 13.65
N SER A 116 -18.78 2.77 12.96
CA SER A 116 -19.02 4.15 12.59
C SER A 116 -19.88 4.84 13.66
N SER A 117 -19.57 6.11 13.89
CA SER A 117 -20.30 6.89 14.87
C SER A 117 -21.54 7.51 14.23
N GLY A 118 -22.63 7.48 14.99
CA GLY A 118 -23.89 8.03 14.52
C GLY A 118 -25.04 7.70 15.47
N GLY A 1 -21.03 -9.00 6.42
CA GLY A 1 -20.14 -8.89 5.28
C GLY A 1 -20.51 -7.70 4.39
N SER A 2 -19.59 -6.74 4.34
CA SER A 2 -19.81 -5.55 3.52
C SER A 2 -19.90 -5.93 2.05
N SER A 3 -20.48 -5.03 1.28
CA SER A 3 -20.63 -5.25 -0.15
C SER A 3 -20.28 -3.97 -0.92
N GLY A 4 -21.03 -2.92 -0.63
CA GLY A 4 -20.81 -1.64 -1.28
C GLY A 4 -21.24 -1.69 -2.75
N SER A 5 -20.37 -2.26 -3.57
CA SER A 5 -20.66 -2.38 -4.99
C SER A 5 -20.77 -0.99 -5.62
N SER A 6 -19.62 -0.47 -6.04
CA SER A 6 -19.58 0.85 -6.65
C SER A 6 -18.13 1.23 -6.97
N GLY A 7 -17.63 0.67 -8.05
CA GLY A 7 -16.27 0.95 -8.47
C GLY A 7 -15.30 0.90 -7.28
N PRO A 8 -14.04 1.34 -7.54
CA PRO A 8 -13.03 1.35 -6.49
C PRO A 8 -13.26 2.48 -5.50
N ILE A 9 -12.28 2.69 -4.64
CA ILE A 9 -12.37 3.75 -3.64
C ILE A 9 -11.40 4.87 -4.01
N LYS A 10 -10.12 4.60 -3.83
CA LYS A 10 -9.09 5.58 -4.14
C LYS A 10 -8.10 4.98 -5.13
N MET A 11 -7.78 5.76 -6.16
CA MET A 11 -6.85 5.32 -7.19
C MET A 11 -5.76 6.35 -7.40
N GLY A 12 -4.56 5.85 -7.69
CA GLY A 12 -3.43 6.72 -7.92
C GLY A 12 -2.18 5.91 -8.28
N TRP A 13 -1.13 6.62 -8.65
CA TRP A 13 0.13 5.99 -9.02
C TRP A 13 1.10 6.14 -7.85
N LEU A 14 1.62 5.02 -7.39
CA LEU A 14 2.57 5.02 -6.29
C LEU A 14 3.86 4.32 -6.72
N LYS A 15 4.97 4.83 -6.21
CA LYS A 15 6.26 4.26 -6.53
C LYS A 15 6.54 3.08 -5.60
N LYS A 16 6.43 1.88 -6.17
CA LYS A 16 6.66 0.67 -5.42
C LYS A 16 8.08 0.15 -5.71
N GLN A 17 8.80 -0.12 -4.65
CA GLN A 17 10.16 -0.62 -4.77
C GLN A 17 10.19 -1.86 -5.67
N ARG A 18 11.01 -1.78 -6.72
CA ARG A 18 11.14 -2.89 -7.65
C ARG A 18 11.52 -4.17 -6.91
N SER A 19 11.53 -5.26 -7.65
CA SER A 19 11.88 -6.55 -7.09
C SER A 19 13.07 -6.40 -6.13
N ILE A 20 14.27 -6.50 -6.70
CA ILE A 20 15.48 -6.37 -5.92
C ILE A 20 16.51 -5.58 -6.73
N VAL A 21 16.15 -4.34 -7.05
CA VAL A 21 17.04 -3.48 -7.81
C VAL A 21 17.23 -2.16 -7.05
N LYS A 22 16.78 -2.16 -5.80
CA LYS A 22 16.90 -0.98 -4.97
C LYS A 22 16.50 0.25 -5.78
N ASN A 23 15.34 0.17 -6.40
CA ASN A 23 14.83 1.26 -7.21
C ASN A 23 13.35 1.46 -6.92
N TRP A 24 12.80 2.56 -7.45
CA TRP A 24 11.41 2.87 -7.26
C TRP A 24 10.71 2.79 -8.61
N GLN A 25 9.69 1.95 -8.67
CA GLN A 25 8.93 1.78 -9.90
C GLN A 25 7.52 2.36 -9.75
N GLN A 26 7.23 3.34 -10.58
CA GLN A 26 5.93 3.99 -10.55
C GLN A 26 4.86 3.03 -11.09
N ARG A 27 3.96 2.65 -10.19
CA ARG A 27 2.87 1.75 -10.57
C ARG A 27 1.52 2.38 -10.26
N TYR A 28 0.48 1.78 -10.82
CA TYR A 28 -0.87 2.28 -10.61
C TYR A 28 -1.60 1.45 -9.56
N PHE A 29 -1.72 2.03 -8.37
CA PHE A 29 -2.39 1.35 -7.28
C PHE A 29 -3.87 1.74 -7.21
N VAL A 30 -4.71 0.73 -7.05
CA VAL A 30 -6.14 0.94 -6.98
C VAL A 30 -6.71 0.23 -5.75
N LEU A 31 -7.80 0.76 -5.24
CA LEU A 31 -8.45 0.18 -4.07
C LEU A 31 -9.92 -0.08 -4.38
N ARG A 32 -10.32 -1.32 -4.17
CA ARG A 32 -11.70 -1.72 -4.42
C ARG A 32 -12.36 -2.19 -3.13
N ALA A 33 -12.05 -3.42 -2.76
CA ALA A 33 -12.62 -4.01 -1.56
C ALA A 33 -11.52 -4.09 -0.48
N GLN A 34 -11.66 -5.10 0.38
CA GLN A 34 -10.70 -5.30 1.45
C GLN A 34 -9.41 -5.89 0.88
N GLN A 35 -8.84 -5.19 -0.08
CA GLN A 35 -7.60 -5.64 -0.71
C GLN A 35 -6.97 -4.49 -1.51
N LEU A 36 -5.64 -4.48 -1.51
CA LEU A 36 -4.91 -3.45 -2.23
C LEU A 36 -4.44 -4.01 -3.58
N TYR A 37 -4.85 -3.32 -4.63
CA TYR A 37 -4.48 -3.74 -5.98
C TYR A 37 -3.50 -2.74 -6.61
N TYR A 38 -2.71 -3.25 -7.55
CA TYR A 38 -1.73 -2.43 -8.23
C TYR A 38 -1.33 -3.06 -9.56
N TYR A 39 -1.41 -2.26 -10.61
CA TYR A 39 -1.06 -2.72 -11.94
C TYR A 39 0.08 -1.89 -12.53
N LYS A 40 1.03 -2.59 -13.13
CA LYS A 40 2.18 -1.92 -13.73
C LYS A 40 1.69 -0.78 -14.62
N ASP A 41 0.45 -0.92 -15.08
CA ASP A 41 -0.14 0.09 -15.94
C ASP A 41 -1.67 -0.05 -15.91
N GLU A 42 -2.33 0.92 -16.51
CA GLU A 42 -3.78 0.92 -16.56
C GLU A 42 -4.26 0.35 -17.89
N GLU A 43 -3.72 -0.80 -18.25
CA GLU A 43 -4.09 -1.44 -19.50
C GLU A 43 -4.65 -2.84 -19.23
N ASP A 44 -3.76 -3.72 -18.79
CA ASP A 44 -4.15 -5.09 -18.49
C ASP A 44 -5.34 -5.07 -17.52
N THR A 45 -6.04 -6.19 -17.48
CA THR A 45 -7.19 -6.33 -16.60
C THR A 45 -6.92 -7.36 -15.51
N LYS A 46 -5.69 -7.35 -15.01
CA LYS A 46 -5.30 -8.28 -13.97
C LYS A 46 -4.33 -7.58 -13.00
N PRO A 47 -4.65 -7.71 -11.69
CA PRO A 47 -3.83 -7.09 -10.66
C PRO A 47 -2.52 -7.88 -10.46
N GLN A 48 -1.43 -7.23 -10.81
CA GLN A 48 -0.12 -7.84 -10.67
C GLN A 48 0.02 -8.48 -9.29
N GLY A 49 -0.74 -7.96 -8.34
CA GLY A 49 -0.71 -8.47 -6.99
C GLY A 49 -1.85 -7.89 -6.16
N CYS A 50 -2.10 -8.54 -5.02
CA CYS A 50 -3.16 -8.09 -4.13
C CYS A 50 -2.67 -8.26 -2.69
N MET A 51 -2.89 -7.22 -1.90
CA MET A 51 -2.48 -7.23 -0.51
C MET A 51 -3.70 -7.17 0.42
N TYR A 52 -3.80 -8.18 1.27
CA TYR A 52 -4.91 -8.26 2.22
C TYR A 52 -4.81 -7.14 3.25
N LEU A 53 -5.71 -6.17 3.12
CA LEU A 53 -5.74 -5.05 4.03
C LEU A 53 -6.03 -5.55 5.45
N PRO A 54 -7.02 -6.49 5.53
CA PRO A 54 -7.40 -7.07 6.81
C PRO A 54 -6.34 -8.06 7.30
N GLY A 55 -5.12 -7.58 7.39
CA GLY A 55 -4.01 -8.41 7.84
C GLY A 55 -2.69 -7.91 7.28
N CYS A 56 -2.51 -6.59 7.33
CA CYS A 56 -1.29 -5.98 6.84
C CYS A 56 -0.80 -4.98 7.89
N THR A 57 0.39 -4.45 7.65
CA THR A 57 0.98 -3.49 8.57
C THR A 57 1.56 -2.30 7.79
N ILE A 58 0.91 -1.16 7.94
CA ILE A 58 1.35 0.05 7.25
C ILE A 58 2.33 0.80 8.15
N LYS A 59 3.60 0.68 7.82
CA LYS A 59 4.65 1.35 8.58
C LYS A 59 5.26 2.47 7.73
N GLU A 60 5.56 3.57 8.41
CA GLU A 60 6.15 4.72 7.73
C GLU A 60 7.67 4.59 7.70
N ILE A 61 8.16 4.00 6.62
CA ILE A 61 9.59 3.80 6.45
C ILE A 61 10.24 5.14 6.12
N ALA A 62 11.16 5.56 6.98
CA ALA A 62 11.86 6.82 6.79
C ALA A 62 13.29 6.53 6.32
N THR A 63 13.83 7.49 5.59
CA THR A 63 15.19 7.36 5.07
C THR A 63 16.15 8.21 5.89
N ASN A 64 17.44 7.91 5.75
CA ASN A 64 18.47 8.63 6.47
C ASN A 64 18.17 8.59 7.97
N PRO A 65 19.17 9.03 8.77
CA PRO A 65 19.03 9.05 10.21
C PRO A 65 18.13 10.20 10.65
N GLU A 66 18.14 11.27 9.86
CA GLU A 66 17.33 12.43 10.16
C GLU A 66 16.31 12.67 9.05
N GLU A 67 16.81 13.17 7.93
CA GLU A 67 15.95 13.45 6.79
C GLU A 67 14.81 14.38 7.19
N ALA A 68 13.74 14.32 6.42
CA ALA A 68 12.57 15.16 6.68
C ALA A 68 11.32 14.46 6.15
N GLY A 69 11.22 13.18 6.48
CA GLY A 69 10.07 12.39 6.05
C GLY A 69 9.74 12.66 4.57
N LYS A 70 10.27 11.81 3.72
CA LYS A 70 10.04 11.95 2.29
C LYS A 70 8.81 11.13 1.89
N PHE A 71 7.82 11.13 2.77
CA PHE A 71 6.60 10.41 2.52
C PHE A 71 6.89 9.02 1.96
N VAL A 72 7.24 8.10 2.85
CA VAL A 72 7.56 6.74 2.45
C VAL A 72 6.94 5.77 3.46
N PHE A 73 6.15 4.85 2.93
CA PHE A 73 5.49 3.86 3.77
C PHE A 73 5.44 2.50 3.07
N GLU A 74 5.70 1.46 3.85
CA GLU A 74 5.69 0.11 3.31
C GLU A 74 4.61 -0.73 4.01
N ILE A 75 4.01 -1.62 3.25
CA ILE A 75 2.96 -2.48 3.78
C ILE A 75 3.53 -3.88 3.99
N ILE A 76 3.25 -4.43 5.17
CA ILE A 76 3.73 -5.76 5.51
C ILE A 76 2.53 -6.72 5.57
N PRO A 77 2.66 -7.84 4.81
CA PRO A 77 1.61 -8.84 4.78
C PRO A 77 1.59 -9.67 6.06
N ALA A 78 0.48 -10.36 6.27
CA ALA A 78 0.33 -11.20 7.45
C ALA A 78 1.26 -12.40 7.34
N SER A 79 0.99 -13.23 6.33
CA SER A 79 1.79 -14.42 6.11
C SER A 79 3.23 -14.02 5.76
N TRP A 80 4.09 -14.13 6.77
CA TRP A 80 5.49 -13.79 6.59
C TRP A 80 6.23 -14.14 7.87
N ASP A 81 6.39 -15.45 8.08
CA ASP A 81 7.08 -15.92 9.28
C ASP A 81 8.17 -16.93 8.86
N GLN A 82 9.40 -16.45 8.86
CA GLN A 82 10.53 -17.29 8.49
C GLN A 82 11.83 -16.51 8.63
N ASN A 83 11.86 -15.35 7.98
CA ASN A 83 13.04 -14.50 8.02
C ASN A 83 13.24 -13.97 9.45
N ARG A 84 14.50 -13.86 9.83
CA ARG A 84 14.84 -13.37 11.16
C ARG A 84 15.33 -11.93 11.08
N MET A 85 15.58 -11.49 9.86
CA MET A 85 16.05 -10.13 9.63
C MET A 85 15.76 -9.67 8.21
N GLY A 86 14.60 -10.09 7.71
CA GLY A 86 14.19 -9.74 6.36
C GLY A 86 12.67 -9.54 6.28
N GLN A 87 12.27 -8.67 5.36
CA GLN A 87 10.86 -8.39 5.18
C GLN A 87 10.65 -7.54 3.92
N ASP A 88 10.62 -8.23 2.79
CA ASP A 88 10.43 -7.56 1.51
C ASP A 88 9.38 -6.45 1.67
N SER A 89 8.20 -6.86 2.11
CA SER A 89 7.11 -5.92 2.32
C SER A 89 6.88 -5.11 1.05
N TYR A 90 5.81 -4.32 1.06
CA TYR A 90 5.47 -3.50 -0.07
C TYR A 90 5.91 -2.05 0.14
N VAL A 91 7.13 -1.77 -0.29
CA VAL A 91 7.69 -0.43 -0.15
C VAL A 91 6.99 0.51 -1.13
N LEU A 92 6.05 1.29 -0.60
CA LEU A 92 5.30 2.22 -1.41
C LEU A 92 5.74 3.66 -1.06
N MET A 93 5.89 4.47 -2.09
CA MET A 93 6.29 5.85 -1.90
C MET A 93 5.40 6.80 -2.71
N ALA A 94 4.76 7.71 -1.99
CA ALA A 94 3.88 8.67 -2.62
C ALA A 94 4.68 9.92 -2.99
N SER A 95 4.13 10.68 -3.93
CA SER A 95 4.79 11.89 -4.39
C SER A 95 4.48 13.04 -3.42
N SER A 96 3.23 13.11 -3.02
CA SER A 96 2.79 14.14 -2.10
C SER A 96 2.14 13.51 -0.86
N GLN A 97 2.34 14.17 0.28
CA GLN A 97 1.78 13.68 1.52
C GLN A 97 0.28 13.42 1.37
N ALA A 98 -0.40 14.39 0.78
CA ALA A 98 -1.83 14.29 0.57
C ALA A 98 -2.16 12.89 0.02
N GLU A 99 -1.40 12.50 -1.00
CA GLU A 99 -1.59 11.21 -1.61
C GLU A 99 -1.39 10.10 -0.59
N MET A 100 -0.39 10.27 0.25
CA MET A 100 -0.09 9.29 1.28
C MET A 100 -1.18 9.27 2.35
N GLU A 101 -1.37 10.42 2.99
CA GLU A 101 -2.37 10.54 4.03
C GLU A 101 -3.64 9.78 3.63
N GLU A 102 -4.18 10.14 2.48
CA GLU A 102 -5.38 9.49 1.98
C GLU A 102 -5.15 8.00 1.81
N TRP A 103 -4.06 7.67 1.14
CA TRP A 103 -3.71 6.28 0.89
C TRP A 103 -3.69 5.55 2.24
N VAL A 104 -2.68 5.87 3.04
CA VAL A 104 -2.54 5.25 4.35
C VAL A 104 -3.92 5.16 5.01
N LYS A 105 -4.61 6.28 5.02
CA LYS A 105 -5.94 6.34 5.61
C LYS A 105 -6.76 5.14 5.13
N PHE A 106 -7.04 5.14 3.83
CA PHE A 106 -7.80 4.06 3.23
C PHE A 106 -7.20 2.69 3.56
N LEU A 107 -5.90 2.59 3.31
CA LEU A 107 -5.19 1.35 3.58
C LEU A 107 -5.44 0.92 5.02
N ARG A 108 -4.87 1.68 5.94
CA ARG A 108 -5.03 1.39 7.36
C ARG A 108 -6.51 1.22 7.70
N ARG A 109 -7.30 2.20 7.29
CA ARG A 109 -8.73 2.17 7.54
C ARG A 109 -9.27 0.74 7.40
N VAL A 110 -9.30 0.28 6.17
CA VAL A 110 -9.78 -1.06 5.88
C VAL A 110 -9.08 -2.06 6.79
N ALA A 111 -7.75 -1.98 6.81
CA ALA A 111 -6.95 -2.86 7.64
C ALA A 111 -7.47 -2.82 9.08
N GLY A 112 -8.06 -1.69 9.42
CA GLY A 112 -8.60 -1.51 10.77
C GLY A 112 -10.05 -1.01 10.70
N SER A 113 -10.86 -1.72 9.94
CA SER A 113 -12.26 -1.36 9.80
C SER A 113 -12.96 -1.42 11.15
N GLY A 114 -13.35 -0.25 11.64
CA GLY A 114 -14.03 -0.16 12.91
C GLY A 114 -13.22 -0.83 14.02
N PRO A 115 -13.86 -0.96 15.21
CA PRO A 115 -13.21 -1.58 16.35
C PRO A 115 -13.12 -3.11 16.18
N SER A 116 -12.20 -3.70 16.93
CA SER A 116 -12.00 -5.14 16.86
C SER A 116 -13.10 -5.85 17.66
N SER A 117 -13.17 -5.51 18.94
CA SER A 117 -14.17 -6.10 19.82
C SER A 117 -14.29 -7.61 19.52
N GLY A 118 -13.46 -8.38 20.20
CA GLY A 118 -13.47 -9.82 20.02
C GLY A 118 -12.31 -10.47 20.78
N GLY A 1 -19.97 6.47 6.65
CA GLY A 1 -21.13 5.77 6.10
C GLY A 1 -21.01 5.66 4.58
N SER A 2 -20.74 4.43 4.13
CA SER A 2 -20.61 4.17 2.71
C SER A 2 -21.65 3.15 2.26
N SER A 3 -21.63 2.00 2.94
CA SER A 3 -22.57 0.93 2.62
C SER A 3 -22.33 0.43 1.19
N GLY A 4 -21.94 -0.83 1.11
CA GLY A 4 -21.67 -1.45 -0.19
C GLY A 4 -20.35 -0.93 -0.78
N SER A 5 -19.89 -1.63 -1.80
CA SER A 5 -18.65 -1.25 -2.46
C SER A 5 -18.49 -2.04 -3.76
N SER A 6 -19.16 -1.56 -4.80
CA SER A 6 -19.10 -2.21 -6.10
C SER A 6 -17.78 -1.86 -6.79
N GLY A 7 -17.38 -0.61 -6.64
CA GLY A 7 -16.14 -0.15 -7.25
C GLY A 7 -15.04 0.00 -6.20
N PRO A 8 -13.90 0.61 -6.64
CA PRO A 8 -12.77 0.82 -5.76
C PRO A 8 -13.05 1.97 -4.78
N ILE A 9 -12.00 2.37 -4.08
CA ILE A 9 -12.11 3.44 -3.11
C ILE A 9 -11.16 4.57 -3.50
N LYS A 10 -9.88 4.25 -3.47
CA LYS A 10 -8.85 5.22 -3.81
C LYS A 10 -7.96 4.66 -4.93
N MET A 11 -7.58 5.54 -5.85
CA MET A 11 -6.74 5.14 -6.96
C MET A 11 -5.70 6.21 -7.27
N GLY A 12 -4.50 5.74 -7.61
CA GLY A 12 -3.42 6.65 -7.93
C GLY A 12 -2.16 5.87 -8.33
N TRP A 13 -1.15 6.61 -8.75
CA TRP A 13 0.11 6.01 -9.17
C TRP A 13 1.09 6.13 -8.00
N LEU A 14 1.51 4.98 -7.50
CA LEU A 14 2.45 4.95 -6.39
C LEU A 14 3.73 4.26 -6.84
N LYS A 15 4.83 4.66 -6.21
CA LYS A 15 6.13 4.09 -6.54
C LYS A 15 6.41 2.91 -5.62
N LYS A 16 6.57 1.74 -6.22
CA LYS A 16 6.84 0.53 -5.47
C LYS A 16 8.32 0.16 -5.61
N GLN A 17 8.96 -0.04 -4.48
CA GLN A 17 10.37 -0.39 -4.46
C GLN A 17 10.59 -1.70 -5.22
N ARG A 18 11.53 -1.66 -6.15
CA ARG A 18 11.85 -2.83 -6.96
C ARG A 18 12.79 -3.75 -6.19
N SER A 19 12.94 -4.96 -6.69
CA SER A 19 13.82 -5.94 -6.08
C SER A 19 15.19 -5.93 -6.76
N ILE A 20 16.22 -6.16 -5.96
CA ILE A 20 17.57 -6.18 -6.48
C ILE A 20 17.99 -4.76 -6.85
N VAL A 21 17.47 -4.30 -7.98
CA VAL A 21 17.77 -2.96 -8.46
C VAL A 21 17.38 -1.94 -7.40
N LYS A 22 16.54 -2.38 -6.47
CA LYS A 22 16.07 -1.52 -5.40
C LYS A 22 15.81 -0.12 -5.96
N ASN A 23 14.84 -0.05 -6.86
CA ASN A 23 14.48 1.21 -7.48
C ASN A 23 13.00 1.50 -7.20
N TRP A 24 12.60 2.71 -7.56
CA TRP A 24 11.22 3.12 -7.36
C TRP A 24 10.50 3.01 -8.71
N GLN A 25 9.72 1.95 -8.84
CA GLN A 25 8.97 1.71 -10.05
C GLN A 25 7.55 2.25 -9.92
N GLN A 26 7.24 3.22 -10.77
CA GLN A 26 5.92 3.84 -10.76
C GLN A 26 4.87 2.85 -11.25
N ARG A 27 3.88 2.61 -10.39
CA ARG A 27 2.80 1.69 -10.72
C ARG A 27 1.46 2.30 -10.35
N TYR A 28 0.42 1.81 -11.02
CA TYR A 28 -0.92 2.29 -10.77
C TYR A 28 -1.63 1.44 -9.71
N PHE A 29 -1.67 1.96 -8.50
CA PHE A 29 -2.31 1.25 -7.39
C PHE A 29 -3.79 1.63 -7.30
N VAL A 30 -4.59 0.63 -6.98
CA VAL A 30 -6.02 0.83 -6.84
C VAL A 30 -6.52 0.12 -5.58
N LEU A 31 -7.51 0.74 -4.94
CA LEU A 31 -8.08 0.19 -3.74
C LEU A 31 -9.49 -0.34 -4.03
N ARG A 32 -9.63 -1.65 -3.96
CA ARG A 32 -10.91 -2.28 -4.21
C ARG A 32 -11.30 -3.19 -3.05
N ALA A 33 -12.50 -2.96 -2.54
CA ALA A 33 -13.00 -3.76 -1.43
C ALA A 33 -11.93 -3.83 -0.34
N GLN A 34 -11.80 -5.01 0.24
CA GLN A 34 -10.82 -5.22 1.29
C GLN A 34 -9.55 -5.85 0.72
N GLN A 35 -9.11 -5.31 -0.41
CA GLN A 35 -7.91 -5.80 -1.06
C GLN A 35 -7.23 -4.68 -1.84
N LEU A 36 -5.91 -4.63 -1.72
CA LEU A 36 -5.13 -3.62 -2.41
C LEU A 36 -4.51 -4.22 -3.67
N TYR A 37 -4.79 -3.58 -4.79
CA TYR A 37 -4.27 -4.05 -6.07
C TYR A 37 -3.39 -2.98 -6.72
N TYR A 38 -2.63 -3.41 -7.71
CA TYR A 38 -1.74 -2.51 -8.43
C TYR A 38 -1.36 -3.07 -9.80
N TYR A 39 -1.55 -2.25 -10.82
CA TYR A 39 -1.24 -2.66 -12.18
C TYR A 39 -0.05 -1.86 -12.72
N LYS A 40 0.48 -2.34 -13.84
CA LYS A 40 1.63 -1.69 -14.46
C LYS A 40 1.19 -0.32 -15.00
N ASP A 41 -0.01 -0.30 -15.57
CA ASP A 41 -0.55 0.94 -16.11
C ASP A 41 -2.08 0.86 -16.10
N GLU A 42 -2.69 1.89 -16.66
CA GLU A 42 -4.14 1.95 -16.73
C GLU A 42 -4.65 1.27 -18.01
N GLU A 43 -3.98 0.19 -18.37
CA GLU A 43 -4.36 -0.56 -19.55
C GLU A 43 -4.27 -2.06 -19.28
N ASP A 44 -4.63 -2.43 -18.07
CA ASP A 44 -4.61 -3.83 -17.67
C ASP A 44 -5.98 -4.23 -17.11
N THR A 45 -6.26 -5.51 -17.18
CA THR A 45 -7.53 -6.03 -16.69
C THR A 45 -7.30 -6.95 -15.50
N LYS A 46 -6.02 -7.24 -15.25
CA LYS A 46 -5.65 -8.11 -14.14
C LYS A 46 -4.59 -7.41 -13.29
N PRO A 47 -4.73 -7.59 -11.94
CA PRO A 47 -3.79 -6.99 -11.01
C PRO A 47 -2.46 -7.75 -11.01
N GLN A 48 -1.45 -7.11 -10.43
CA GLN A 48 -0.13 -7.70 -10.36
C GLN A 48 0.09 -8.32 -8.98
N GLY A 49 -0.17 -7.52 -7.95
CA GLY A 49 0.00 -7.97 -6.59
C GLY A 49 -1.17 -7.51 -5.72
N CYS A 50 -1.75 -8.48 -5.02
CA CYS A 50 -2.88 -8.20 -4.14
C CYS A 50 -2.38 -8.26 -2.70
N MET A 51 -2.89 -7.33 -1.89
CA MET A 51 -2.51 -7.27 -0.49
C MET A 51 -3.75 -7.19 0.40
N TYR A 52 -3.93 -8.23 1.20
CA TYR A 52 -5.07 -8.30 2.11
C TYR A 52 -5.00 -7.17 3.14
N LEU A 53 -5.84 -6.17 2.94
CA LEU A 53 -5.89 -5.04 3.84
C LEU A 53 -6.20 -5.53 5.25
N PRO A 54 -7.18 -6.47 5.34
CA PRO A 54 -7.58 -7.02 6.62
C PRO A 54 -6.53 -8.02 7.13
N GLY A 55 -5.29 -7.53 7.22
CA GLY A 55 -4.20 -8.36 7.69
C GLY A 55 -2.85 -7.86 7.15
N CYS A 56 -2.70 -6.54 7.21
CA CYS A 56 -1.47 -5.92 6.74
C CYS A 56 -1.01 -4.91 7.79
N THR A 57 0.20 -4.41 7.60
CA THR A 57 0.77 -3.44 8.52
C THR A 57 1.39 -2.27 7.75
N ILE A 58 0.74 -1.12 7.85
CA ILE A 58 1.21 0.07 7.17
C ILE A 58 2.17 0.82 8.08
N LYS A 59 3.39 1.01 7.59
CA LYS A 59 4.41 1.71 8.35
C LYS A 59 5.00 2.83 7.50
N GLU A 60 5.44 3.88 8.18
CA GLU A 60 6.01 5.03 7.50
C GLU A 60 7.54 4.91 7.48
N ILE A 61 8.04 4.15 6.52
CA ILE A 61 9.47 3.95 6.38
C ILE A 61 10.12 5.27 5.95
N ALA A 62 10.69 5.95 6.92
CA ALA A 62 11.35 7.22 6.66
C ALA A 62 12.77 6.95 6.14
N THR A 63 13.26 7.90 5.36
CA THR A 63 14.60 7.78 4.80
C THR A 63 15.65 7.70 5.91
N ASN A 64 16.57 8.65 5.88
CA ASN A 64 17.63 8.69 6.87
C ASN A 64 17.03 8.49 8.27
N PRO A 65 17.90 8.09 9.23
CA PRO A 65 17.46 7.86 10.59
C PRO A 65 17.22 9.18 11.33
N GLU A 66 17.84 10.23 10.80
CA GLU A 66 17.71 11.55 11.39
C GLU A 66 17.04 12.51 10.40
N GLU A 67 15.91 12.07 9.87
CA GLU A 67 15.17 12.87 8.91
C GLU A 67 13.67 12.60 9.04
N ALA A 68 12.89 13.62 8.72
CA ALA A 68 11.44 13.51 8.80
C ALA A 68 10.80 14.44 7.76
N GLY A 69 10.54 13.88 6.59
CA GLY A 69 9.94 14.65 5.51
C GLY A 69 9.49 13.73 4.37
N LYS A 70 10.44 12.98 3.85
CA LYS A 70 10.16 12.05 2.76
C LYS A 70 8.97 11.17 3.15
N PHE A 71 7.90 11.32 2.38
CA PHE A 71 6.69 10.54 2.62
C PHE A 71 6.80 9.16 1.98
N VAL A 72 7.20 8.19 2.81
CA VAL A 72 7.34 6.82 2.34
C VAL A 72 6.72 5.87 3.36
N PHE A 73 6.07 4.84 2.85
CA PHE A 73 5.43 3.85 3.70
C PHE A 73 5.43 2.47 3.04
N GLU A 74 5.65 1.46 3.87
CA GLU A 74 5.67 0.09 3.37
C GLU A 74 4.55 -0.73 4.01
N ILE A 75 4.01 -1.65 3.24
CA ILE A 75 2.94 -2.50 3.72
C ILE A 75 3.47 -3.91 3.95
N ILE A 76 3.19 -4.44 5.13
CA ILE A 76 3.63 -5.78 5.48
C ILE A 76 2.42 -6.70 5.59
N PRO A 77 2.44 -7.79 4.78
CA PRO A 77 1.36 -8.76 4.77
C PRO A 77 1.42 -9.64 6.01
N ALA A 78 0.24 -10.09 6.44
CA ALA A 78 0.15 -10.95 7.60
C ALA A 78 1.15 -12.10 7.47
N SER A 79 2.01 -12.22 8.46
CA SER A 79 3.01 -13.27 8.47
C SER A 79 3.93 -13.11 7.26
N TRP A 80 4.81 -12.12 7.35
CA TRP A 80 5.74 -11.86 6.28
C TRP A 80 6.34 -13.19 5.82
N ASP A 81 6.01 -13.57 4.60
CA ASP A 81 6.50 -14.82 4.05
C ASP A 81 6.64 -14.67 2.52
N GLN A 82 7.27 -15.67 1.93
CA GLN A 82 7.47 -15.67 0.48
C GLN A 82 6.35 -16.44 -0.22
N ASN A 83 5.39 -15.70 -0.73
CA ASN A 83 4.26 -16.30 -1.41
C ASN A 83 3.77 -15.34 -2.50
N ARG A 84 4.32 -15.50 -3.69
CA ARG A 84 3.95 -14.66 -4.81
C ARG A 84 3.73 -13.22 -4.35
N MET A 85 4.54 -12.81 -3.39
CA MET A 85 4.44 -11.46 -2.85
C MET A 85 5.77 -11.02 -2.23
N GLY A 86 6.62 -10.46 -3.08
CA GLY A 86 7.92 -9.98 -2.64
C GLY A 86 8.56 -10.96 -1.66
N GLN A 87 9.38 -10.42 -0.77
CA GLN A 87 10.05 -11.25 0.22
C GLN A 87 10.46 -10.39 1.42
N ASP A 88 9.58 -9.47 1.78
CA ASP A 88 9.83 -8.59 2.90
C ASP A 88 8.58 -7.77 3.20
N SER A 89 8.24 -6.90 2.26
CA SER A 89 7.07 -6.05 2.40
C SER A 89 6.84 -5.25 1.12
N TYR A 90 5.82 -4.40 1.17
CA TYR A 90 5.48 -3.58 0.02
C TYR A 90 5.89 -2.12 0.25
N VAL A 91 7.12 -1.81 -0.16
CA VAL A 91 7.64 -0.47 0.01
C VAL A 91 7.02 0.44 -1.06
N LEU A 92 6.06 1.24 -0.62
CA LEU A 92 5.38 2.16 -1.52
C LEU A 92 5.75 3.60 -1.15
N MET A 93 5.81 4.44 -2.17
CA MET A 93 6.15 5.84 -1.96
C MET A 93 5.18 6.75 -2.71
N ALA A 94 4.86 7.87 -2.07
CA ALA A 94 3.94 8.84 -2.67
C ALA A 94 4.71 10.13 -2.96
N SER A 95 4.10 10.94 -3.82
CA SER A 95 4.70 12.22 -4.19
C SER A 95 4.44 13.26 -3.12
N SER A 96 3.16 13.47 -2.83
CA SER A 96 2.77 14.43 -1.82
C SER A 96 2.24 13.71 -0.58
N GLN A 97 2.36 14.38 0.56
CA GLN A 97 1.92 13.82 1.82
C GLN A 97 0.41 13.57 1.78
N ALA A 98 -0.32 14.59 1.33
CA ALA A 98 -1.76 14.51 1.24
C ALA A 98 -2.15 13.20 0.54
N GLU A 99 -1.27 12.75 -0.35
CA GLU A 99 -1.50 11.52 -1.09
C GLU A 99 -1.24 10.31 -0.18
N MET A 100 -0.08 10.34 0.47
CA MET A 100 0.30 9.25 1.35
C MET A 100 -0.68 9.14 2.53
N GLU A 101 -1.16 10.28 2.97
CA GLU A 101 -2.10 10.32 4.08
C GLU A 101 -3.43 9.67 3.68
N GLU A 102 -3.86 10.00 2.47
CA GLU A 102 -5.11 9.45 1.96
C GLU A 102 -4.98 7.93 1.74
N TRP A 103 -3.98 7.58 0.95
CA TRP A 103 -3.73 6.17 0.65
C TRP A 103 -3.70 5.41 1.97
N VAL A 104 -2.84 5.86 2.86
CA VAL A 104 -2.71 5.23 4.17
C VAL A 104 -4.06 5.27 4.88
N LYS A 105 -4.65 6.46 4.91
CA LYS A 105 -5.94 6.64 5.56
C LYS A 105 -6.84 5.46 5.23
N PHE A 106 -7.11 5.29 3.95
CA PHE A 106 -7.96 4.19 3.50
C PHE A 106 -7.33 2.84 3.81
N LEU A 107 -6.09 2.69 3.36
CA LEU A 107 -5.37 1.45 3.57
C LEU A 107 -5.54 1.01 5.03
N ARG A 108 -4.94 1.77 5.93
CA ARG A 108 -5.02 1.46 7.34
C ARG A 108 -6.49 1.26 7.75
N ARG A 109 -7.31 2.24 7.41
CA ARG A 109 -8.72 2.18 7.73
C ARG A 109 -9.26 0.77 7.48
N VAL A 110 -9.35 0.42 6.21
CA VAL A 110 -9.85 -0.89 5.83
C VAL A 110 -9.17 -1.96 6.69
N ALA A 111 -7.85 -1.91 6.73
CA ALA A 111 -7.08 -2.86 7.51
C ALA A 111 -7.60 -2.88 8.94
N GLY A 112 -8.04 -1.71 9.40
CA GLY A 112 -8.57 -1.58 10.75
C GLY A 112 -9.72 -2.57 10.98
N SER A 113 -10.71 -2.49 10.09
CA SER A 113 -11.86 -3.36 10.19
C SER A 113 -12.92 -2.96 9.17
N GLY A 114 -12.67 -3.34 7.92
CA GLY A 114 -13.59 -3.02 6.85
C GLY A 114 -14.04 -1.55 6.93
N PRO A 115 -15.09 -1.23 6.12
CA PRO A 115 -15.62 0.12 6.09
C PRO A 115 -16.47 0.40 7.35
N SER A 116 -16.38 1.63 7.81
CA SER A 116 -17.13 2.04 8.99
C SER A 116 -18.61 1.75 8.80
N SER A 117 -19.06 0.66 9.42
CA SER A 117 -20.44 0.26 9.34
C SER A 117 -21.16 0.52 10.66
N GLY A 118 -22.44 0.83 10.56
CA GLY A 118 -23.24 1.09 11.75
C GLY A 118 -23.11 2.56 12.17
N GLY A 1 -15.42 10.26 -1.41
CA GLY A 1 -16.27 10.26 -0.23
C GLY A 1 -17.30 9.12 -0.30
N SER A 2 -18.46 9.38 0.29
CA SER A 2 -19.53 8.40 0.30
C SER A 2 -19.19 7.27 1.28
N SER A 3 -18.11 6.57 0.97
CA SER A 3 -17.68 5.47 1.82
C SER A 3 -18.77 4.41 1.91
N GLY A 4 -18.66 3.41 1.06
CA GLY A 4 -19.63 2.33 1.03
C GLY A 4 -20.38 2.30 -0.30
N SER A 5 -19.66 1.93 -1.35
CA SER A 5 -20.25 1.86 -2.68
C SER A 5 -19.43 0.92 -3.56
N SER A 6 -20.08 0.43 -4.61
CA SER A 6 -19.42 -0.48 -5.53
C SER A 6 -18.17 0.17 -6.11
N GLY A 7 -17.34 -0.66 -6.73
CA GLY A 7 -16.10 -0.18 -7.32
C GLY A 7 -14.98 -0.11 -6.28
N PRO A 8 -13.85 0.51 -6.70
CA PRO A 8 -12.70 0.64 -5.82
C PRO A 8 -12.94 1.72 -4.76
N ILE A 9 -11.86 2.11 -4.10
CA ILE A 9 -11.94 3.14 -3.08
C ILE A 9 -11.06 4.32 -3.48
N LYS A 10 -9.78 4.05 -3.63
CA LYS A 10 -8.82 5.07 -4.01
C LYS A 10 -7.93 4.54 -5.12
N MET A 11 -7.71 5.39 -6.12
CA MET A 11 -6.87 5.03 -7.26
C MET A 11 -5.83 6.10 -7.53
N GLY A 12 -4.58 5.66 -7.63
CA GLY A 12 -3.48 6.57 -7.90
C GLY A 12 -2.22 5.80 -8.29
N TRP A 13 -1.23 6.55 -8.76
CA TRP A 13 0.02 5.96 -9.18
C TRP A 13 1.03 6.13 -8.03
N LEU A 14 1.45 5.00 -7.48
CA LEU A 14 2.40 5.00 -6.39
C LEU A 14 3.67 4.27 -6.82
N LYS A 15 4.80 4.75 -6.31
CA LYS A 15 6.07 4.16 -6.63
C LYS A 15 6.34 2.98 -5.70
N LYS A 16 6.60 1.83 -6.31
CA LYS A 16 6.86 0.62 -5.55
C LYS A 16 8.32 0.21 -5.75
N GLN A 17 9.00 -0.03 -4.63
CA GLN A 17 10.39 -0.43 -4.67
C GLN A 17 10.52 -1.84 -5.27
N ARG A 18 11.63 -2.04 -5.96
CA ARG A 18 11.89 -3.34 -6.59
C ARG A 18 12.78 -4.18 -5.69
N SER A 19 13.17 -5.34 -6.21
CA SER A 19 14.03 -6.25 -5.47
C SER A 19 15.48 -6.08 -5.90
N ILE A 20 16.34 -5.89 -4.92
CA ILE A 20 17.76 -5.71 -5.18
C ILE A 20 17.99 -4.31 -5.78
N VAL A 21 17.51 -4.14 -6.99
CA VAL A 21 17.65 -2.87 -7.69
C VAL A 21 17.07 -1.76 -6.82
N LYS A 22 16.23 -2.16 -5.87
CA LYS A 22 15.60 -1.21 -4.98
C LYS A 22 15.25 0.06 -5.75
N ASN A 23 14.74 -0.15 -6.96
CA ASN A 23 14.35 0.97 -7.81
C ASN A 23 12.87 1.26 -7.62
N TRP A 24 12.54 2.54 -7.62
CA TRP A 24 11.15 2.97 -7.46
C TRP A 24 10.46 2.86 -8.81
N GLN A 25 9.40 2.06 -8.83
CA GLN A 25 8.64 1.87 -10.06
C GLN A 25 7.23 2.43 -9.89
N GLN A 26 6.97 3.48 -10.65
CA GLN A 26 5.66 4.13 -10.60
C GLN A 26 4.59 3.19 -11.17
N ARG A 27 3.82 2.60 -10.26
CA ARG A 27 2.77 1.69 -10.67
C ARG A 27 1.40 2.25 -10.26
N TYR A 28 0.39 1.87 -11.03
CA TYR A 28 -0.96 2.33 -10.77
C TYR A 28 -1.64 1.46 -9.71
N PHE A 29 -1.63 1.95 -8.48
CA PHE A 29 -2.24 1.23 -7.37
C PHE A 29 -3.72 1.57 -7.25
N VAL A 30 -4.53 0.52 -7.11
CA VAL A 30 -5.96 0.70 -6.98
C VAL A 30 -6.45 -0.04 -5.73
N LEU A 31 -7.45 0.54 -5.09
CA LEU A 31 -8.02 -0.04 -3.89
C LEU A 31 -9.42 -0.57 -4.19
N ARG A 32 -9.59 -1.87 -4.02
CA ARG A 32 -10.88 -2.50 -4.27
C ARG A 32 -11.28 -3.37 -3.08
N ALA A 33 -12.41 -3.01 -2.48
CA ALA A 33 -12.92 -3.74 -1.33
C ALA A 33 -11.78 -4.00 -0.36
N GLN A 34 -11.81 -5.18 0.24
CA GLN A 34 -10.79 -5.56 1.20
C GLN A 34 -9.60 -6.19 0.48
N GLN A 35 -9.02 -5.42 -0.44
CA GLN A 35 -7.89 -5.87 -1.21
C GLN A 35 -7.19 -4.69 -1.89
N LEU A 36 -5.88 -4.80 -1.99
CA LEU A 36 -5.09 -3.75 -2.62
C LEU A 36 -4.41 -4.31 -3.87
N TYR A 37 -4.73 -3.70 -5.00
CA TYR A 37 -4.17 -4.12 -6.27
C TYR A 37 -3.28 -3.03 -6.86
N TYR A 38 -2.47 -3.43 -7.83
CA TYR A 38 -1.57 -2.50 -8.49
C TYR A 38 -1.14 -3.02 -9.86
N TYR A 39 -1.34 -2.19 -10.87
CA TYR A 39 -0.98 -2.55 -12.23
C TYR A 39 0.12 -1.63 -12.77
N LYS A 40 1.15 -2.27 -13.31
CA LYS A 40 2.27 -1.53 -13.87
C LYS A 40 1.74 -0.43 -14.79
N ASP A 41 0.54 -0.66 -15.30
CA ASP A 41 -0.09 0.30 -16.20
C ASP A 41 -1.60 0.22 -16.04
N GLU A 42 -2.28 1.20 -16.62
CA GLU A 42 -3.73 1.26 -16.55
C GLU A 42 -4.34 0.82 -17.87
N GLU A 43 -3.88 -0.33 -18.35
CA GLU A 43 -4.38 -0.87 -19.60
C GLU A 43 -5.01 -2.24 -19.38
N ASP A 44 -4.22 -3.15 -18.85
CA ASP A 44 -4.69 -4.50 -18.57
C ASP A 44 -5.74 -4.45 -17.47
N THR A 45 -6.47 -5.55 -17.35
CA THR A 45 -7.52 -5.65 -16.35
C THR A 45 -7.13 -6.67 -15.27
N LYS A 46 -5.95 -7.23 -15.44
CA LYS A 46 -5.45 -8.22 -14.49
C LYS A 46 -4.42 -7.56 -13.58
N PRO A 47 -4.66 -7.72 -12.24
CA PRO A 47 -3.76 -7.16 -11.25
C PRO A 47 -2.47 -7.97 -11.15
N GLN A 48 -1.37 -7.26 -10.96
CA GLN A 48 -0.07 -7.89 -10.85
C GLN A 48 0.10 -8.49 -9.45
N GLY A 49 -0.36 -7.75 -8.46
CA GLY A 49 -0.26 -8.18 -7.08
C GLY A 49 -1.56 -7.90 -6.32
N CYS A 50 -1.64 -8.45 -5.11
CA CYS A 50 -2.81 -8.25 -4.28
C CYS A 50 -2.37 -8.28 -2.81
N MET A 51 -2.91 -7.35 -2.04
CA MET A 51 -2.58 -7.27 -0.63
C MET A 51 -3.85 -7.12 0.22
N TYR A 52 -3.93 -7.95 1.25
CA TYR A 52 -5.07 -7.93 2.14
C TYR A 52 -4.92 -6.83 3.20
N LEU A 53 -5.68 -5.76 3.03
CA LEU A 53 -5.64 -4.65 3.97
C LEU A 53 -5.89 -5.17 5.38
N PRO A 54 -6.92 -6.06 5.50
CA PRO A 54 -7.27 -6.63 6.78
C PRO A 54 -6.25 -7.69 7.20
N GLY A 55 -5.28 -7.26 7.99
CA GLY A 55 -4.25 -8.15 8.47
C GLY A 55 -2.86 -7.72 7.96
N CYS A 56 -2.70 -6.41 7.84
CA CYS A 56 -1.44 -5.86 7.37
C CYS A 56 -0.99 -4.78 8.36
N THR A 57 0.20 -4.25 8.12
CA THR A 57 0.75 -3.23 8.98
C THR A 57 1.34 -2.09 8.14
N ILE A 58 0.69 -0.93 8.22
CA ILE A 58 1.13 0.23 7.47
C ILE A 58 2.26 0.92 8.24
N LYS A 59 3.48 0.72 7.76
CA LYS A 59 4.64 1.32 8.39
C LYS A 59 5.10 2.51 7.56
N GLU A 60 5.59 3.53 8.26
CA GLU A 60 6.07 4.73 7.60
C GLU A 60 7.60 4.72 7.55
N ILE A 61 8.13 4.67 6.33
CA ILE A 61 9.56 4.67 6.14
C ILE A 61 10.09 6.10 6.15
N ALA A 62 10.75 6.45 7.23
CA ALA A 62 11.31 7.78 7.38
C ALA A 62 12.74 7.80 6.86
N THR A 63 13.17 8.98 6.42
CA THR A 63 14.51 9.14 5.90
C THR A 63 15.48 9.57 7.01
N ASN A 64 16.75 9.64 6.65
CA ASN A 64 17.77 10.03 7.60
C ASN A 64 17.25 11.18 8.47
N PRO A 65 17.91 11.36 9.65
CA PRO A 65 17.52 12.42 10.57
C PRO A 65 17.99 13.78 10.06
N GLU A 66 19.17 13.78 9.45
CA GLU A 66 19.74 15.00 8.92
C GLU A 66 19.41 15.14 7.43
N GLU A 67 18.23 14.67 7.08
CA GLU A 67 17.78 14.74 5.69
C GLU A 67 16.45 15.47 5.59
N ALA A 68 16.03 15.73 4.36
CA ALA A 68 14.78 16.43 4.12
C ALA A 68 13.62 15.44 4.30
N GLY A 69 12.48 16.00 4.71
CA GLY A 69 11.29 15.18 4.93
C GLY A 69 11.00 14.32 3.69
N LYS A 70 10.58 13.09 3.96
CA LYS A 70 10.25 12.16 2.90
C LYS A 70 9.01 11.37 3.28
N PHE A 71 8.14 11.18 2.30
CA PHE A 71 6.90 10.45 2.51
C PHE A 71 6.99 9.04 1.92
N VAL A 72 7.36 8.10 2.76
CA VAL A 72 7.49 6.71 2.34
C VAL A 72 6.81 5.81 3.37
N PHE A 73 6.20 4.75 2.86
CA PHE A 73 5.51 3.80 3.72
C PHE A 73 5.43 2.42 3.06
N GLU A 74 5.66 1.40 3.87
CA GLU A 74 5.63 0.03 3.38
C GLU A 74 4.43 -0.71 3.97
N ILE A 75 3.86 -1.59 3.17
CA ILE A 75 2.71 -2.37 3.60
C ILE A 75 3.16 -3.80 3.93
N ILE A 76 3.14 -4.11 5.22
CA ILE A 76 3.54 -5.42 5.68
C ILE A 76 2.33 -6.37 5.63
N PRO A 77 2.56 -7.55 5.01
CA PRO A 77 1.50 -8.55 4.89
C PRO A 77 1.26 -9.26 6.22
N ALA A 78 0.10 -9.87 6.32
CA ALA A 78 -0.27 -10.59 7.53
C ALA A 78 0.83 -11.59 7.88
N SER A 79 1.16 -12.43 6.91
CA SER A 79 2.20 -13.43 7.10
C SER A 79 3.57 -12.84 6.78
N TRP A 80 4.57 -13.33 7.50
CA TRP A 80 5.93 -12.85 7.30
C TRP A 80 6.87 -13.79 8.05
N ASP A 81 6.74 -15.07 7.75
CA ASP A 81 7.58 -16.08 8.38
C ASP A 81 8.01 -17.12 7.34
N GLN A 82 7.02 -17.81 6.80
CA GLN A 82 7.27 -18.83 5.80
C GLN A 82 7.57 -18.18 4.44
N ASN A 83 8.77 -17.66 4.32
CA ASN A 83 9.18 -17.02 3.09
C ASN A 83 10.68 -16.71 3.15
N ARG A 84 11.23 -16.32 2.00
CA ARG A 84 12.63 -16.00 1.92
C ARG A 84 12.83 -14.53 1.52
N MET A 85 12.28 -13.66 2.35
CA MET A 85 12.38 -12.23 2.11
C MET A 85 12.74 -11.46 3.39
N GLY A 86 13.87 -10.78 3.33
CA GLY A 86 14.34 -10.02 4.48
C GLY A 86 13.19 -9.26 5.14
N GLN A 87 12.83 -8.15 4.51
CA GLN A 87 11.74 -7.33 5.02
C GLN A 87 10.52 -7.43 4.11
N ASP A 88 10.09 -8.67 3.88
CA ASP A 88 8.94 -8.91 3.03
C ASP A 88 7.86 -7.87 3.33
N SER A 89 7.69 -6.95 2.40
CA SER A 89 6.69 -5.90 2.56
C SER A 89 6.60 -5.08 1.27
N TYR A 90 5.48 -4.38 1.13
CA TYR A 90 5.26 -3.54 -0.04
C TYR A 90 5.72 -2.10 0.22
N VAL A 91 6.97 -1.84 -0.12
CA VAL A 91 7.55 -0.52 0.07
C VAL A 91 7.01 0.42 -1.01
N LEU A 92 6.01 1.20 -0.63
CA LEU A 92 5.39 2.15 -1.55
C LEU A 92 5.81 3.57 -1.16
N MET A 93 5.84 4.43 -2.17
CA MET A 93 6.22 5.82 -1.94
C MET A 93 5.35 6.76 -2.77
N ALA A 94 4.88 7.82 -2.13
CA ALA A 94 4.04 8.80 -2.80
C ALA A 94 4.86 10.06 -3.09
N SER A 95 4.31 10.90 -3.94
CA SER A 95 4.97 12.14 -4.31
C SER A 95 4.73 13.20 -3.23
N SER A 96 3.46 13.33 -2.86
CA SER A 96 3.09 14.31 -1.85
C SER A 96 2.56 13.58 -0.61
N GLN A 97 2.48 14.34 0.48
CA GLN A 97 2.00 13.79 1.74
C GLN A 97 0.49 13.58 1.68
N ALA A 98 -0.21 14.61 1.25
CA ALA A 98 -1.66 14.55 1.15
C ALA A 98 -2.05 13.26 0.44
N GLU A 99 -1.15 12.78 -0.39
CA GLU A 99 -1.40 11.55 -1.14
C GLU A 99 -1.16 10.33 -0.25
N MET A 100 -0.01 10.33 0.41
CA MET A 100 0.35 9.24 1.30
C MET A 100 -0.62 9.16 2.48
N GLU A 101 -1.07 10.32 2.92
CA GLU A 101 -2.00 10.39 4.04
C GLU A 101 -3.33 9.74 3.66
N GLU A 102 -3.79 10.07 2.46
CA GLU A 102 -5.06 9.53 1.97
C GLU A 102 -4.98 8.01 1.86
N TRP A 103 -4.00 7.56 1.10
CA TRP A 103 -3.80 6.13 0.91
C TRP A 103 -3.82 5.46 2.27
N VAL A 104 -2.82 5.79 3.08
CA VAL A 104 -2.71 5.24 4.42
C VAL A 104 -4.09 5.23 5.08
N LYS A 105 -4.69 6.42 5.15
CA LYS A 105 -6.00 6.55 5.75
C LYS A 105 -6.89 5.38 5.33
N PHE A 106 -7.10 5.28 4.02
CA PHE A 106 -7.92 4.22 3.48
C PHE A 106 -7.34 2.84 3.84
N LEU A 107 -6.08 2.65 3.49
CA LEU A 107 -5.40 1.40 3.77
C LEU A 107 -5.63 1.02 5.23
N ARG A 108 -5.10 1.85 6.12
CA ARG A 108 -5.24 1.61 7.54
C ARG A 108 -6.71 1.39 7.91
N ARG A 109 -7.55 2.28 7.38
CA ARG A 109 -8.98 2.20 7.64
C ARG A 109 -9.47 0.78 7.43
N VAL A 110 -9.34 0.31 6.19
CA VAL A 110 -9.78 -1.02 5.85
C VAL A 110 -9.01 -2.04 6.69
N ALA A 111 -7.70 -1.84 6.76
CA ALA A 111 -6.84 -2.73 7.52
C ALA A 111 -7.31 -2.75 8.98
N GLY A 112 -8.03 -1.70 9.36
CA GLY A 112 -8.54 -1.59 10.72
C GLY A 112 -9.57 -2.69 11.00
N SER A 113 -10.64 -2.66 10.23
CA SER A 113 -11.71 -3.65 10.39
C SER A 113 -11.12 -5.06 10.34
N GLY A 114 -11.74 -5.95 11.11
CA GLY A 114 -11.29 -7.33 11.16
C GLY A 114 -11.69 -7.98 12.49
N PRO A 115 -11.34 -9.29 12.61
CA PRO A 115 -11.66 -10.04 13.81
C PRO A 115 -10.75 -9.64 14.98
N SER A 116 -11.37 -9.25 16.07
CA SER A 116 -10.63 -8.84 17.25
C SER A 116 -9.66 -9.95 17.68
N SER A 117 -8.77 -9.60 18.58
CA SER A 117 -7.79 -10.56 19.08
C SER A 117 -8.50 -11.81 19.58
N GLY A 118 -7.76 -12.92 19.54
CA GLY A 118 -8.30 -14.19 19.99
C GLY A 118 -7.18 -15.14 20.45
N GLY A 1 -22.25 -0.70 6.75
CA GLY A 1 -22.43 -2.13 6.53
C GLY A 1 -21.55 -2.61 5.37
N SER A 2 -22.15 -3.43 4.52
CA SER A 2 -21.44 -3.97 3.37
C SER A 2 -22.43 -4.63 2.41
N SER A 3 -22.12 -4.52 1.13
CA SER A 3 -22.96 -5.10 0.10
C SER A 3 -22.13 -5.46 -1.13
N GLY A 4 -21.47 -6.60 -1.05
CA GLY A 4 -20.63 -7.07 -2.14
C GLY A 4 -19.45 -6.12 -2.38
N SER A 5 -19.53 -5.40 -3.49
CA SER A 5 -18.49 -4.45 -3.85
C SER A 5 -18.91 -3.63 -5.06
N SER A 6 -18.86 -2.31 -4.90
CA SER A 6 -19.24 -1.41 -5.97
C SER A 6 -18.01 -0.65 -6.48
N GLY A 7 -17.13 -1.38 -7.15
CA GLY A 7 -15.92 -0.80 -7.69
C GLY A 7 -14.82 -0.73 -6.62
N PRO A 8 -13.72 -0.03 -6.98
CA PRO A 8 -12.59 0.13 -6.07
C PRO A 8 -12.92 1.14 -4.96
N ILE A 9 -11.87 1.57 -4.27
CA ILE A 9 -12.04 2.52 -3.19
C ILE A 9 -11.20 3.77 -3.49
N LYS A 10 -9.93 3.52 -3.82
CA LYS A 10 -9.01 4.61 -4.13
C LYS A 10 -8.11 4.19 -5.29
N MET A 11 -7.89 5.13 -6.19
CA MET A 11 -7.05 4.88 -7.35
C MET A 11 -6.03 5.99 -7.55
N GLY A 12 -4.79 5.59 -7.76
CA GLY A 12 -3.71 6.55 -7.95
C GLY A 12 -2.40 5.84 -8.32
N TRP A 13 -1.46 6.62 -8.82
CA TRP A 13 -0.17 6.08 -9.20
C TRP A 13 0.77 6.22 -8.00
N LEU A 14 1.37 5.09 -7.63
CA LEU A 14 2.30 5.06 -6.51
C LEU A 14 3.63 4.46 -6.97
N LYS A 15 4.67 4.79 -6.22
CA LYS A 15 6.00 4.29 -6.53
C LYS A 15 6.29 3.07 -5.66
N LYS A 16 6.21 1.90 -6.28
CA LYS A 16 6.46 0.66 -5.58
C LYS A 16 7.94 0.30 -5.72
N GLN A 17 8.62 0.25 -4.58
CA GLN A 17 10.04 -0.10 -4.57
C GLN A 17 10.23 -1.60 -4.79
N ARG A 18 11.16 -1.92 -5.67
CA ARG A 18 11.44 -3.31 -5.98
C ARG A 18 12.09 -4.00 -4.78
N SER A 19 12.49 -5.24 -4.98
CA SER A 19 13.12 -6.01 -3.93
C SER A 19 14.63 -6.01 -4.10
N ILE A 20 15.33 -5.93 -2.99
CA ILE A 20 16.78 -5.91 -3.00
C ILE A 20 17.27 -4.59 -3.62
N VAL A 21 17.01 -4.46 -4.92
CA VAL A 21 17.41 -3.26 -5.64
C VAL A 21 16.67 -2.05 -5.06
N LYS A 22 17.41 -0.97 -4.89
CA LYS A 22 16.85 0.26 -4.35
C LYS A 22 16.33 1.12 -5.50
N ASN A 23 15.18 0.72 -6.02
CA ASN A 23 14.56 1.45 -7.13
C ASN A 23 13.08 1.67 -6.82
N TRP A 24 12.50 2.63 -7.53
CA TRP A 24 11.10 2.96 -7.34
C TRP A 24 10.42 2.91 -8.71
N GLN A 25 9.37 2.10 -8.78
CA GLN A 25 8.62 1.95 -10.02
C GLN A 25 7.24 2.57 -9.88
N GLN A 26 7.01 3.63 -10.65
CA GLN A 26 5.74 4.32 -10.62
C GLN A 26 4.67 3.49 -11.36
N ARG A 27 3.83 2.85 -10.57
CA ARG A 27 2.76 2.03 -11.12
C ARG A 27 1.39 2.59 -10.73
N TYR A 28 0.36 1.96 -11.25
CA TYR A 28 -1.00 2.39 -10.96
C TYR A 28 -1.64 1.50 -9.90
N PHE A 29 -1.70 2.04 -8.69
CA PHE A 29 -2.29 1.30 -7.57
C PHE A 29 -3.79 1.53 -7.51
N VAL A 30 -4.51 0.43 -7.30
CA VAL A 30 -5.96 0.50 -7.21
C VAL A 30 -6.43 -0.24 -5.94
N LEU A 31 -7.14 0.50 -5.10
CA LEU A 31 -7.65 -0.08 -3.87
C LEU A 31 -9.11 -0.52 -4.07
N ARG A 32 -9.44 -1.63 -3.43
CA ARG A 32 -10.78 -2.17 -3.53
C ARG A 32 -11.35 -2.47 -2.14
N ALA A 33 -12.24 -3.44 -2.10
CA ALA A 33 -12.85 -3.83 -0.84
C ALA A 33 -11.91 -4.77 -0.08
N GLN A 34 -11.52 -4.34 1.12
CA GLN A 34 -10.62 -5.12 1.94
C GLN A 34 -9.58 -5.83 1.07
N GLN A 35 -9.04 -5.07 0.14
CA GLN A 35 -8.03 -5.61 -0.76
C GLN A 35 -7.31 -4.48 -1.49
N LEU A 36 -6.06 -4.74 -1.84
CA LEU A 36 -5.25 -3.75 -2.54
C LEU A 36 -4.67 -4.38 -3.82
N TYR A 37 -4.64 -3.58 -4.87
CA TYR A 37 -4.11 -4.04 -6.14
C TYR A 37 -3.23 -2.98 -6.79
N TYR A 38 -2.47 -3.41 -7.79
CA TYR A 38 -1.59 -2.50 -8.50
C TYR A 38 -1.22 -3.07 -9.88
N TYR A 39 -1.44 -2.24 -10.89
CA TYR A 39 -1.13 -2.65 -12.26
C TYR A 39 0.02 -1.81 -12.83
N LYS A 40 0.54 -2.28 -13.95
CA LYS A 40 1.64 -1.60 -14.61
C LYS A 40 1.14 -0.27 -15.20
N ASP A 41 -0.05 -0.35 -15.78
CA ASP A 41 -0.66 0.83 -16.38
C ASP A 41 -2.18 0.77 -16.19
N GLU A 42 -2.84 1.76 -16.75
CA GLU A 42 -4.29 1.84 -16.66
C GLU A 42 -4.94 1.36 -17.96
N GLU A 43 -4.45 0.23 -18.45
CA GLU A 43 -4.97 -0.34 -19.68
C GLU A 43 -5.33 -1.81 -19.47
N ASP A 44 -4.41 -2.52 -18.85
CA ASP A 44 -4.61 -3.93 -18.58
C ASP A 44 -5.81 -4.11 -17.65
N THR A 45 -6.19 -5.37 -17.46
CA THR A 45 -7.31 -5.68 -16.59
C THR A 45 -6.87 -6.60 -15.45
N LYS A 46 -6.08 -7.60 -15.82
CA LYS A 46 -5.58 -8.56 -14.84
C LYS A 46 -4.64 -7.85 -13.88
N PRO A 47 -4.87 -8.11 -12.56
CA PRO A 47 -4.04 -7.50 -11.52
C PRO A 47 -2.67 -8.17 -11.45
N GLN A 48 -1.71 -7.42 -10.93
CA GLN A 48 -0.36 -7.93 -10.80
C GLN A 48 -0.17 -8.59 -9.43
N GLY A 49 -0.75 -7.97 -8.42
CA GLY A 49 -0.66 -8.49 -7.06
C GLY A 49 -1.91 -8.14 -6.25
N CYS A 50 -1.98 -8.71 -5.05
CA CYS A 50 -3.12 -8.46 -4.18
C CYS A 50 -2.61 -8.42 -2.74
N MET A 51 -3.13 -7.46 -1.99
CA MET A 51 -2.75 -7.30 -0.60
C MET A 51 -3.98 -7.18 0.31
N TYR A 52 -3.98 -7.99 1.34
CA TYR A 52 -5.08 -8.00 2.30
C TYR A 52 -4.97 -6.83 3.27
N LEU A 53 -5.90 -5.91 3.17
CA LEU A 53 -5.92 -4.75 4.04
C LEU A 53 -6.12 -5.20 5.48
N PRO A 54 -7.05 -6.18 5.65
CA PRO A 54 -7.35 -6.71 6.97
C PRO A 54 -6.23 -7.63 7.46
N GLY A 55 -5.42 -7.09 8.36
CA GLY A 55 -4.31 -7.86 8.91
C GLY A 55 -2.96 -7.34 8.39
N CYS A 56 -3.03 -6.17 7.76
CA CYS A 56 -1.83 -5.56 7.20
C CYS A 56 -1.20 -4.69 8.28
N THR A 57 0.03 -4.29 8.03
CA THR A 57 0.77 -3.46 8.97
C THR A 57 1.47 -2.31 8.24
N ILE A 58 0.85 -1.14 8.30
CA ILE A 58 1.40 0.03 7.65
C ILE A 58 2.44 0.67 8.56
N LYS A 59 3.68 0.67 8.09
CA LYS A 59 4.77 1.25 8.85
C LYS A 59 5.40 2.39 8.05
N GLU A 60 5.39 3.57 8.65
CA GLU A 60 5.95 4.75 8.00
C GLU A 60 7.48 4.69 8.04
N ILE A 61 8.06 4.51 6.86
CA ILE A 61 9.51 4.44 6.74
C ILE A 61 10.09 5.86 6.61
N ALA A 62 11.24 6.06 7.22
CA ALA A 62 11.90 7.35 7.17
C ALA A 62 13.25 7.21 6.46
N THR A 63 13.67 8.32 5.86
CA THR A 63 14.94 8.32 5.14
C THR A 63 16.09 8.60 6.09
N ASN A 64 16.88 9.61 5.75
CA ASN A 64 18.02 9.98 6.57
C ASN A 64 17.54 10.35 7.98
N PRO A 65 18.50 10.28 8.95
CA PRO A 65 18.17 10.60 10.33
C PRO A 65 18.03 12.11 10.52
N GLU A 66 18.91 12.84 9.85
CA GLU A 66 18.89 14.29 9.95
C GLU A 66 17.66 14.86 9.24
N GLU A 67 17.53 14.49 7.97
CA GLU A 67 16.41 14.96 7.17
C GLU A 67 15.11 14.89 7.99
N ALA A 68 14.10 15.58 7.47
CA ALA A 68 12.81 15.61 8.15
C ALA A 68 11.94 14.47 7.62
N GLY A 69 12.55 13.29 7.51
CA GLY A 69 11.85 12.13 7.02
C GLY A 69 11.21 12.40 5.66
N LYS A 70 10.65 11.34 5.09
CA LYS A 70 10.01 11.45 3.78
C LYS A 70 8.65 10.74 3.82
N PHE A 71 7.87 10.98 2.79
CA PHE A 71 6.55 10.37 2.69
C PHE A 71 6.65 8.96 2.11
N VAL A 72 7.33 8.10 2.84
CA VAL A 72 7.50 6.71 2.42
C VAL A 72 6.90 5.78 3.46
N PHE A 73 6.12 4.83 2.99
CA PHE A 73 5.48 3.86 3.86
C PHE A 73 5.43 2.47 3.22
N GLU A 74 5.69 1.47 4.05
CA GLU A 74 5.68 0.10 3.57
C GLU A 74 4.52 -0.68 4.22
N ILE A 75 3.85 -1.46 3.39
CA ILE A 75 2.73 -2.26 3.86
C ILE A 75 3.19 -3.70 4.09
N ILE A 76 2.93 -4.19 5.29
CA ILE A 76 3.31 -5.54 5.65
C ILE A 76 2.06 -6.43 5.66
N PRO A 77 2.15 -7.55 4.91
CA PRO A 77 1.03 -8.49 4.83
C PRO A 77 0.93 -9.33 6.11
N ALA A 78 -0.27 -9.82 6.36
CA ALA A 78 -0.51 -10.63 7.53
C ALA A 78 0.12 -12.01 7.35
N SER A 79 1.45 -12.01 7.26
CA SER A 79 2.18 -13.25 7.07
C SER A 79 3.67 -12.97 6.97
N TRP A 80 4.30 -12.84 8.14
CA TRP A 80 5.72 -12.55 8.20
C TRP A 80 6.27 -13.16 9.49
N ASP A 81 7.22 -14.07 9.33
CA ASP A 81 7.83 -14.72 10.48
C ASP A 81 9.04 -15.54 10.01
N GLN A 82 8.77 -16.45 9.08
CA GLN A 82 9.83 -17.30 8.55
C GLN A 82 10.63 -16.53 7.49
N ASN A 83 11.95 -16.65 7.59
CA ASN A 83 12.83 -15.98 6.66
C ASN A 83 12.39 -14.54 6.48
N ARG A 84 13.00 -13.88 5.52
CA ARG A 84 12.67 -12.49 5.23
C ARG A 84 13.07 -12.13 3.80
N MET A 85 13.03 -13.13 2.93
CA MET A 85 13.38 -12.93 1.54
C MET A 85 12.15 -13.04 0.64
N GLY A 86 12.19 -12.32 -0.47
CA GLY A 86 11.10 -12.32 -1.42
C GLY A 86 10.36 -10.99 -1.40
N GLN A 87 9.27 -10.96 -0.64
CA GLN A 87 8.47 -9.76 -0.53
C GLN A 87 8.18 -9.45 0.94
N ASP A 88 9.23 -9.10 1.66
CA ASP A 88 9.11 -8.78 3.08
C ASP A 88 7.84 -7.95 3.28
N SER A 89 7.75 -6.88 2.51
CA SER A 89 6.60 -5.99 2.61
C SER A 89 6.45 -5.18 1.33
N TYR A 90 5.46 -4.30 1.32
CA TYR A 90 5.21 -3.46 0.16
C TYR A 90 5.65 -2.02 0.43
N VAL A 91 6.91 -1.75 0.07
CA VAL A 91 7.46 -0.41 0.26
C VAL A 91 6.93 0.52 -0.82
N LEU A 92 5.87 1.24 -0.46
CA LEU A 92 5.26 2.18 -1.39
C LEU A 92 5.65 3.61 -1.01
N MET A 93 5.80 4.44 -2.03
CA MET A 93 6.18 5.83 -1.81
C MET A 93 5.27 6.77 -2.62
N ALA A 94 4.95 7.90 -2.01
CA ALA A 94 4.11 8.89 -2.65
C ALA A 94 4.92 10.16 -2.91
N SER A 95 4.53 10.86 -3.97
CA SER A 95 5.21 12.09 -4.34
C SER A 95 5.01 13.14 -3.24
N SER A 96 3.75 13.36 -2.89
CA SER A 96 3.41 14.33 -1.86
C SER A 96 3.00 13.61 -0.58
N GLN A 97 2.56 14.40 0.38
CA GLN A 97 2.14 13.86 1.67
C GLN A 97 0.62 13.66 1.68
N ALA A 98 -0.09 14.68 1.23
CA ALA A 98 -1.54 14.63 1.18
C ALA A 98 -1.98 13.34 0.50
N GLU A 99 -1.15 12.88 -0.42
CA GLU A 99 -1.43 11.66 -1.15
C GLU A 99 -1.13 10.44 -0.29
N MET A 100 0.04 10.47 0.34
CA MET A 100 0.46 9.38 1.20
C MET A 100 -0.48 9.22 2.39
N GLU A 101 -0.95 10.36 2.89
CA GLU A 101 -1.85 10.37 4.02
C GLU A 101 -3.18 9.70 3.65
N GLU A 102 -3.64 10.01 2.45
CA GLU A 102 -4.89 9.44 1.97
C GLU A 102 -4.74 7.95 1.73
N TRP A 103 -3.66 7.60 1.05
CA TRP A 103 -3.38 6.20 0.75
C TRP A 103 -3.41 5.41 2.07
N VAL A 104 -2.51 5.79 2.96
CA VAL A 104 -2.42 5.14 4.26
C VAL A 104 -3.81 5.12 4.91
N LYS A 105 -4.46 6.27 4.88
CA LYS A 105 -5.79 6.40 5.46
C LYS A 105 -6.63 5.19 5.07
N PHE A 106 -6.93 5.11 3.78
CA PHE A 106 -7.73 4.01 3.26
C PHE A 106 -7.10 2.67 3.62
N LEU A 107 -5.86 2.50 3.19
CA LEU A 107 -5.14 1.27 3.45
C LEU A 107 -5.35 0.85 4.90
N ARG A 108 -4.78 1.65 5.80
CA ARG A 108 -4.90 1.39 7.23
C ARG A 108 -6.38 1.27 7.63
N ARG A 109 -7.13 2.30 7.27
CA ARG A 109 -8.55 2.32 7.59
C ARG A 109 -9.16 0.93 7.43
N VAL A 110 -9.29 0.52 6.18
CA VAL A 110 -9.86 -0.79 5.87
C VAL A 110 -9.20 -1.84 6.77
N ALA A 111 -7.88 -1.77 6.83
CA ALA A 111 -7.12 -2.72 7.64
C ALA A 111 -7.65 -2.68 9.08
N GLY A 112 -8.03 -1.49 9.51
CA GLY A 112 -8.55 -1.30 10.85
C GLY A 112 -9.96 -0.70 10.82
N SER A 113 -10.81 -1.34 10.02
CA SER A 113 -12.18 -0.89 9.89
C SER A 113 -13.12 -1.80 10.69
N GLY A 114 -14.25 -1.24 11.07
CA GLY A 114 -15.24 -1.99 11.83
C GLY A 114 -15.59 -1.27 13.13
N PRO A 115 -16.32 -2.00 14.01
CA PRO A 115 -16.72 -1.45 15.29
C PRO A 115 -15.54 -1.38 16.26
N SER A 116 -15.11 -0.16 16.53
CA SER A 116 -13.99 0.05 17.44
C SER A 116 -14.22 1.32 18.26
N SER A 117 -13.69 1.31 19.47
CA SER A 117 -13.82 2.45 20.36
C SER A 117 -12.47 2.78 21.00
N GLY A 118 -11.92 1.79 21.68
CA GLY A 118 -10.63 1.96 22.34
C GLY A 118 -10.82 2.15 23.85
N GLY A 1 -14.88 8.19 4.73
CA GLY A 1 -16.18 8.63 4.25
C GLY A 1 -17.24 7.55 4.50
N SER A 2 -17.56 6.82 3.44
CA SER A 2 -18.55 5.76 3.53
C SER A 2 -18.15 4.58 2.64
N SER A 3 -18.69 3.42 2.97
CA SER A 3 -18.40 2.22 2.22
C SER A 3 -18.71 2.43 0.74
N GLY A 4 -18.30 1.47 -0.07
CA GLY A 4 -18.53 1.54 -1.50
C GLY A 4 -19.39 0.37 -1.99
N SER A 5 -19.65 0.37 -3.29
CA SER A 5 -20.46 -0.68 -3.88
C SER A 5 -19.82 -1.17 -5.17
N SER A 6 -19.60 -0.22 -6.08
CA SER A 6 -18.99 -0.54 -7.36
C SER A 6 -17.68 0.24 -7.53
N GLY A 7 -16.85 -0.26 -8.43
CA GLY A 7 -15.57 0.38 -8.69
C GLY A 7 -14.70 0.42 -7.44
N PRO A 8 -13.44 0.87 -7.63
CA PRO A 8 -12.50 0.96 -6.51
C PRO A 8 -12.84 2.14 -5.61
N ILE A 9 -12.04 2.30 -4.56
CA ILE A 9 -12.23 3.38 -3.61
C ILE A 9 -11.21 4.47 -3.88
N LYS A 10 -9.94 4.09 -3.76
CA LYS A 10 -8.86 5.02 -3.98
C LYS A 10 -7.93 4.48 -5.08
N MET A 11 -7.45 5.39 -5.90
CA MET A 11 -6.55 5.02 -6.99
C MET A 11 -5.54 6.13 -7.27
N GLY A 12 -4.33 5.71 -7.64
CA GLY A 12 -3.27 6.64 -7.94
C GLY A 12 -1.99 5.91 -8.33
N TRP A 13 -1.09 6.66 -8.96
CA TRP A 13 0.18 6.09 -9.39
C TRP A 13 1.20 6.30 -8.27
N LEU A 14 1.62 5.19 -7.68
CA LEU A 14 2.59 5.24 -6.60
C LEU A 14 3.90 4.60 -7.06
N LYS A 15 4.92 4.71 -6.22
CA LYS A 15 6.21 4.14 -6.52
C LYS A 15 6.49 2.97 -5.58
N LYS A 16 6.51 1.77 -6.16
CA LYS A 16 6.76 0.58 -5.38
C LYS A 16 8.19 0.09 -5.66
N GLN A 17 8.92 -0.11 -4.57
CA GLN A 17 10.30 -0.57 -4.68
C GLN A 17 10.39 -1.74 -5.65
N ARG A 18 11.60 -1.96 -6.16
CA ARG A 18 11.84 -3.04 -7.09
C ARG A 18 12.31 -4.29 -6.36
N SER A 19 12.41 -5.38 -7.10
CA SER A 19 12.85 -6.64 -6.53
C SER A 19 14.31 -6.55 -6.11
N ILE A 20 14.52 -6.29 -4.82
CA ILE A 20 15.85 -6.17 -4.28
C ILE A 20 16.48 -4.86 -4.75
N VAL A 21 16.71 -4.79 -6.05
CA VAL A 21 17.30 -3.59 -6.65
C VAL A 21 16.63 -2.35 -6.05
N LYS A 22 17.48 -1.43 -5.59
CA LYS A 22 16.98 -0.20 -5.00
C LYS A 22 16.45 0.72 -6.10
N ASN A 23 15.32 0.32 -6.66
CA ASN A 23 14.69 1.09 -7.73
C ASN A 23 13.19 1.21 -7.45
N TRP A 24 12.68 2.40 -7.72
CA TRP A 24 11.27 2.67 -7.49
C TRP A 24 10.55 2.56 -8.84
N GLN A 25 9.43 1.85 -8.83
CA GLN A 25 8.64 1.65 -10.03
C GLN A 25 7.29 2.36 -9.90
N GLN A 26 7.07 3.32 -10.79
CA GLN A 26 5.82 4.07 -10.79
C GLN A 26 4.70 3.23 -11.39
N ARG A 27 3.92 2.61 -10.52
CA ARG A 27 2.82 1.79 -10.95
C ARG A 27 1.48 2.40 -10.51
N TYR A 28 0.41 1.90 -11.10
CA TYR A 28 -0.92 2.40 -10.78
C TYR A 28 -1.60 1.50 -9.74
N PHE A 29 -1.67 2.02 -8.52
CA PHE A 29 -2.29 1.28 -7.43
C PHE A 29 -3.79 1.63 -7.31
N VAL A 30 -4.57 0.61 -7.03
CA VAL A 30 -6.01 0.78 -6.88
C VAL A 30 -6.48 0.12 -5.59
N LEU A 31 -7.31 0.84 -4.85
CA LEU A 31 -7.84 0.33 -3.61
C LEU A 31 -9.30 -0.08 -3.80
N ARG A 32 -9.51 -1.40 -3.82
CA ARG A 32 -10.84 -1.93 -4.00
C ARG A 32 -11.17 -2.93 -2.88
N ALA A 33 -12.45 -2.95 -2.50
CA ALA A 33 -12.89 -3.84 -1.44
C ALA A 33 -11.83 -3.90 -0.34
N GLN A 34 -11.68 -5.09 0.22
CA GLN A 34 -10.72 -5.29 1.29
C GLN A 34 -9.43 -5.90 0.73
N GLN A 35 -9.05 -5.41 -0.44
CA GLN A 35 -7.84 -5.89 -1.10
C GLN A 35 -7.16 -4.75 -1.87
N LEU A 36 -5.84 -4.71 -1.77
CA LEU A 36 -5.07 -3.70 -2.45
C LEU A 36 -4.45 -4.28 -3.71
N TYR A 37 -4.73 -3.62 -4.83
CA TYR A 37 -4.21 -4.06 -6.11
C TYR A 37 -3.32 -2.99 -6.75
N TYR A 38 -2.56 -3.42 -7.73
CA TYR A 38 -1.66 -2.50 -8.43
C TYR A 38 -1.28 -3.05 -9.81
N TYR A 39 -1.47 -2.21 -10.82
CA TYR A 39 -1.15 -2.60 -12.18
C TYR A 39 0.04 -1.81 -12.72
N LYS A 40 0.91 -2.52 -13.42
CA LYS A 40 2.09 -1.89 -13.99
C LYS A 40 1.70 -0.61 -14.71
N ASP A 41 0.62 -0.70 -15.47
CA ASP A 41 0.12 0.44 -16.22
C ASP A 41 -1.36 0.65 -15.90
N GLU A 42 -1.94 1.63 -16.58
CA GLU A 42 -3.35 1.94 -16.37
C GLU A 42 -4.14 1.69 -17.66
N GLU A 43 -4.05 0.44 -18.13
CA GLU A 43 -4.76 0.07 -19.34
C GLU A 43 -5.29 -1.36 -19.22
N ASP A 44 -4.42 -2.26 -18.81
CA ASP A 44 -4.78 -3.66 -18.64
C ASP A 44 -5.99 -3.75 -17.70
N THR A 45 -6.46 -4.98 -17.51
CA THR A 45 -7.60 -5.22 -16.64
C THR A 45 -7.30 -6.36 -15.68
N LYS A 46 -6.05 -6.81 -15.70
CA LYS A 46 -5.62 -7.90 -14.84
C LYS A 46 -4.65 -7.35 -13.79
N PRO A 47 -4.94 -7.70 -12.51
CA PRO A 47 -4.09 -7.25 -11.41
C PRO A 47 -2.79 -8.05 -11.36
N GLN A 48 -1.78 -7.45 -10.75
CA GLN A 48 -0.48 -8.09 -10.64
C GLN A 48 -0.32 -8.71 -9.25
N GLY A 49 -0.46 -7.87 -8.24
CA GLY A 49 -0.33 -8.32 -6.86
C GLY A 49 -1.50 -7.82 -6.01
N CYS A 50 -1.90 -8.66 -5.06
CA CYS A 50 -3.00 -8.32 -4.18
C CYS A 50 -2.51 -8.43 -2.73
N MET A 51 -2.88 -7.44 -1.94
CA MET A 51 -2.49 -7.41 -0.54
C MET A 51 -3.71 -7.32 0.38
N TYR A 52 -3.85 -8.33 1.22
CA TYR A 52 -4.96 -8.37 2.16
C TYR A 52 -4.87 -7.24 3.18
N LEU A 53 -5.73 -6.24 2.99
CA LEU A 53 -5.76 -5.10 3.89
C LEU A 53 -6.06 -5.58 5.31
N PRO A 54 -7.05 -6.51 5.40
CA PRO A 54 -7.46 -7.05 6.68
C PRO A 54 -6.42 -8.06 7.20
N GLY A 55 -5.19 -7.59 7.31
CA GLY A 55 -4.10 -8.43 7.78
C GLY A 55 -2.74 -7.90 7.31
N CYS A 56 -2.60 -6.58 7.40
CA CYS A 56 -1.36 -5.94 6.98
C CYS A 56 -0.98 -4.91 8.05
N THR A 57 0.23 -4.39 7.91
CA THR A 57 0.73 -3.40 8.85
C THR A 57 1.38 -2.23 8.09
N ILE A 58 0.68 -1.11 8.09
CA ILE A 58 1.17 0.08 7.43
C ILE A 58 2.22 0.77 8.31
N LYS A 59 3.46 0.70 7.85
CA LYS A 59 4.55 1.31 8.59
C LYS A 59 5.10 2.51 7.81
N GLU A 60 5.48 3.53 8.55
CA GLU A 60 6.01 4.74 7.94
C GLU A 60 7.53 4.65 7.82
N ILE A 61 8.01 4.84 6.59
CA ILE A 61 9.44 4.78 6.32
C ILE A 61 9.96 6.19 6.08
N ALA A 62 11.00 6.54 6.82
CA ALA A 62 11.61 7.86 6.70
C ALA A 62 12.98 7.72 6.03
N THR A 63 13.39 8.80 5.37
CA THR A 63 14.67 8.81 4.68
C THR A 63 15.82 8.73 5.70
N ASN A 64 15.45 8.87 6.97
CA ASN A 64 16.43 8.82 8.04
C ASN A 64 15.73 8.42 9.34
N PRO A 65 16.53 7.81 10.25
CA PRO A 65 16.01 7.38 11.54
C PRO A 65 15.80 8.57 12.47
N GLU A 66 15.08 9.56 11.96
CA GLU A 66 14.79 10.75 12.74
C GLU A 66 13.91 11.71 11.94
N GLU A 67 14.34 11.98 10.71
CA GLU A 67 13.60 12.87 9.83
C GLU A 67 12.15 12.39 9.70
N ALA A 68 11.27 13.37 9.53
CA ALA A 68 9.85 13.07 9.38
C ALA A 68 9.25 13.98 8.32
N GLY A 69 9.86 13.95 7.14
CA GLY A 69 9.39 14.76 6.03
C GLY A 69 9.01 13.89 4.83
N LYS A 70 10.00 13.15 4.35
CA LYS A 70 9.78 12.27 3.21
C LYS A 70 8.54 11.42 3.46
N PHE A 71 7.70 11.33 2.43
CA PHE A 71 6.48 10.55 2.51
C PHE A 71 6.66 9.17 1.89
N VAL A 72 7.14 8.25 2.69
CA VAL A 72 7.36 6.89 2.23
C VAL A 72 6.85 5.91 3.28
N PHE A 73 6.11 4.91 2.81
CA PHE A 73 5.56 3.89 3.69
C PHE A 73 5.56 2.52 3.02
N GLU A 74 5.57 1.49 3.86
CA GLU A 74 5.57 0.13 3.36
C GLU A 74 4.45 -0.68 4.02
N ILE A 75 3.81 -1.51 3.21
CA ILE A 75 2.72 -2.34 3.70
C ILE A 75 3.24 -3.75 3.97
N ILE A 76 3.16 -4.14 5.24
CA ILE A 76 3.61 -5.46 5.64
C ILE A 76 2.42 -6.43 5.65
N PRO A 77 2.66 -7.63 5.07
CA PRO A 77 1.62 -8.65 5.01
C PRO A 77 1.42 -9.30 6.37
N ALA A 78 0.60 -10.35 6.37
CA ALA A 78 0.30 -11.07 7.60
C ALA A 78 1.43 -12.07 7.88
N SER A 79 2.65 -11.54 7.91
CA SER A 79 3.82 -12.37 8.18
C SER A 79 5.01 -11.49 8.53
N TRP A 80 4.97 -10.95 9.73
CA TRP A 80 6.04 -10.09 10.21
C TRP A 80 5.79 -9.79 11.69
N ASP A 81 6.10 -10.77 12.52
CA ASP A 81 5.92 -10.62 13.95
C ASP A 81 6.98 -11.44 14.69
N GLN A 82 6.92 -12.74 14.49
CA GLN A 82 7.87 -13.64 15.12
C GLN A 82 8.38 -14.68 14.12
N ASN A 83 9.53 -14.38 13.53
CA ASN A 83 10.11 -15.27 12.55
C ASN A 83 11.27 -14.56 11.85
N ARG A 84 12.19 -15.36 11.32
CA ARG A 84 13.34 -14.81 10.62
C ARG A 84 13.56 -15.55 9.30
N MET A 85 12.51 -15.56 8.49
CA MET A 85 12.56 -16.22 7.20
C MET A 85 11.43 -15.75 6.29
N GLY A 86 11.46 -14.46 5.98
CA GLY A 86 10.44 -13.87 5.13
C GLY A 86 10.11 -12.44 5.57
N GLN A 87 10.86 -11.50 5.03
CA GLN A 87 10.66 -10.10 5.36
C GLN A 87 10.46 -9.29 4.09
N ASP A 88 9.39 -9.62 3.37
CA ASP A 88 9.07 -8.92 2.14
C ASP A 88 7.74 -8.19 2.30
N SER A 89 7.81 -6.87 2.19
CA SER A 89 6.62 -6.05 2.32
C SER A 89 6.41 -5.22 1.04
N TYR A 90 5.45 -4.33 1.11
CA TYR A 90 5.13 -3.47 -0.03
C TYR A 90 5.58 -2.04 0.22
N VAL A 91 6.81 -1.75 -0.19
CA VAL A 91 7.37 -0.42 -0.02
C VAL A 91 6.78 0.52 -1.08
N LEU A 92 5.79 1.29 -0.64
CA LEU A 92 5.13 2.23 -1.52
C LEU A 92 5.57 3.66 -1.16
N MET A 93 5.69 4.48 -2.20
CA MET A 93 6.10 5.86 -2.01
C MET A 93 5.16 6.82 -2.74
N ALA A 94 4.87 7.93 -2.10
CA ALA A 94 3.98 8.93 -2.67
C ALA A 94 4.77 10.20 -2.96
N SER A 95 4.27 10.99 -3.90
CA SER A 95 4.92 12.23 -4.27
C SER A 95 4.56 13.33 -3.27
N SER A 96 3.29 13.36 -2.92
CA SER A 96 2.79 14.35 -1.98
C SER A 96 2.27 13.66 -0.71
N GLN A 97 2.26 14.43 0.37
CA GLN A 97 1.79 13.90 1.64
C GLN A 97 0.28 13.66 1.59
N ALA A 98 -0.44 14.67 1.13
CA ALA A 98 -1.88 14.58 1.03
C ALA A 98 -2.26 13.24 0.40
N GLU A 99 -1.37 12.75 -0.45
CA GLU A 99 -1.60 11.49 -1.12
C GLU A 99 -1.29 10.32 -0.17
N MET A 100 -0.12 10.38 0.43
CA MET A 100 0.30 9.34 1.35
C MET A 100 -0.65 9.26 2.56
N GLU A 101 -1.15 10.41 2.95
CA GLU A 101 -2.07 10.49 4.08
C GLU A 101 -3.37 9.76 3.75
N GLU A 102 -3.86 10.01 2.54
CA GLU A 102 -5.09 9.38 2.09
C GLU A 102 -4.91 7.87 1.95
N TRP A 103 -3.94 7.51 1.12
CA TRP A 103 -3.65 6.10 0.89
C TRP A 103 -3.62 5.39 2.25
N VAL A 104 -2.71 5.83 3.09
CA VAL A 104 -2.56 5.25 4.42
C VAL A 104 -3.93 5.21 5.10
N LYS A 105 -4.59 6.36 5.10
CA LYS A 105 -5.91 6.47 5.71
C LYS A 105 -6.77 5.30 5.26
N PHE A 106 -7.06 5.28 3.96
CA PHE A 106 -7.87 4.22 3.39
C PHE A 106 -7.30 2.84 3.72
N LEU A 107 -6.02 2.69 3.42
CA LEU A 107 -5.34 1.43 3.70
C LEU A 107 -5.57 1.02 5.15
N ARG A 108 -4.98 1.80 6.05
CA ARG A 108 -5.12 1.53 7.47
C ARG A 108 -6.60 1.35 7.84
N ARG A 109 -7.42 2.26 7.32
CA ARG A 109 -8.83 2.21 7.58
C ARG A 109 -9.38 0.79 7.39
N VAL A 110 -9.36 0.37 6.13
CA VAL A 110 -9.83 -0.97 5.78
C VAL A 110 -9.10 -2.01 6.64
N ALA A 111 -7.78 -1.92 6.60
CA ALA A 111 -6.96 -2.84 7.37
C ALA A 111 -7.44 -2.87 8.82
N GLY A 112 -8.02 -1.75 9.24
CA GLY A 112 -8.53 -1.63 10.59
C GLY A 112 -9.74 -2.55 10.80
N SER A 113 -10.86 -2.11 10.25
CA SER A 113 -12.10 -2.89 10.37
C SER A 113 -11.99 -4.18 9.57
N GLY A 114 -11.94 -5.28 10.31
CA GLY A 114 -11.84 -6.59 9.68
C GLY A 114 -13.03 -7.48 10.08
N PRO A 115 -13.10 -8.67 9.42
CA PRO A 115 -14.17 -9.61 9.69
C PRO A 115 -13.95 -10.32 11.02
N SER A 116 -14.87 -11.22 11.33
CA SER A 116 -14.79 -11.98 12.57
C SER A 116 -15.16 -13.44 12.31
N SER A 117 -14.27 -14.33 12.75
CA SER A 117 -14.48 -15.75 12.58
C SER A 117 -13.80 -16.53 13.71
N GLY A 118 -14.63 -17.20 14.50
CA GLY A 118 -14.11 -17.98 15.61
C GLY A 118 -14.01 -17.13 16.88
N GLY A 1 -24.78 -7.19 2.99
CA GLY A 1 -24.31 -6.92 1.65
C GLY A 1 -24.03 -5.43 1.45
N SER A 2 -24.51 -4.90 0.34
CA SER A 2 -24.30 -3.51 0.03
C SER A 2 -22.81 -3.20 -0.12
N SER A 3 -22.51 -2.22 -0.95
CA SER A 3 -21.12 -1.84 -1.18
C SER A 3 -20.99 -0.31 -1.16
N GLY A 4 -21.81 0.33 -1.99
CA GLY A 4 -21.79 1.78 -2.08
C GLY A 4 -21.06 2.24 -3.33
N SER A 5 -21.75 2.15 -4.46
CA SER A 5 -21.16 2.56 -5.73
C SER A 5 -20.10 1.56 -6.16
N SER A 6 -20.53 0.53 -6.87
CA SER A 6 -19.63 -0.50 -7.34
C SER A 6 -18.42 0.15 -8.04
N GLY A 7 -17.24 -0.19 -7.56
CA GLY A 7 -16.01 0.34 -8.11
C GLY A 7 -14.93 0.46 -7.04
N PRO A 8 -13.81 1.12 -7.43
CA PRO A 8 -12.69 1.31 -6.52
C PRO A 8 -13.01 2.39 -5.48
N ILE A 9 -12.06 2.61 -4.60
CA ILE A 9 -12.21 3.61 -3.55
C ILE A 9 -11.19 4.72 -3.75
N LYS A 10 -9.91 4.33 -3.65
CA LYS A 10 -8.83 5.28 -3.82
C LYS A 10 -7.84 4.74 -4.84
N MET A 11 -7.51 5.59 -5.81
CA MET A 11 -6.58 5.21 -6.85
C MET A 11 -5.48 6.26 -7.02
N GLY A 12 -4.34 5.81 -7.52
CA GLY A 12 -3.21 6.70 -7.73
C GLY A 12 -1.96 5.91 -8.13
N TRP A 13 -1.00 6.62 -8.70
CA TRP A 13 0.24 6.01 -9.12
C TRP A 13 1.24 6.11 -7.97
N LEU A 14 1.57 4.97 -7.41
CA LEU A 14 2.52 4.92 -6.30
C LEU A 14 3.81 4.26 -6.76
N LYS A 15 4.89 4.58 -6.06
CA LYS A 15 6.18 4.03 -6.39
C LYS A 15 6.47 2.82 -5.49
N LYS A 16 6.42 1.64 -6.10
CA LYS A 16 6.66 0.40 -5.37
C LYS A 16 8.09 -0.06 -5.63
N GLN A 17 8.81 -0.32 -4.54
CA GLN A 17 10.18 -0.78 -4.64
C GLN A 17 10.23 -2.17 -5.29
N ARG A 18 11.29 -2.39 -6.04
CA ARG A 18 11.48 -3.67 -6.72
C ARG A 18 12.12 -4.68 -5.76
N SER A 19 12.28 -5.90 -6.26
CA SER A 19 12.89 -6.96 -5.48
C SER A 19 14.42 -6.83 -5.49
N ILE A 20 14.99 -6.96 -4.31
CA ILE A 20 16.43 -6.85 -4.16
C ILE A 20 16.87 -5.41 -4.48
N VAL A 21 16.99 -5.13 -5.76
CA VAL A 21 17.39 -3.81 -6.21
C VAL A 21 16.55 -2.76 -5.49
N LYS A 22 17.18 -1.63 -5.21
CA LYS A 22 16.50 -0.54 -4.54
C LYS A 22 16.05 0.50 -5.56
N ASN A 23 15.09 0.09 -6.38
CA ASN A 23 14.56 0.98 -7.40
C ASN A 23 13.06 1.20 -7.18
N TRP A 24 12.63 2.42 -7.41
CA TRP A 24 11.22 2.77 -7.23
C TRP A 24 10.53 2.62 -8.58
N GLN A 25 9.44 1.87 -8.57
CA GLN A 25 8.67 1.64 -9.78
C GLN A 25 7.30 2.33 -9.68
N GLN A 26 7.10 3.28 -10.58
CA GLN A 26 5.85 4.02 -10.61
C GLN A 26 4.73 3.15 -11.22
N ARG A 27 3.91 2.60 -10.33
CA ARG A 27 2.81 1.75 -10.76
C ARG A 27 1.48 2.38 -10.36
N TYR A 28 0.43 1.93 -11.03
CA TYR A 28 -0.91 2.45 -10.76
C TYR A 28 -1.62 1.58 -9.71
N PHE A 29 -1.66 2.08 -8.49
CA PHE A 29 -2.30 1.36 -7.40
C PHE A 29 -3.78 1.72 -7.31
N VAL A 30 -4.59 0.71 -7.02
CA VAL A 30 -6.02 0.90 -6.90
C VAL A 30 -6.53 0.17 -5.67
N LEU A 31 -7.44 0.82 -4.96
CA LEU A 31 -8.01 0.25 -3.75
C LEU A 31 -9.44 -0.21 -4.04
N ARG A 32 -9.67 -1.50 -3.82
CA ARG A 32 -11.00 -2.06 -4.06
C ARG A 32 -11.31 -3.12 -3.00
N ALA A 33 -12.48 -2.97 -2.39
CA ALA A 33 -12.91 -3.90 -1.35
C ALA A 33 -11.87 -3.94 -0.24
N GLN A 34 -11.64 -5.14 0.27
CA GLN A 34 -10.67 -5.33 1.33
C GLN A 34 -9.36 -5.89 0.77
N GLN A 35 -9.09 -5.53 -0.48
CA GLN A 35 -7.87 -5.98 -1.13
C GLN A 35 -7.24 -4.85 -1.94
N LEU A 36 -5.92 -4.77 -1.85
CA LEU A 36 -5.18 -3.74 -2.56
C LEU A 36 -4.60 -4.33 -3.85
N TYR A 37 -4.83 -3.62 -4.94
CA TYR A 37 -4.34 -4.06 -6.24
C TYR A 37 -3.45 -2.99 -6.88
N TYR A 38 -2.67 -3.41 -7.85
CA TYR A 38 -1.77 -2.51 -8.55
C TYR A 38 -1.48 -3.01 -9.97
N TYR A 39 -1.59 -2.08 -10.91
CA TYR A 39 -1.35 -2.42 -12.30
C TYR A 39 -0.18 -1.61 -12.86
N LYS A 40 0.26 -2.00 -14.05
CA LYS A 40 1.37 -1.32 -14.71
C LYS A 40 0.86 -0.02 -15.35
N ASP A 41 -0.28 -0.15 -16.01
CA ASP A 41 -0.88 1.00 -16.66
C ASP A 41 -2.40 1.01 -16.39
N GLU A 42 -3.04 2.07 -16.85
CA GLU A 42 -4.48 2.21 -16.67
C GLU A 42 -5.22 1.71 -17.90
N GLU A 43 -4.81 0.53 -18.37
CA GLU A 43 -5.43 -0.06 -19.54
C GLU A 43 -5.88 -1.49 -19.23
N ASP A 44 -4.94 -2.28 -18.73
CA ASP A 44 -5.23 -3.67 -18.40
C ASP A 44 -6.39 -3.72 -17.41
N THR A 45 -7.08 -4.84 -17.42
CA THR A 45 -8.22 -5.04 -16.53
C THR A 45 -7.92 -6.12 -15.50
N LYS A 46 -6.67 -6.56 -15.50
CA LYS A 46 -6.24 -7.59 -14.57
C LYS A 46 -5.19 -7.01 -13.63
N PRO A 47 -5.38 -7.30 -12.31
CA PRO A 47 -4.45 -6.82 -11.30
C PRO A 47 -3.14 -7.62 -11.32
N GLN A 48 -2.08 -6.96 -10.91
CA GLN A 48 -0.77 -7.58 -10.87
C GLN A 48 -0.51 -8.21 -9.50
N GLY A 49 -0.81 -7.42 -8.47
CA GLY A 49 -0.62 -7.89 -7.11
C GLY A 49 -1.92 -7.78 -6.30
N CYS A 50 -1.91 -8.43 -5.15
CA CYS A 50 -3.08 -8.41 -4.27
C CYS A 50 -2.60 -8.51 -2.83
N MET A 51 -2.86 -7.46 -2.07
CA MET A 51 -2.46 -7.41 -0.68
C MET A 51 -3.68 -7.33 0.24
N TYR A 52 -3.79 -8.30 1.14
CA TYR A 52 -4.89 -8.34 2.08
C TYR A 52 -4.79 -7.20 3.10
N LEU A 53 -5.64 -6.20 2.90
CA LEU A 53 -5.66 -5.06 3.79
C LEU A 53 -5.91 -5.53 5.23
N PRO A 54 -6.88 -6.47 5.35
CA PRO A 54 -7.24 -7.01 6.66
C PRO A 54 -6.18 -7.99 7.14
N GLY A 55 -5.08 -7.44 7.64
CA GLY A 55 -3.98 -8.26 8.13
C GLY A 55 -2.64 -7.78 7.58
N CYS A 56 -2.47 -6.47 7.59
CA CYS A 56 -1.25 -5.86 7.10
C CYS A 56 -0.76 -4.84 8.13
N THR A 57 0.43 -4.31 7.88
CA THR A 57 1.01 -3.33 8.78
C THR A 57 1.58 -2.15 7.99
N ILE A 58 0.85 -1.05 8.02
CA ILE A 58 1.28 0.15 7.31
C ILE A 58 2.30 0.90 8.15
N LYS A 59 3.56 0.74 7.77
CA LYS A 59 4.65 1.39 8.48
C LYS A 59 5.16 2.57 7.64
N GLU A 60 5.58 3.61 8.35
CA GLU A 60 6.11 4.80 7.68
C GLU A 60 7.63 4.78 7.68
N ILE A 61 8.18 4.36 6.55
CA ILE A 61 9.63 4.29 6.42
C ILE A 61 10.20 5.71 6.27
N ALA A 62 11.31 5.94 6.95
CA ALA A 62 11.95 7.24 6.90
C ALA A 62 13.18 7.16 5.99
N THR A 63 13.51 8.30 5.40
CA THR A 63 14.64 8.38 4.50
C THR A 63 15.93 8.66 5.29
N ASN A 64 16.57 9.77 4.94
CA ASN A 64 17.79 10.17 5.60
C ASN A 64 17.62 10.04 7.12
N PRO A 65 18.76 10.16 7.84
CA PRO A 65 18.74 10.07 9.29
C PRO A 65 18.16 11.34 9.92
N GLU A 66 17.25 11.13 10.86
CA GLU A 66 16.61 12.25 11.54
C GLU A 66 16.32 13.38 10.55
N GLU A 67 15.60 13.04 9.49
CA GLU A 67 15.25 14.01 8.47
C GLU A 67 13.75 14.26 8.48
N ALA A 68 13.32 15.06 7.51
CA ALA A 68 11.91 15.39 7.38
C ALA A 68 11.22 14.35 6.51
N GLY A 69 11.50 13.09 6.81
CA GLY A 69 10.92 11.99 6.06
C GLY A 69 10.86 12.31 4.57
N LYS A 70 9.95 11.64 3.89
CA LYS A 70 9.78 11.85 2.45
C LYS A 70 8.50 11.14 1.99
N PHE A 71 7.53 11.10 2.88
CA PHE A 71 6.26 10.46 2.58
C PHE A 71 6.48 9.06 2.00
N VAL A 72 7.13 8.22 2.80
CA VAL A 72 7.41 6.86 2.38
C VAL A 72 6.84 5.88 3.41
N PHE A 73 6.06 4.93 2.91
CA PHE A 73 5.45 3.94 3.78
C PHE A 73 5.41 2.57 3.10
N GLU A 74 5.76 1.55 3.88
CA GLU A 74 5.77 0.19 3.36
C GLU A 74 4.63 -0.63 4.01
N ILE A 75 3.99 -1.43 3.17
CA ILE A 75 2.90 -2.27 3.63
C ILE A 75 3.41 -3.69 3.88
N ILE A 76 3.33 -4.10 5.14
CA ILE A 76 3.78 -5.43 5.52
C ILE A 76 2.59 -6.37 5.57
N PRO A 77 2.68 -7.47 4.78
CA PRO A 77 1.61 -8.46 4.72
C PRO A 77 1.61 -9.33 5.98
N ALA A 78 0.56 -10.13 6.10
CA ALA A 78 0.43 -11.02 7.25
C ALA A 78 1.45 -12.14 7.14
N SER A 79 1.63 -12.85 8.24
CA SER A 79 2.57 -13.96 8.29
C SER A 79 3.92 -13.51 7.73
N TRP A 80 4.73 -12.96 8.62
CA TRP A 80 6.06 -12.49 8.25
C TRP A 80 6.69 -11.82 9.46
N ASP A 81 7.05 -12.64 10.44
CA ASP A 81 7.66 -12.14 11.65
C ASP A 81 8.86 -13.02 12.01
N GLN A 82 10.04 -12.53 11.64
CA GLN A 82 11.26 -13.26 11.92
C GLN A 82 12.45 -12.57 11.23
N ASN A 83 13.42 -12.17 12.06
CA ASN A 83 14.60 -11.50 11.55
C ASN A 83 15.68 -12.55 11.25
N ARG A 84 15.58 -13.16 10.09
CA ARG A 84 16.54 -14.18 9.68
C ARG A 84 16.13 -14.78 8.33
N MET A 85 16.72 -14.25 7.28
CA MET A 85 16.44 -14.72 5.93
C MET A 85 14.97 -14.47 5.56
N GLY A 86 14.73 -13.27 5.05
CA GLY A 86 13.38 -12.89 4.66
C GLY A 86 13.17 -11.39 4.81
N GLN A 87 12.12 -11.04 5.53
CA GLN A 87 11.80 -9.63 5.76
C GLN A 87 11.37 -8.97 4.45
N ASP A 88 10.10 -9.14 4.12
CA ASP A 88 9.56 -8.58 2.90
C ASP A 88 8.40 -7.64 3.26
N SER A 89 8.02 -6.83 2.28
CA SER A 89 6.93 -5.88 2.47
C SER A 89 6.70 -5.07 1.19
N TYR A 90 5.64 -4.28 1.21
CA TYR A 90 5.30 -3.47 0.06
C TYR A 90 5.73 -2.01 0.28
N VAL A 91 6.94 -1.72 -0.15
CA VAL A 91 7.48 -0.37 -0.01
C VAL A 91 6.82 0.55 -1.04
N LEU A 92 5.87 1.33 -0.56
CA LEU A 92 5.15 2.25 -1.42
C LEU A 92 5.54 3.69 -1.05
N MET A 93 5.80 4.48 -2.08
CA MET A 93 6.17 5.87 -1.87
C MET A 93 5.26 6.80 -2.67
N ALA A 94 4.75 7.81 -1.98
CA ALA A 94 3.86 8.78 -2.61
C ALA A 94 4.65 10.04 -2.94
N SER A 95 4.12 10.81 -3.88
CA SER A 95 4.77 12.04 -4.30
C SER A 95 4.61 13.11 -3.21
N SER A 96 3.35 13.37 -2.88
CA SER A 96 3.04 14.37 -1.87
C SER A 96 2.65 13.67 -0.56
N GLN A 97 2.19 14.48 0.38
CA GLN A 97 1.78 13.96 1.67
C GLN A 97 0.27 13.71 1.69
N ALA A 98 -0.45 14.57 1.01
CA ALA A 98 -1.90 14.45 0.94
C ALA A 98 -2.27 13.14 0.24
N GLU A 99 -1.35 12.71 -0.64
CA GLU A 99 -1.57 11.48 -1.38
C GLU A 99 -1.27 10.27 -0.50
N MET A 100 -0.18 10.38 0.25
CA MET A 100 0.22 9.30 1.15
C MET A 100 -0.73 9.17 2.33
N GLU A 101 -1.28 10.31 2.73
CA GLU A 101 -2.21 10.34 3.85
C GLU A 101 -3.52 9.66 3.46
N GLU A 102 -4.00 10.00 2.27
CA GLU A 102 -5.24 9.44 1.78
C GLU A 102 -5.12 7.91 1.64
N TRP A 103 -4.01 7.49 1.04
CA TRP A 103 -3.77 6.08 0.85
C TRP A 103 -3.75 5.41 2.22
N VAL A 104 -2.74 5.74 3.00
CA VAL A 104 -2.60 5.18 4.33
C VAL A 104 -3.97 5.18 5.02
N LYS A 105 -4.62 6.33 4.99
CA LYS A 105 -5.92 6.47 5.60
C LYS A 105 -6.81 5.29 5.20
N PHE A 106 -7.09 5.21 3.91
CA PHE A 106 -7.90 4.14 3.38
C PHE A 106 -7.34 2.78 3.78
N LEU A 107 -6.07 2.57 3.45
CA LEU A 107 -5.41 1.32 3.76
C LEU A 107 -5.61 0.99 5.24
N ARG A 108 -4.99 1.79 6.09
CA ARG A 108 -5.10 1.59 7.53
C ARG A 108 -6.56 1.43 7.92
N ARG A 109 -7.40 2.27 7.35
CA ARG A 109 -8.83 2.25 7.63
C ARG A 109 -9.38 0.84 7.39
N VAL A 110 -9.18 0.36 6.16
CA VAL A 110 -9.65 -0.97 5.79
C VAL A 110 -8.93 -2.02 6.64
N ALA A 111 -7.61 -1.91 6.64
CA ALA A 111 -6.79 -2.85 7.40
C ALA A 111 -7.29 -2.91 8.84
N GLY A 112 -7.97 -1.84 9.24
CA GLY A 112 -8.50 -1.76 10.59
C GLY A 112 -7.56 -0.99 11.51
N SER A 113 -7.90 0.27 11.74
CA SER A 113 -7.10 1.12 12.59
C SER A 113 -8.00 2.04 13.42
N GLY A 114 -7.89 1.90 14.74
CA GLY A 114 -8.68 2.71 15.65
C GLY A 114 -7.92 3.97 16.06
N PRO A 115 -8.66 4.87 16.78
CA PRO A 115 -8.07 6.12 17.24
C PRO A 115 -7.15 5.87 18.44
N SER A 116 -5.87 5.69 18.14
CA SER A 116 -4.88 5.45 19.18
C SER A 116 -3.49 5.82 18.69
N SER A 117 -2.73 6.45 19.56
CA SER A 117 -1.38 6.87 19.22
C SER A 117 -0.43 6.59 20.40
N GLY A 118 0.82 6.31 20.05
CA GLY A 118 1.82 6.01 21.05
C GLY A 118 2.56 4.72 20.74
N GLY A 1 -24.12 -5.42 7.49
CA GLY A 1 -24.10 -5.61 6.05
C GLY A 1 -22.70 -5.44 5.49
N SER A 2 -22.65 -5.09 4.21
CA SER A 2 -21.37 -4.90 3.54
C SER A 2 -21.52 -3.86 2.42
N SER A 3 -20.41 -3.21 2.12
CA SER A 3 -20.41 -2.19 1.07
C SER A 3 -19.89 -2.79 -0.23
N GLY A 4 -20.54 -2.40 -1.32
CA GLY A 4 -20.16 -2.89 -2.64
C GLY A 4 -20.56 -1.90 -3.72
N SER A 5 -19.61 -1.03 -4.05
CA SER A 5 -19.84 -0.02 -5.08
C SER A 5 -18.99 -0.33 -6.31
N SER A 6 -19.66 -0.34 -7.45
CA SER A 6 -18.99 -0.62 -8.71
C SER A 6 -17.75 0.27 -8.85
N GLY A 7 -16.59 -0.36 -8.79
CA GLY A 7 -15.34 0.36 -8.90
C GLY A 7 -14.53 0.26 -7.61
N PRO A 8 -13.27 0.80 -7.68
CA PRO A 8 -12.40 0.78 -6.52
C PRO A 8 -12.82 1.82 -5.48
N ILE A 9 -11.93 2.06 -4.54
CA ILE A 9 -12.20 3.04 -3.48
C ILE A 9 -11.31 4.27 -3.70
N LYS A 10 -10.04 4.01 -3.93
CA LYS A 10 -9.08 5.08 -4.14
C LYS A 10 -8.02 4.62 -5.13
N MET A 11 -7.93 5.35 -6.23
CA MET A 11 -6.95 5.03 -7.27
C MET A 11 -5.89 6.12 -7.38
N GLY A 12 -4.68 5.70 -7.73
CA GLY A 12 -3.58 6.63 -7.87
C GLY A 12 -2.28 5.89 -8.20
N TRP A 13 -1.34 6.63 -8.76
CA TRP A 13 -0.05 6.05 -9.12
C TRP A 13 0.87 6.18 -7.92
N LEU A 14 1.49 5.07 -7.56
CA LEU A 14 2.41 5.04 -6.43
C LEU A 14 3.72 4.39 -6.85
N LYS A 15 4.77 4.70 -6.11
CA LYS A 15 6.08 4.15 -6.40
C LYS A 15 6.33 2.94 -5.50
N LYS A 16 6.31 1.76 -6.11
CA LYS A 16 6.53 0.54 -5.38
C LYS A 16 7.98 0.07 -5.60
N GLN A 17 8.64 -0.24 -4.49
CA GLN A 17 10.02 -0.70 -4.56
C GLN A 17 10.08 -2.12 -5.11
N ARG A 18 11.08 -2.35 -5.97
CA ARG A 18 11.26 -3.65 -6.58
C ARG A 18 11.35 -4.74 -5.50
N SER A 19 11.64 -5.95 -5.95
CA SER A 19 11.75 -7.08 -5.05
C SER A 19 12.99 -6.92 -4.16
N ILE A 20 14.14 -6.91 -4.81
CA ILE A 20 15.40 -6.77 -4.11
C ILE A 20 16.28 -5.74 -4.83
N VAL A 21 15.73 -4.53 -4.96
CA VAL A 21 16.45 -3.47 -5.63
C VAL A 21 16.16 -2.15 -4.91
N LYS A 22 17.12 -1.23 -5.03
CA LYS A 22 16.98 0.07 -4.39
C LYS A 22 16.38 1.06 -5.40
N ASN A 23 15.46 0.56 -6.20
CA ASN A 23 14.81 1.38 -7.20
C ASN A 23 13.32 1.52 -6.85
N TRP A 24 12.67 2.45 -7.53
CA TRP A 24 11.26 2.70 -7.30
C TRP A 24 10.54 2.66 -8.65
N GLN A 25 9.42 1.94 -8.67
CA GLN A 25 8.64 1.80 -9.88
C GLN A 25 7.29 2.47 -9.71
N GLN A 26 7.06 3.50 -10.53
CA GLN A 26 5.81 4.23 -10.48
C GLN A 26 4.71 3.47 -11.22
N ARG A 27 3.91 2.75 -10.45
CA ARG A 27 2.82 1.96 -11.01
C ARG A 27 1.48 2.56 -10.63
N TYR A 28 0.42 1.97 -11.17
CA TYR A 28 -0.93 2.44 -10.88
C TYR A 28 -1.61 1.56 -9.83
N PHE A 29 -1.65 2.07 -8.61
CA PHE A 29 -2.27 1.34 -7.51
C PHE A 29 -3.77 1.64 -7.43
N VAL A 30 -4.53 0.61 -7.08
CA VAL A 30 -5.97 0.76 -6.97
C VAL A 30 -6.45 0.00 -5.73
N LEU A 31 -7.45 0.57 -5.07
CA LEU A 31 -8.01 -0.03 -3.88
C LEU A 31 -9.42 -0.55 -4.19
N ARG A 32 -9.63 -1.83 -3.90
CA ARG A 32 -10.92 -2.46 -4.14
C ARG A 32 -11.25 -3.42 -3.00
N ALA A 33 -12.44 -3.25 -2.45
CA ALA A 33 -12.90 -4.09 -1.36
C ALA A 33 -11.82 -4.16 -0.28
N GLN A 34 -11.66 -5.34 0.29
CA GLN A 34 -10.67 -5.55 1.33
C GLN A 34 -9.39 -6.15 0.74
N GLN A 35 -8.90 -5.49 -0.30
CA GLN A 35 -7.68 -5.95 -0.97
C GLN A 35 -7.04 -4.79 -1.73
N LEU A 36 -5.70 -4.83 -1.77
CA LEU A 36 -4.95 -3.79 -2.46
C LEU A 36 -4.37 -4.38 -3.75
N TYR A 37 -4.60 -3.66 -4.84
CA TYR A 37 -4.09 -4.09 -6.13
C TYR A 37 -3.24 -3.00 -6.79
N TYR A 38 -2.50 -3.40 -7.82
CA TYR A 38 -1.65 -2.47 -8.52
C TYR A 38 -1.31 -2.99 -9.92
N TYR A 39 -1.56 -2.16 -10.91
CA TYR A 39 -1.29 -2.53 -12.29
C TYR A 39 -0.12 -1.71 -12.85
N LYS A 40 0.43 -2.21 -13.95
CA LYS A 40 1.55 -1.55 -14.59
C LYS A 40 1.08 -0.19 -15.16
N ASP A 41 -0.13 -0.21 -15.69
CA ASP A 41 -0.71 1.00 -16.26
C ASP A 41 -2.23 0.90 -16.22
N GLU A 42 -2.87 1.97 -16.65
CA GLU A 42 -4.33 2.02 -16.67
C GLU A 42 -4.86 1.48 -18.00
N GLU A 43 -4.24 0.39 -18.45
CA GLU A 43 -4.64 -0.23 -19.69
C GLU A 43 -4.68 -1.76 -19.54
N ASP A 44 -5.02 -2.19 -18.33
CA ASP A 44 -5.10 -3.61 -18.04
C ASP A 44 -6.39 -3.90 -17.28
N THR A 45 -6.56 -5.17 -16.93
CA THR A 45 -7.74 -5.59 -16.21
C THR A 45 -7.35 -6.48 -15.01
N LYS A 46 -6.50 -7.45 -15.29
CA LYS A 46 -6.04 -8.35 -14.27
C LYS A 46 -5.00 -7.65 -13.39
N PRO A 47 -5.19 -7.79 -12.06
CA PRO A 47 -4.27 -7.17 -11.11
C PRO A 47 -2.95 -7.94 -11.04
N GLN A 48 -1.90 -7.22 -10.67
CA GLN A 48 -0.58 -7.81 -10.56
C GLN A 48 -0.40 -8.44 -9.17
N GLY A 49 -0.59 -7.61 -8.16
CA GLY A 49 -0.46 -8.06 -6.78
C GLY A 49 -1.75 -7.87 -6.01
N CYS A 50 -1.86 -8.59 -4.90
CA CYS A 50 -3.04 -8.50 -4.06
C CYS A 50 -2.60 -8.58 -2.60
N MET A 51 -2.87 -7.51 -1.87
CA MET A 51 -2.50 -7.44 -0.46
C MET A 51 -3.75 -7.42 0.42
N TYR A 52 -3.69 -8.20 1.49
CA TYR A 52 -4.80 -8.29 2.42
C TYR A 52 -4.76 -7.12 3.42
N LEU A 53 -5.67 -6.19 3.22
CA LEU A 53 -5.75 -5.03 4.09
C LEU A 53 -6.07 -5.48 5.52
N PRO A 54 -7.02 -6.44 5.62
CA PRO A 54 -7.43 -6.97 6.92
C PRO A 54 -6.37 -7.92 7.46
N GLY A 55 -5.14 -7.43 7.53
CA GLY A 55 -4.04 -8.22 8.03
C GLY A 55 -2.71 -7.74 7.46
N CYS A 56 -2.55 -6.42 7.44
CA CYS A 56 -1.33 -5.83 6.91
C CYS A 56 -0.85 -4.77 7.91
N THR A 57 0.42 -4.41 7.77
CA THR A 57 1.02 -3.42 8.65
C THR A 57 1.56 -2.24 7.83
N ILE A 58 0.97 -1.08 8.07
CA ILE A 58 1.39 0.12 7.36
C ILE A 58 2.37 0.90 8.24
N LYS A 59 3.63 0.88 7.82
CA LYS A 59 4.67 1.58 8.55
C LYS A 59 5.27 2.67 7.66
N GLU A 60 5.62 3.78 8.29
CA GLU A 60 6.20 4.90 7.57
C GLU A 60 7.72 4.76 7.52
N ILE A 61 8.18 4.03 6.51
CA ILE A 61 9.61 3.80 6.33
C ILE A 61 10.27 5.12 5.93
N ALA A 62 11.54 5.25 6.33
CA ALA A 62 12.30 6.45 6.02
C ALA A 62 13.20 6.18 4.81
N THR A 63 13.50 7.25 4.09
CA THR A 63 14.36 7.14 2.91
C THR A 63 15.82 6.98 3.33
N ASN A 64 16.06 5.96 4.14
CA ASN A 64 17.40 5.68 4.61
C ASN A 64 17.33 4.79 5.86
N PRO A 65 18.51 4.25 6.26
CA PRO A 65 18.59 3.39 7.42
C PRO A 65 18.49 4.21 8.71
N GLU A 66 18.37 5.52 8.54
CA GLU A 66 18.26 6.41 9.68
C GLU A 66 17.89 7.82 9.20
N GLU A 67 16.62 7.99 8.87
CA GLU A 67 16.12 9.27 8.41
C GLU A 67 14.69 9.49 8.87
N ALA A 68 14.09 10.56 8.37
CA ALA A 68 12.72 10.89 8.73
C ALA A 68 12.28 12.13 7.94
N GLY A 69 11.00 12.13 7.58
CA GLY A 69 10.45 13.23 6.82
C GLY A 69 9.84 12.74 5.50
N LYS A 70 10.70 12.19 4.66
CA LYS A 70 10.27 11.69 3.37
C LYS A 70 8.99 10.86 3.55
N PHE A 71 8.02 11.13 2.70
CA PHE A 71 6.75 10.43 2.76
C PHE A 71 6.87 9.03 2.13
N VAL A 72 7.33 8.09 2.94
CA VAL A 72 7.49 6.72 2.48
C VAL A 72 6.86 5.77 3.49
N PHE A 73 6.11 4.80 2.96
CA PHE A 73 5.46 3.83 3.82
C PHE A 73 5.40 2.46 3.12
N GLU A 74 5.68 1.43 3.91
CA GLU A 74 5.66 0.07 3.40
C GLU A 74 4.58 -0.75 4.10
N ILE A 75 3.98 -1.66 3.33
CA ILE A 75 2.93 -2.51 3.87
C ILE A 75 3.46 -3.93 4.02
N ILE A 76 3.23 -4.49 5.20
CA ILE A 76 3.68 -5.85 5.48
C ILE A 76 2.47 -6.78 5.59
N PRO A 77 2.55 -7.91 4.85
CA PRO A 77 1.47 -8.88 4.85
C PRO A 77 1.46 -9.69 6.14
N ALA A 78 0.67 -9.23 7.09
CA ALA A 78 0.56 -9.89 8.38
C ALA A 78 1.93 -10.44 8.78
N SER A 79 2.77 -9.53 9.27
CA SER A 79 4.11 -9.90 9.70
C SER A 79 4.70 -10.91 8.72
N TRP A 80 5.45 -10.40 7.76
CA TRP A 80 6.08 -11.25 6.75
C TRP A 80 6.97 -12.27 7.49
N ASP A 81 7.83 -12.90 6.72
CA ASP A 81 8.74 -13.90 7.28
C ASP A 81 9.90 -14.12 6.32
N GLN A 82 10.90 -14.84 6.80
CA GLN A 82 12.07 -15.14 5.99
C GLN A 82 12.84 -13.85 5.69
N ASN A 83 14.01 -14.03 5.09
CA ASN A 83 14.85 -12.89 4.75
C ASN A 83 15.29 -12.16 6.02
N ARG A 84 15.94 -12.91 6.89
CA ARG A 84 16.41 -12.36 8.15
C ARG A 84 15.23 -11.89 9.00
N MET A 85 14.72 -12.81 9.81
CA MET A 85 13.58 -12.50 10.67
C MET A 85 12.62 -11.53 9.99
N GLY A 86 12.05 -11.98 8.89
CA GLY A 86 11.12 -11.16 8.14
C GLY A 86 11.77 -9.86 7.68
N GLN A 87 11.21 -9.29 6.62
CA GLN A 87 11.72 -8.05 6.08
C GLN A 87 10.89 -7.60 4.88
N ASP A 88 10.70 -8.53 3.95
CA ASP A 88 9.93 -8.25 2.76
C ASP A 88 8.69 -7.43 3.13
N SER A 89 8.20 -6.68 2.16
CA SER A 89 7.02 -5.85 2.38
C SER A 89 6.77 -4.97 1.16
N TYR A 90 5.58 -4.39 1.11
CA TYR A 90 5.21 -3.53 0.00
C TYR A 90 5.68 -2.10 0.25
N VAL A 91 6.89 -1.81 -0.23
CA VAL A 91 7.45 -0.49 -0.07
C VAL A 91 6.80 0.46 -1.07
N LEU A 92 5.86 1.25 -0.57
CA LEU A 92 5.16 2.21 -1.41
C LEU A 92 5.60 3.63 -1.03
N MET A 93 5.72 4.46 -2.05
CA MET A 93 6.14 5.84 -1.84
C MET A 93 5.22 6.81 -2.60
N ALA A 94 4.91 7.91 -1.95
CA ALA A 94 4.05 8.92 -2.54
C ALA A 94 4.87 10.17 -2.84
N SER A 95 4.32 11.01 -3.70
CA SER A 95 4.98 12.25 -4.07
C SER A 95 4.75 13.31 -3.00
N SER A 96 3.49 13.46 -2.62
CA SER A 96 3.12 14.44 -1.61
C SER A 96 2.59 13.72 -0.36
N GLN A 97 2.44 14.50 0.71
CA GLN A 97 1.94 13.95 1.95
C GLN A 97 0.43 13.72 1.87
N ALA A 98 -0.26 14.74 1.37
CA ALA A 98 -1.71 14.65 1.23
C ALA A 98 -2.08 13.36 0.50
N GLU A 99 -1.16 12.91 -0.34
CA GLU A 99 -1.37 11.70 -1.11
C GLU A 99 -1.16 10.47 -0.22
N MET A 100 -0.04 10.46 0.46
CA MET A 100 0.29 9.36 1.35
C MET A 100 -0.74 9.22 2.47
N GLU A 101 -1.18 10.37 2.96
CA GLU A 101 -2.17 10.40 4.03
C GLU A 101 -3.48 9.76 3.56
N GLU A 102 -3.84 10.06 2.33
CA GLU A 102 -5.06 9.53 1.75
C GLU A 102 -4.96 8.01 1.62
N TRP A 103 -3.92 7.57 0.93
CA TRP A 103 -3.70 6.15 0.73
C TRP A 103 -3.67 5.47 2.10
N VAL A 104 -2.67 5.82 2.88
CA VAL A 104 -2.52 5.25 4.21
C VAL A 104 -3.88 5.23 4.89
N LYS A 105 -4.55 6.37 4.87
CA LYS A 105 -5.86 6.49 5.49
C LYS A 105 -6.73 5.31 5.06
N PHE A 106 -7.01 5.25 3.76
CA PHE A 106 -7.83 4.19 3.21
C PHE A 106 -7.26 2.82 3.59
N LEU A 107 -5.96 2.66 3.35
CA LEU A 107 -5.30 1.41 3.65
C LEU A 107 -5.54 1.05 5.12
N ARG A 108 -4.94 1.85 6.00
CA ARG A 108 -5.08 1.62 7.42
C ARG A 108 -6.56 1.46 7.79
N ARG A 109 -7.38 2.34 7.22
CA ARG A 109 -8.81 2.31 7.48
C ARG A 109 -9.35 0.89 7.31
N VAL A 110 -9.36 0.44 6.06
CA VAL A 110 -9.85 -0.90 5.76
C VAL A 110 -9.16 -1.91 6.67
N ALA A 111 -7.84 -1.86 6.67
CA ALA A 111 -7.05 -2.76 7.48
C ALA A 111 -7.55 -2.71 8.93
N GLY A 112 -8.05 -1.54 9.31
CA GLY A 112 -8.56 -1.35 10.65
C GLY A 112 -10.09 -1.46 10.67
N SER A 113 -10.73 -0.31 10.59
CA SER A 113 -12.18 -0.26 10.59
C SER A 113 -12.74 -0.98 9.37
N GLY A 114 -14.01 -1.32 9.44
CA GLY A 114 -14.67 -2.01 8.35
C GLY A 114 -16.15 -2.29 8.68
N PRO A 115 -16.79 -3.10 7.80
CA PRO A 115 -18.20 -3.44 7.99
C PRO A 115 -18.37 -4.45 9.13
N SER A 116 -18.88 -3.95 10.25
CA SER A 116 -19.11 -4.80 11.40
C SER A 116 -20.11 -4.13 12.35
N SER A 117 -21.36 -4.57 12.23
CA SER A 117 -22.42 -4.03 13.07
C SER A 117 -22.54 -4.83 14.35
N GLY A 118 -22.67 -4.11 15.45
CA GLY A 118 -22.80 -4.75 16.76
C GLY A 118 -21.49 -4.65 17.54
N GLY A 1 -22.80 10.63 2.97
CA GLY A 1 -21.70 10.79 3.90
C GLY A 1 -20.80 9.55 3.91
N SER A 2 -19.85 9.55 2.99
CA SER A 2 -18.93 8.43 2.88
C SER A 2 -19.69 7.13 2.65
N SER A 3 -20.12 6.94 1.42
CA SER A 3 -20.87 5.75 1.05
C SER A 3 -20.25 5.09 -0.18
N GLY A 4 -20.55 3.81 -0.35
CA GLY A 4 -20.05 3.07 -1.48
C GLY A 4 -21.08 2.06 -2.00
N SER A 5 -20.78 1.50 -3.15
CA SER A 5 -21.68 0.52 -3.76
C SER A 5 -20.87 -0.59 -4.43
N SER A 6 -20.00 -0.16 -5.35
CA SER A 6 -19.15 -1.11 -6.07
C SER A 6 -17.96 -0.38 -6.68
N GLY A 7 -16.95 -1.15 -7.03
CA GLY A 7 -15.75 -0.60 -7.63
C GLY A 7 -14.69 -0.31 -6.57
N PRO A 8 -13.61 0.39 -7.00
CA PRO A 8 -12.52 0.75 -6.10
C PRO A 8 -12.93 1.89 -5.17
N ILE A 9 -12.03 2.21 -4.26
CA ILE A 9 -12.28 3.28 -3.31
C ILE A 9 -11.24 4.39 -3.51
N LYS A 10 -10.01 3.97 -3.76
CA LYS A 10 -8.93 4.91 -3.97
C LYS A 10 -7.99 4.37 -5.06
N MET A 11 -7.55 5.28 -5.92
CA MET A 11 -6.65 4.91 -7.00
C MET A 11 -5.65 6.03 -7.30
N GLY A 12 -4.50 5.62 -7.80
CA GLY A 12 -3.45 6.58 -8.13
C GLY A 12 -2.15 5.86 -8.50
N TRP A 13 -1.21 6.64 -9.01
CA TRP A 13 0.08 6.09 -9.42
C TRP A 13 1.04 6.23 -8.24
N LEU A 14 1.39 5.08 -7.66
CA LEU A 14 2.30 5.06 -6.53
C LEU A 14 3.62 4.40 -6.95
N LYS A 15 4.69 4.81 -6.29
CA LYS A 15 6.01 4.28 -6.59
C LYS A 15 6.29 3.10 -5.65
N LYS A 16 6.38 1.92 -6.24
CA LYS A 16 6.66 0.71 -5.48
C LYS A 16 8.11 0.30 -5.69
N GLN A 17 8.81 0.13 -4.58
CA GLN A 17 10.21 -0.25 -4.62
C GLN A 17 10.37 -1.57 -5.38
N ARG A 18 11.18 -1.53 -6.43
CA ARG A 18 11.42 -2.71 -7.24
C ARG A 18 11.88 -3.87 -6.36
N SER A 19 11.92 -5.05 -6.97
CA SER A 19 12.34 -6.24 -6.25
C SER A 19 13.60 -5.94 -5.43
N ILE A 20 14.74 -6.13 -6.08
CA ILE A 20 16.01 -5.89 -5.43
C ILE A 20 16.92 -5.09 -6.36
N VAL A 21 16.40 -3.95 -6.81
CA VAL A 21 17.15 -3.09 -7.70
C VAL A 21 17.31 -1.71 -7.06
N LYS A 22 16.87 -1.62 -5.82
CA LYS A 22 16.96 -0.37 -5.08
C LYS A 22 16.48 0.78 -5.97
N ASN A 23 15.27 0.64 -6.46
CA ASN A 23 14.69 1.65 -7.33
C ASN A 23 13.19 1.77 -7.04
N TRP A 24 12.59 2.78 -7.65
CA TRP A 24 11.16 3.01 -7.46
C TRP A 24 10.48 2.89 -8.83
N GLN A 25 9.42 2.09 -8.86
CA GLN A 25 8.68 1.88 -10.09
C GLN A 25 7.28 2.50 -9.97
N GLN A 26 7.04 3.51 -10.80
CA GLN A 26 5.75 4.18 -10.80
C GLN A 26 4.67 3.26 -11.36
N ARG A 27 3.88 2.69 -10.47
CA ARG A 27 2.82 1.79 -10.87
C ARG A 27 1.46 2.40 -10.52
N TYR A 28 0.42 1.84 -11.14
CA TYR A 28 -0.93 2.32 -10.90
C TYR A 28 -1.64 1.46 -9.85
N PHE A 29 -1.67 1.98 -8.64
CA PHE A 29 -2.31 1.27 -7.54
C PHE A 29 -3.81 1.56 -7.50
N VAL A 30 -4.57 0.55 -7.12
CA VAL A 30 -6.01 0.67 -7.05
C VAL A 30 -6.51 -0.01 -5.76
N LEU A 31 -7.35 0.72 -5.03
CA LEU A 31 -7.91 0.19 -3.80
C LEU A 31 -9.32 -0.31 -4.05
N ARG A 32 -9.45 -1.63 -4.03
CA ARG A 32 -10.75 -2.26 -4.27
C ARG A 32 -11.15 -3.10 -3.06
N ALA A 33 -12.36 -2.86 -2.57
CA ALA A 33 -12.87 -3.59 -1.42
C ALA A 33 -11.77 -3.72 -0.38
N GLN A 34 -11.76 -4.86 0.29
CA GLN A 34 -10.77 -5.12 1.32
C GLN A 34 -9.52 -5.77 0.71
N GLN A 35 -8.95 -5.09 -0.26
CA GLN A 35 -7.76 -5.59 -0.92
C GLN A 35 -7.08 -4.46 -1.71
N LEU A 36 -5.76 -4.60 -1.85
CA LEU A 36 -4.98 -3.61 -2.57
C LEU A 36 -4.35 -4.25 -3.81
N TYR A 37 -4.56 -3.62 -4.94
CA TYR A 37 -4.03 -4.12 -6.20
C TYR A 37 -3.17 -3.07 -6.89
N TYR A 38 -2.52 -3.48 -7.96
CA TYR A 38 -1.66 -2.59 -8.72
C TYR A 38 -1.45 -3.10 -10.15
N TYR A 39 -1.54 -2.18 -11.09
CA TYR A 39 -1.36 -2.52 -12.50
C TYR A 39 -0.17 -1.77 -13.10
N LYS A 40 0.52 -2.45 -14.00
CA LYS A 40 1.68 -1.87 -14.65
C LYS A 40 1.39 -0.40 -14.96
N ASP A 41 0.63 -0.19 -16.02
CA ASP A 41 0.28 1.17 -16.44
C ASP A 41 -1.19 1.43 -16.12
N GLU A 42 -2.04 1.09 -17.08
CA GLU A 42 -3.47 1.28 -16.92
C GLU A 42 -4.23 0.71 -18.12
N GLU A 43 -3.73 -0.42 -18.60
CA GLU A 43 -4.34 -1.08 -19.74
C GLU A 43 -4.70 -2.52 -19.38
N ASP A 44 -3.76 -3.20 -18.77
CA ASP A 44 -3.96 -4.59 -18.37
C ASP A 44 -5.18 -4.68 -17.45
N THR A 45 -6.18 -5.42 -17.91
CA THR A 45 -7.40 -5.60 -17.15
C THR A 45 -7.26 -6.77 -16.18
N LYS A 46 -6.11 -6.82 -15.52
CA LYS A 46 -5.84 -7.88 -14.57
C LYS A 46 -4.89 -7.35 -13.48
N PRO A 47 -5.28 -7.62 -12.21
CA PRO A 47 -4.48 -7.18 -11.08
C PRO A 47 -3.24 -8.04 -10.92
N GLN A 48 -2.09 -7.38 -10.93
CA GLN A 48 -0.81 -8.08 -10.79
C GLN A 48 -0.71 -8.70 -9.38
N GLY A 49 -0.62 -7.81 -8.40
CA GLY A 49 -0.52 -8.25 -7.02
C GLY A 49 -1.80 -7.96 -6.25
N CYS A 50 -1.89 -8.53 -5.05
CA CYS A 50 -3.06 -8.35 -4.21
C CYS A 50 -2.62 -8.46 -2.75
N MET A 51 -2.95 -7.42 -1.99
CA MET A 51 -2.60 -7.40 -0.58
C MET A 51 -3.85 -7.27 0.30
N TYR A 52 -4.00 -8.24 1.18
CA TYR A 52 -5.14 -8.26 2.07
C TYR A 52 -5.05 -7.14 3.11
N LEU A 53 -5.87 -6.12 2.91
CA LEU A 53 -5.88 -4.98 3.80
C LEU A 53 -6.15 -5.46 5.23
N PRO A 54 -7.15 -6.39 5.34
CA PRO A 54 -7.51 -6.94 6.64
C PRO A 54 -6.46 -7.94 7.12
N GLY A 55 -5.40 -7.41 7.69
CA GLY A 55 -4.32 -8.25 8.20
C GLY A 55 -2.97 -7.78 7.66
N CYS A 56 -2.79 -6.48 7.62
CA CYS A 56 -1.56 -5.90 7.13
C CYS A 56 -1.07 -4.87 8.15
N THR A 57 0.16 -4.40 7.93
CA THR A 57 0.75 -3.41 8.83
C THR A 57 1.36 -2.27 8.01
N ILE A 58 0.74 -1.11 8.12
CA ILE A 58 1.21 0.06 7.41
C ILE A 58 2.13 0.87 8.32
N LYS A 59 3.38 1.01 7.89
CA LYS A 59 4.36 1.76 8.66
C LYS A 59 4.98 2.84 7.78
N GLU A 60 5.36 3.94 8.41
CA GLU A 60 5.97 5.05 7.68
C GLU A 60 7.49 4.93 7.72
N ILE A 61 8.00 4.08 6.85
CA ILE A 61 9.44 3.87 6.76
C ILE A 61 10.11 5.14 6.23
N ALA A 62 11.18 5.53 6.91
CA ALA A 62 11.92 6.72 6.53
C ALA A 62 12.95 6.35 5.47
N THR A 63 13.20 7.30 4.57
CA THR A 63 14.16 7.09 3.50
C THR A 63 15.59 7.10 4.05
N ASN A 64 15.68 7.37 5.34
CA ASN A 64 16.97 7.41 6.00
C ASN A 64 16.78 7.26 7.52
N PRO A 65 17.93 7.03 8.21
CA PRO A 65 17.89 6.87 9.66
C PRO A 65 17.68 8.21 10.36
N GLU A 66 18.05 9.28 9.66
CA GLU A 66 17.91 10.62 10.20
C GLU A 66 17.63 11.61 9.08
N GLU A 67 16.40 11.59 8.60
CA GLU A 67 16.00 12.49 7.52
C GLU A 67 14.54 12.91 7.71
N ALA A 68 14.04 13.64 6.73
CA ALA A 68 12.66 14.10 6.77
C ALA A 68 11.77 13.12 6.00
N GLY A 69 10.78 12.60 6.71
CA GLY A 69 9.86 11.64 6.13
C GLY A 69 9.48 12.06 4.70
N LYS A 70 9.91 11.26 3.75
CA LYS A 70 9.63 11.54 2.35
C LYS A 70 8.39 10.74 1.92
N PHE A 71 7.33 10.90 2.69
CA PHE A 71 6.09 10.20 2.40
C PHE A 71 6.36 8.77 1.95
N VAL A 72 7.14 8.06 2.76
CA VAL A 72 7.48 6.68 2.45
C VAL A 72 6.87 5.76 3.51
N PHE A 73 6.17 4.74 3.04
CA PHE A 73 5.54 3.79 3.94
C PHE A 73 5.49 2.39 3.30
N GLU A 74 5.72 1.39 4.14
CA GLU A 74 5.71 0.02 3.69
C GLU A 74 4.54 -0.74 4.31
N ILE A 75 4.03 -1.71 3.56
CA ILE A 75 2.91 -2.51 4.02
C ILE A 75 3.37 -3.95 4.21
N ILE A 76 3.09 -4.49 5.39
CA ILE A 76 3.46 -5.85 5.71
C ILE A 76 2.20 -6.73 5.75
N PRO A 77 2.28 -7.88 5.03
CA PRO A 77 1.16 -8.81 5.00
C PRO A 77 1.04 -9.58 6.30
N ALA A 78 -0.15 -10.13 6.52
CA ALA A 78 -0.40 -10.90 7.73
C ALA A 78 0.67 -11.99 7.87
N SER A 79 1.11 -12.49 6.74
CA SER A 79 2.13 -13.52 6.71
C SER A 79 3.50 -12.91 6.43
N TRP A 80 4.38 -13.07 7.40
CA TRP A 80 5.74 -12.54 7.28
C TRP A 80 6.72 -13.69 7.46
N ASP A 81 6.76 -14.21 8.69
CA ASP A 81 7.64 -15.31 9.01
C ASP A 81 9.09 -14.89 8.74
N GLN A 82 10.00 -15.83 8.96
CA GLN A 82 11.41 -15.57 8.74
C GLN A 82 12.14 -16.88 8.41
N ASN A 83 11.87 -17.39 7.23
CA ASN A 83 12.50 -18.62 6.78
C ASN A 83 12.02 -18.95 5.36
N ARG A 84 12.66 -18.32 4.39
CA ARG A 84 12.32 -18.53 3.00
C ARG A 84 10.79 -18.59 2.83
N MET A 85 10.13 -17.61 3.42
CA MET A 85 8.67 -17.55 3.34
C MET A 85 8.17 -16.19 3.85
N GLY A 86 7.73 -15.37 2.91
CA GLY A 86 7.21 -14.06 3.23
C GLY A 86 8.33 -13.01 3.21
N GLN A 87 8.58 -12.42 4.36
CA GLN A 87 9.61 -11.41 4.48
C GLN A 87 9.69 -10.58 3.20
N ASP A 88 8.52 -10.16 2.73
CA ASP A 88 8.45 -9.36 1.52
C ASP A 88 7.31 -8.35 1.64
N SER A 89 7.60 -7.26 2.33
CA SER A 89 6.62 -6.21 2.54
C SER A 89 6.37 -5.46 1.22
N TYR A 90 5.71 -4.33 1.35
CA TYR A 90 5.40 -3.51 0.19
C TYR A 90 5.83 -2.06 0.40
N VAL A 91 7.06 -1.77 -0.01
CA VAL A 91 7.61 -0.44 0.13
C VAL A 91 6.96 0.49 -0.90
N LEU A 92 5.93 1.20 -0.45
CA LEU A 92 5.21 2.12 -1.32
C LEU A 92 5.62 3.56 -0.97
N MET A 93 5.71 4.38 -2.01
CA MET A 93 6.08 5.77 -1.84
C MET A 93 5.16 6.68 -2.64
N ALA A 94 4.66 7.71 -1.96
CA ALA A 94 3.77 8.67 -2.59
C ALA A 94 4.56 9.91 -3.00
N SER A 95 3.98 10.68 -3.91
CA SER A 95 4.63 11.89 -4.38
C SER A 95 3.99 13.12 -3.71
N SER A 96 3.56 12.93 -2.47
CA SER A 96 2.93 14.00 -1.72
C SER A 96 2.43 13.46 -0.37
N GLN A 97 2.42 14.36 0.60
CA GLN A 97 1.97 14.00 1.94
C GLN A 97 0.48 13.67 1.92
N ALA A 98 -0.27 14.52 1.23
CA ALA A 98 -1.71 14.32 1.13
C ALA A 98 -2.00 13.03 0.39
N GLU A 99 -1.07 12.66 -0.48
CA GLU A 99 -1.21 11.44 -1.27
C GLU A 99 -1.00 10.22 -0.39
N MET A 100 0.04 10.28 0.43
CA MET A 100 0.35 9.18 1.34
C MET A 100 -0.68 9.07 2.45
N GLU A 101 -1.04 10.24 2.99
CA GLU A 101 -2.02 10.28 4.06
C GLU A 101 -3.33 9.64 3.62
N GLU A 102 -3.72 9.96 2.40
CA GLU A 102 -4.96 9.41 1.84
C GLU A 102 -4.88 7.89 1.75
N TRP A 103 -4.01 7.43 0.87
CA TRP A 103 -3.82 6.00 0.68
C TRP A 103 -3.76 5.35 2.05
N VAL A 104 -2.79 5.76 2.84
CA VAL A 104 -2.61 5.22 4.17
C VAL A 104 -3.95 5.24 4.90
N LYS A 105 -4.52 6.42 5.01
CA LYS A 105 -5.80 6.58 5.68
C LYS A 105 -6.71 5.41 5.31
N PHE A 106 -7.01 5.32 4.02
CA PHE A 106 -7.87 4.26 3.53
C PHE A 106 -7.28 2.88 3.86
N LEU A 107 -6.00 2.72 3.56
CA LEU A 107 -5.31 1.47 3.82
C LEU A 107 -5.51 1.09 5.29
N ARG A 108 -4.87 1.86 6.16
CA ARG A 108 -4.95 1.61 7.58
C ARG A 108 -6.42 1.47 8.01
N ARG A 109 -7.25 2.33 7.43
CA ARG A 109 -8.67 2.32 7.74
C ARG A 109 -9.25 0.93 7.49
N VAL A 110 -9.20 0.51 6.23
CA VAL A 110 -9.72 -0.79 5.85
C VAL A 110 -9.03 -1.87 6.68
N ALA A 111 -7.71 -1.79 6.73
CA ALA A 111 -6.93 -2.76 7.49
C ALA A 111 -7.43 -2.79 8.93
N GLY A 112 -7.95 -1.66 9.37
CA GLY A 112 -8.48 -1.55 10.73
C GLY A 112 -8.95 -0.13 11.02
N SER A 113 -8.03 0.67 11.52
CA SER A 113 -8.35 2.06 11.85
C SER A 113 -7.14 2.96 11.53
N GLY A 114 -7.46 4.09 10.91
CA GLY A 114 -6.41 5.04 10.54
C GLY A 114 -6.53 6.32 11.38
N PRO A 115 -5.62 7.28 11.06
CA PRO A 115 -5.60 8.56 11.78
C PRO A 115 -6.76 9.44 11.33
N SER A 116 -7.96 8.91 11.45
CA SER A 116 -9.15 9.64 11.06
C SER A 116 -10.38 9.07 11.77
N SER A 117 -11.47 9.81 11.70
CA SER A 117 -12.71 9.39 12.33
C SER A 117 -13.90 9.96 11.57
N GLY A 118 -14.27 9.25 10.50
CA GLY A 118 -15.39 9.67 9.68
C GLY A 118 -16.10 8.47 9.07
N GLY A 1 -19.25 5.80 7.22
CA GLY A 1 -19.78 4.96 6.17
C GLY A 1 -19.47 5.54 4.79
N SER A 2 -19.86 4.79 3.77
CA SER A 2 -19.63 5.21 2.40
C SER A 2 -20.41 4.31 1.44
N SER A 3 -21.65 4.72 1.18
CA SER A 3 -22.52 3.98 0.28
C SER A 3 -22.11 4.23 -1.18
N GLY A 4 -21.42 3.24 -1.74
CA GLY A 4 -20.97 3.34 -3.11
C GLY A 4 -21.80 2.44 -4.04
N SER A 5 -21.49 2.52 -5.32
CA SER A 5 -22.20 1.72 -6.31
C SER A 5 -21.40 0.45 -6.63
N SER A 6 -20.19 0.67 -7.13
CA SER A 6 -19.32 -0.44 -7.48
C SER A 6 -17.98 0.10 -7.99
N GLY A 7 -16.92 -0.56 -7.54
CA GLY A 7 -15.57 -0.16 -7.94
C GLY A 7 -14.65 -0.03 -6.72
N PRO A 8 -13.44 0.52 -6.97
CA PRO A 8 -12.46 0.72 -5.91
C PRO A 8 -12.85 1.88 -5.01
N ILE A 9 -11.91 2.27 -4.16
CA ILE A 9 -12.14 3.37 -3.25
C ILE A 9 -11.18 4.52 -3.57
N LYS A 10 -9.92 4.14 -3.78
CA LYS A 10 -8.89 5.12 -4.10
C LYS A 10 -8.04 4.59 -5.24
N MET A 11 -7.94 5.39 -6.29
CA MET A 11 -7.15 5.01 -7.46
C MET A 11 -6.13 6.10 -7.79
N GLY A 12 -4.87 5.69 -7.83
CA GLY A 12 -3.79 6.62 -8.14
C GLY A 12 -2.51 5.86 -8.52
N TRP A 13 -1.47 6.63 -8.79
CA TRP A 13 -0.19 6.04 -9.16
C TRP A 13 0.77 6.24 -7.98
N LEU A 14 1.48 5.17 -7.66
CA LEU A 14 2.43 5.21 -6.57
C LEU A 14 3.75 4.57 -7.02
N LYS A 15 4.78 4.78 -6.21
CA LYS A 15 6.10 4.24 -6.51
C LYS A 15 6.36 3.03 -5.60
N LYS A 16 6.48 1.87 -6.24
CA LYS A 16 6.73 0.64 -5.50
C LYS A 16 8.19 0.23 -5.70
N GLN A 17 8.89 0.11 -4.58
CA GLN A 17 10.29 -0.28 -4.61
C GLN A 17 10.46 -1.57 -5.40
N ARG A 18 11.49 -1.59 -6.24
CA ARG A 18 11.77 -2.76 -7.06
C ARG A 18 12.16 -3.94 -6.17
N SER A 19 12.13 -5.12 -6.77
CA SER A 19 12.48 -6.34 -6.04
C SER A 19 13.72 -6.09 -5.17
N ILE A 20 14.87 -6.19 -5.81
CA ILE A 20 16.13 -5.97 -5.11
C ILE A 20 17.09 -5.19 -6.00
N VAL A 21 16.69 -3.95 -6.30
CA VAL A 21 17.50 -3.09 -7.13
C VAL A 21 17.55 -1.69 -6.53
N LYS A 22 17.10 -1.60 -5.28
CA LYS A 22 17.09 -0.33 -4.57
C LYS A 22 16.64 0.77 -5.52
N ASN A 23 15.44 0.58 -6.07
CA ASN A 23 14.88 1.55 -6.99
C ASN A 23 13.37 1.67 -6.75
N TRP A 24 12.78 2.66 -7.40
CA TRP A 24 11.35 2.89 -7.27
C TRP A 24 10.72 2.79 -8.66
N GLN A 25 9.62 2.05 -8.74
CA GLN A 25 8.92 1.86 -9.99
C GLN A 25 7.51 2.45 -9.91
N GLN A 26 7.27 3.45 -10.75
CA GLN A 26 5.97 4.11 -10.78
C GLN A 26 4.91 3.16 -11.33
N ARG A 27 4.10 2.64 -10.43
CA ARG A 27 3.04 1.72 -10.81
C ARG A 27 1.68 2.28 -10.42
N TYR A 28 0.64 1.69 -10.99
CA TYR A 28 -0.71 2.13 -10.69
C TYR A 28 -1.31 1.32 -9.54
N PHE A 29 -1.58 2.02 -8.45
CA PHE A 29 -2.16 1.40 -7.27
C PHE A 29 -3.64 1.73 -7.15
N VAL A 30 -4.44 0.67 -6.98
CA VAL A 30 -5.87 0.84 -6.85
C VAL A 30 -6.34 0.14 -5.57
N LEU A 31 -7.35 0.72 -4.94
CA LEU A 31 -7.90 0.17 -3.72
C LEU A 31 -9.32 -0.35 -3.98
N ARG A 32 -9.45 -1.67 -3.92
CA ARG A 32 -10.73 -2.31 -4.16
C ARG A 32 -11.13 -3.16 -2.95
N ALA A 33 -12.37 -2.97 -2.52
CA ALA A 33 -12.88 -3.70 -1.38
C ALA A 33 -11.79 -3.81 -0.31
N GLN A 34 -11.74 -4.97 0.32
CA GLN A 34 -10.76 -5.22 1.36
C GLN A 34 -9.51 -5.86 0.75
N GLN A 35 -8.98 -5.20 -0.26
CA GLN A 35 -7.79 -5.69 -0.93
C GLN A 35 -7.12 -4.55 -1.71
N LEU A 36 -5.79 -4.59 -1.70
CA LEU A 36 -5.01 -3.58 -2.40
C LEU A 36 -4.39 -4.18 -3.67
N TYR A 37 -4.78 -3.61 -4.80
CA TYR A 37 -4.27 -4.09 -6.07
C TYR A 37 -3.43 -3.01 -6.77
N TYR A 38 -2.73 -3.43 -7.82
CA TYR A 38 -1.89 -2.52 -8.56
C TYR A 38 -1.62 -3.05 -9.97
N TYR A 39 -1.86 -2.20 -10.95
CA TYR A 39 -1.66 -2.56 -12.34
C TYR A 39 -0.48 -1.79 -12.95
N LYS A 40 -0.03 -2.27 -14.09
CA LYS A 40 1.08 -1.64 -14.78
C LYS A 40 0.72 -0.18 -15.08
N ASP A 41 -0.07 0.00 -16.11
CA ASP A 41 -0.50 1.34 -16.51
C ASP A 41 -1.98 1.52 -16.18
N GLU A 42 -2.60 2.46 -16.88
CA GLU A 42 -4.02 2.73 -16.67
C GLU A 42 -4.87 1.79 -17.49
N GLU A 43 -4.48 0.52 -17.47
CA GLU A 43 -5.21 -0.51 -18.22
C GLU A 43 -5.66 -1.62 -17.28
N ASP A 44 -6.27 -1.21 -16.17
CA ASP A 44 -6.76 -2.17 -15.19
C ASP A 44 -7.35 -3.38 -15.91
N THR A 45 -6.55 -4.43 -16.01
CA THR A 45 -6.99 -5.65 -16.66
C THR A 45 -6.64 -6.87 -15.81
N LYS A 46 -5.42 -6.86 -15.29
CA LYS A 46 -4.96 -7.96 -14.46
C LYS A 46 -4.27 -7.39 -13.22
N PRO A 47 -4.79 -7.79 -12.03
CA PRO A 47 -4.24 -7.33 -10.77
C PRO A 47 -2.92 -8.05 -10.46
N GLN A 48 -1.84 -7.37 -10.77
CA GLN A 48 -0.51 -7.92 -10.53
C GLN A 48 -0.46 -8.58 -9.16
N GLY A 49 -0.45 -7.73 -8.13
CA GLY A 49 -0.40 -8.22 -6.76
C GLY A 49 -1.66 -7.83 -6.00
N CYS A 50 -1.87 -8.49 -4.87
CA CYS A 50 -3.03 -8.24 -4.04
C CYS A 50 -2.62 -8.39 -2.58
N MET A 51 -2.80 -7.33 -1.82
CA MET A 51 -2.45 -7.34 -0.41
C MET A 51 -3.71 -7.25 0.46
N TYR A 52 -3.82 -8.19 1.40
CA TYR A 52 -4.96 -8.22 2.29
C TYR A 52 -4.87 -7.10 3.33
N LEU A 53 -5.71 -6.10 3.15
CA LEU A 53 -5.74 -4.97 4.05
C LEU A 53 -6.06 -5.46 5.47
N PRO A 54 -7.05 -6.39 5.54
CA PRO A 54 -7.46 -6.95 6.82
C PRO A 54 -6.43 -7.97 7.33
N GLY A 55 -5.22 -7.47 7.54
CA GLY A 55 -4.15 -8.31 8.02
C GLY A 55 -2.79 -7.86 7.47
N CYS A 56 -2.59 -6.55 7.49
CA CYS A 56 -1.35 -5.98 6.99
C CYS A 56 -0.82 -4.99 8.04
N THR A 57 0.38 -4.52 7.79
CA THR A 57 1.01 -3.57 8.70
C THR A 57 1.60 -2.39 7.92
N ILE A 58 0.97 -1.24 8.09
CA ILE A 58 1.42 -0.03 7.42
C ILE A 58 2.50 0.65 8.26
N LYS A 59 3.74 0.47 7.84
CA LYS A 59 4.86 1.06 8.54
C LYS A 59 5.34 2.29 7.77
N GLU A 60 5.28 3.43 8.44
CA GLU A 60 5.70 4.69 7.84
C GLU A 60 7.24 4.80 7.88
N ILE A 61 7.84 4.65 6.70
CA ILE A 61 9.28 4.73 6.59
C ILE A 61 9.70 6.19 6.58
N ALA A 62 10.01 6.70 7.77
CA ALA A 62 10.44 8.08 7.92
C ALA A 62 11.93 8.18 7.63
N THR A 63 12.33 9.37 7.19
CA THR A 63 13.74 9.62 6.88
C THR A 63 14.48 10.11 8.12
N ASN A 64 15.79 10.29 7.96
CA ASN A 64 16.61 10.76 9.05
C ASN A 64 15.87 11.86 9.81
N PRO A 65 16.32 12.07 11.09
CA PRO A 65 15.71 13.09 11.93
C PRO A 65 16.14 14.50 11.50
N GLU A 66 17.34 14.56 10.93
CA GLU A 66 17.87 15.84 10.47
C GLU A 66 17.79 15.92 8.95
N GLU A 67 16.72 15.36 8.41
CA GLU A 67 16.51 15.37 6.97
C GLU A 67 15.14 15.98 6.64
N ALA A 68 14.84 16.00 5.35
CA ALA A 68 13.59 16.55 4.88
C ALA A 68 12.51 15.47 4.94
N GLY A 69 11.35 15.85 5.47
CA GLY A 69 10.24 14.92 5.58
C GLY A 69 10.00 14.18 4.27
N LYS A 70 10.11 12.86 4.34
CA LYS A 70 9.92 12.03 3.17
C LYS A 70 8.72 11.09 3.41
N PHE A 71 7.75 11.19 2.51
CA PHE A 71 6.56 10.35 2.61
C PHE A 71 6.81 8.97 2.02
N VAL A 72 7.15 8.04 2.90
CA VAL A 72 7.42 6.67 2.49
C VAL A 72 6.79 5.70 3.49
N PHE A 73 6.09 4.71 2.95
CA PHE A 73 5.44 3.72 3.78
C PHE A 73 5.42 2.35 3.10
N GLU A 74 5.75 1.33 3.87
CA GLU A 74 5.77 -0.03 3.34
C GLU A 74 4.67 -0.86 3.99
N ILE A 75 4.07 -1.74 3.18
CA ILE A 75 3.00 -2.59 3.66
C ILE A 75 3.57 -3.99 3.93
N ILE A 76 3.28 -4.49 5.13
CA ILE A 76 3.75 -5.81 5.52
C ILE A 76 2.55 -6.75 5.65
N PRO A 77 2.61 -7.87 4.89
CA PRO A 77 1.55 -8.86 4.91
C PRO A 77 1.60 -9.69 6.19
N ALA A 78 0.44 -10.19 6.58
CA ALA A 78 0.32 -11.00 7.78
C ALA A 78 1.42 -12.07 7.76
N SER A 79 1.34 -12.94 6.77
CA SER A 79 2.31 -14.02 6.63
C SER A 79 3.71 -13.44 6.53
N TRP A 80 4.40 -13.43 7.66
CA TRP A 80 5.76 -12.91 7.72
C TRP A 80 6.62 -13.91 8.49
N ASP A 81 6.12 -14.28 9.67
CA ASP A 81 6.84 -15.22 10.51
C ASP A 81 6.94 -16.57 9.79
N GLN A 82 7.91 -16.64 8.90
CA GLN A 82 8.13 -17.87 8.15
C GLN A 82 9.63 -18.14 7.98
N ASN A 83 10.30 -17.18 7.37
CA ASN A 83 11.74 -17.29 7.14
C ASN A 83 12.00 -18.38 6.10
N ARG A 84 10.98 -18.63 5.29
CA ARG A 84 11.08 -19.65 4.26
C ARG A 84 10.30 -19.22 3.02
N MET A 85 9.98 -17.94 2.97
CA MET A 85 9.23 -17.39 1.85
C MET A 85 9.56 -15.91 1.65
N GLY A 86 9.02 -15.36 0.57
CA GLY A 86 9.25 -13.97 0.24
C GLY A 86 9.03 -13.08 1.46
N GLN A 87 10.12 -12.52 1.96
CA GLN A 87 10.06 -11.64 3.11
C GLN A 87 10.40 -10.20 2.71
N ASP A 88 9.66 -9.70 1.74
CA ASP A 88 9.86 -8.35 1.25
C ASP A 88 8.53 -7.61 1.25
N SER A 89 8.39 -6.72 2.21
CA SER A 89 7.17 -5.93 2.33
C SER A 89 6.99 -5.06 1.09
N TYR A 90 5.82 -4.43 1.01
CA TYR A 90 5.50 -3.58 -0.12
C TYR A 90 5.92 -2.13 0.15
N VAL A 91 7.15 -1.83 -0.23
CA VAL A 91 7.70 -0.50 -0.04
C VAL A 91 7.07 0.45 -1.06
N LEU A 92 6.08 1.20 -0.60
CA LEU A 92 5.39 2.16 -1.46
C LEU A 92 5.80 3.58 -1.06
N MET A 93 5.84 4.44 -2.06
CA MET A 93 6.22 5.83 -1.84
C MET A 93 5.29 6.78 -2.62
N ALA A 94 4.93 7.87 -1.96
CA ALA A 94 4.07 8.86 -2.57
C ALA A 94 4.85 10.15 -2.82
N SER A 95 4.40 10.91 -3.80
CA SER A 95 5.05 12.16 -4.14
C SER A 95 4.26 13.34 -3.57
N SER A 96 3.66 13.09 -2.42
CA SER A 96 2.87 14.11 -1.75
C SER A 96 2.40 13.61 -0.38
N GLN A 97 2.21 14.55 0.53
CA GLN A 97 1.77 14.22 1.87
C GLN A 97 0.29 13.81 1.85
N ALA A 98 -0.49 14.59 1.13
CA ALA A 98 -1.92 14.33 1.02
C ALA A 98 -2.14 13.02 0.29
N GLU A 99 -1.14 12.65 -0.51
CA GLU A 99 -1.21 11.42 -1.28
C GLU A 99 -0.99 10.21 -0.37
N MET A 100 0.00 10.33 0.49
CA MET A 100 0.32 9.26 1.42
C MET A 100 -0.73 9.16 2.54
N GLU A 101 -1.18 10.32 2.98
CA GLU A 101 -2.17 10.38 4.04
C GLU A 101 -3.49 9.74 3.56
N GLU A 102 -3.86 10.08 2.33
CA GLU A 102 -5.08 9.55 1.75
C GLU A 102 -4.98 8.03 1.59
N TRP A 103 -3.93 7.61 0.90
CA TRP A 103 -3.70 6.20 0.67
C TRP A 103 -3.69 5.49 2.03
N VAL A 104 -2.79 5.94 2.88
CA VAL A 104 -2.65 5.36 4.21
C VAL A 104 -4.01 5.39 4.91
N LYS A 105 -4.63 6.57 4.88
CA LYS A 105 -5.94 6.74 5.51
C LYS A 105 -6.81 5.52 5.21
N PHE A 106 -7.05 5.31 3.93
CA PHE A 106 -7.87 4.18 3.50
C PHE A 106 -7.20 2.86 3.87
N LEU A 107 -5.95 2.72 3.45
CA LEU A 107 -5.19 1.50 3.73
C LEU A 107 -5.44 1.07 5.17
N ARG A 108 -5.11 1.98 6.09
CA ARG A 108 -5.29 1.71 7.50
C ARG A 108 -6.76 1.45 7.81
N ARG A 109 -7.59 2.40 7.43
CA ARG A 109 -9.02 2.30 7.66
C ARG A 109 -9.48 0.86 7.41
N VAL A 110 -9.45 0.48 6.15
CA VAL A 110 -9.86 -0.87 5.76
C VAL A 110 -9.20 -1.88 6.69
N ALA A 111 -7.88 -1.80 6.77
CA ALA A 111 -7.12 -2.71 7.61
C ALA A 111 -7.73 -2.75 9.00
N GLY A 112 -8.18 -1.58 9.45
CA GLY A 112 -8.79 -1.46 10.75
C GLY A 112 -10.31 -1.65 10.67
N SER A 113 -10.70 -2.63 9.88
CA SER A 113 -12.12 -2.92 9.71
C SER A 113 -12.80 -1.77 8.97
N GLY A 114 -13.79 -2.13 8.16
CA GLY A 114 -14.53 -1.14 7.40
C GLY A 114 -16.03 -1.22 7.70
N PRO A 115 -16.83 -0.53 6.84
CA PRO A 115 -18.27 -0.52 7.01
C PRO A 115 -18.88 -1.86 6.58
N SER A 116 -18.44 -2.92 7.25
CA SER A 116 -18.93 -4.25 6.95
C SER A 116 -20.46 -4.24 6.90
N SER A 117 -21.02 -5.40 6.54
CA SER A 117 -22.46 -5.53 6.45
C SER A 117 -22.90 -6.88 7.04
N GLY A 118 -23.21 -6.84 8.33
CA GLY A 118 -23.65 -8.04 9.03
C GLY A 118 -24.93 -8.60 8.40
N GLY A 1 -22.24 -10.70 -0.22
CA GLY A 1 -23.58 -10.17 -0.35
C GLY A 1 -23.60 -8.93 -1.25
N SER A 2 -24.67 -8.16 -1.12
CA SER A 2 -24.82 -6.95 -1.91
C SER A 2 -25.35 -5.81 -1.04
N SER A 3 -24.73 -4.65 -1.18
CA SER A 3 -25.14 -3.49 -0.40
C SER A 3 -25.15 -2.25 -1.31
N GLY A 4 -24.00 -1.98 -1.90
CA GLY A 4 -23.86 -0.84 -2.79
C GLY A 4 -22.38 -0.52 -3.05
N SER A 5 -21.73 -1.44 -3.73
CA SER A 5 -20.32 -1.27 -4.06
C SER A 5 -19.97 -2.05 -5.33
N SER A 6 -18.95 -1.57 -6.02
CA SER A 6 -18.52 -2.21 -7.25
C SER A 6 -17.12 -1.70 -7.63
N GLY A 7 -17.00 -0.39 -7.67
CA GLY A 7 -15.73 0.25 -8.02
C GLY A 7 -14.83 0.37 -6.79
N PRO A 8 -13.57 0.82 -7.06
CA PRO A 8 -12.60 0.99 -5.99
C PRO A 8 -12.91 2.24 -5.16
N ILE A 9 -12.16 2.39 -4.08
CA ILE A 9 -12.35 3.54 -3.19
C ILE A 9 -11.32 4.62 -3.53
N LYS A 10 -10.05 4.24 -3.45
CA LYS A 10 -8.98 5.16 -3.74
C LYS A 10 -8.07 4.55 -4.82
N MET A 11 -7.67 5.39 -5.76
CA MET A 11 -6.81 4.96 -6.85
C MET A 11 -5.83 6.06 -7.24
N GLY A 12 -4.60 5.65 -7.51
CA GLY A 12 -3.56 6.59 -7.89
C GLY A 12 -2.26 5.86 -8.25
N TRP A 13 -1.32 6.62 -8.79
CA TRP A 13 -0.03 6.05 -9.17
C TRP A 13 0.94 6.26 -8.01
N LEU A 14 1.59 5.17 -7.63
CA LEU A 14 2.55 5.22 -6.53
C LEU A 14 3.87 4.59 -6.99
N LYS A 15 4.90 4.80 -6.18
CA LYS A 15 6.21 4.26 -6.49
C LYS A 15 6.49 3.06 -5.59
N LYS A 16 6.39 1.88 -6.19
CA LYS A 16 6.62 0.65 -5.45
C LYS A 16 8.07 0.22 -5.65
N GLN A 17 8.74 -0.04 -4.54
CA GLN A 17 10.13 -0.46 -4.58
C GLN A 17 10.32 -1.59 -5.59
N ARG A 18 11.44 -1.56 -6.27
CA ARG A 18 11.75 -2.57 -7.27
C ARG A 18 12.07 -3.90 -6.59
N SER A 19 12.86 -4.71 -7.28
CA SER A 19 13.25 -6.01 -6.75
C SER A 19 14.72 -6.28 -7.07
N ILE A 20 15.56 -6.06 -6.07
CA ILE A 20 16.98 -6.28 -6.22
C ILE A 20 17.57 -5.19 -7.11
N VAL A 21 16.82 -4.10 -7.23
CA VAL A 21 17.25 -2.97 -8.04
C VAL A 21 17.30 -1.71 -7.17
N LYS A 22 16.91 -1.88 -5.92
CA LYS A 22 16.90 -0.78 -4.98
C LYS A 22 16.36 0.47 -5.68
N ASN A 23 15.52 0.24 -6.67
CA ASN A 23 14.93 1.33 -7.42
C ASN A 23 13.43 1.40 -7.14
N TRP A 24 12.81 2.48 -7.60
CA TRP A 24 11.39 2.67 -7.39
C TRP A 24 10.70 2.57 -8.76
N GLN A 25 9.53 1.93 -8.75
CA GLN A 25 8.77 1.76 -9.98
C GLN A 25 7.40 2.44 -9.84
N GLN A 26 7.19 3.44 -10.70
CA GLN A 26 5.93 4.18 -10.68
C GLN A 26 4.83 3.34 -11.34
N ARG A 27 4.02 2.71 -10.50
CA ARG A 27 2.94 1.89 -10.98
C ARG A 27 1.59 2.50 -10.57
N TYR A 28 0.52 1.87 -11.04
CA TYR A 28 -0.82 2.34 -10.74
C TYR A 28 -1.49 1.45 -9.69
N PHE A 29 -1.67 2.02 -8.51
CA PHE A 29 -2.31 1.30 -7.42
C PHE A 29 -3.80 1.64 -7.31
N VAL A 30 -4.59 0.61 -7.10
CA VAL A 30 -6.03 0.78 -6.98
C VAL A 30 -6.51 0.10 -5.70
N LEU A 31 -7.41 0.78 -5.01
CA LEU A 31 -7.97 0.26 -3.77
C LEU A 31 -9.42 -0.14 -4.00
N ARG A 32 -9.64 -1.45 -4.03
CA ARG A 32 -10.98 -1.97 -4.23
C ARG A 32 -11.33 -2.98 -3.14
N ALA A 33 -12.50 -2.78 -2.55
CA ALA A 33 -12.97 -3.65 -1.49
C ALA A 33 -11.89 -3.75 -0.41
N GLN A 34 -11.75 -4.95 0.14
CA GLN A 34 -10.76 -5.18 1.18
C GLN A 34 -9.52 -5.85 0.60
N GLN A 35 -8.99 -5.22 -0.44
CA GLN A 35 -7.79 -5.75 -1.10
C GLN A 35 -7.10 -4.63 -1.89
N LEU A 36 -5.77 -4.61 -1.76
CA LEU A 36 -4.98 -3.62 -2.47
C LEU A 36 -4.39 -4.22 -3.73
N TYR A 37 -4.61 -3.55 -4.84
CA TYR A 37 -4.10 -4.02 -6.11
C TYR A 37 -3.21 -2.97 -6.78
N TYR A 38 -2.46 -3.40 -7.78
CA TYR A 38 -1.56 -2.51 -8.49
C TYR A 38 -1.23 -3.07 -9.88
N TYR A 39 -1.46 -2.23 -10.88
CA TYR A 39 -1.18 -2.63 -12.25
C TYR A 39 -0.05 -1.80 -12.85
N LYS A 40 0.36 -2.18 -14.06
CA LYS A 40 1.42 -1.48 -14.74
C LYS A 40 0.89 -0.14 -15.27
N ASP A 41 -0.31 -0.19 -15.80
CA ASP A 41 -0.95 0.99 -16.34
C ASP A 41 -2.47 0.88 -16.19
N GLU A 42 -3.14 1.97 -16.52
CA GLU A 42 -4.59 2.00 -16.43
C GLU A 42 -5.21 1.50 -17.74
N GLU A 43 -4.65 0.42 -18.25
CA GLU A 43 -5.14 -0.17 -19.48
C GLU A 43 -5.58 -1.62 -19.26
N ASP A 44 -4.59 -2.45 -18.91
CA ASP A 44 -4.86 -3.86 -18.66
C ASP A 44 -6.02 -3.98 -17.67
N THR A 45 -6.48 -5.21 -17.51
CA THR A 45 -7.58 -5.48 -16.60
C THR A 45 -7.24 -6.66 -15.68
N LYS A 46 -5.95 -6.85 -15.48
CA LYS A 46 -5.47 -7.93 -14.63
C LYS A 46 -4.52 -7.38 -13.57
N PRO A 47 -4.83 -7.70 -12.29
CA PRO A 47 -4.02 -7.25 -11.18
C PRO A 47 -2.71 -8.03 -11.10
N GLN A 48 -1.65 -7.31 -10.74
CA GLN A 48 -0.34 -7.93 -10.62
C GLN A 48 -0.17 -8.57 -9.24
N GLY A 49 -0.53 -7.79 -8.22
CA GLY A 49 -0.43 -8.26 -6.85
C GLY A 49 -1.68 -7.89 -6.05
N CYS A 50 -1.86 -8.59 -4.94
CA CYS A 50 -3.01 -8.35 -4.08
C CYS A 50 -2.54 -8.43 -2.62
N MET A 51 -2.87 -7.39 -1.88
CA MET A 51 -2.49 -7.33 -0.47
C MET A 51 -3.73 -7.24 0.43
N TYR A 52 -3.87 -8.24 1.28
CA TYR A 52 -5.00 -8.29 2.19
C TYR A 52 -4.94 -7.14 3.20
N LEU A 53 -5.78 -6.13 2.95
CA LEU A 53 -5.82 -4.97 3.82
C LEU A 53 -6.16 -5.41 5.25
N PRO A 54 -7.16 -6.34 5.34
CA PRO A 54 -7.58 -6.86 6.63
C PRO A 54 -6.56 -7.85 7.19
N GLY A 55 -5.34 -7.37 7.37
CA GLY A 55 -4.27 -8.20 7.90
C GLY A 55 -2.91 -7.74 7.36
N CYS A 56 -2.71 -6.43 7.38
CA CYS A 56 -1.46 -5.86 6.90
C CYS A 56 -0.97 -4.85 7.94
N THR A 57 0.23 -4.34 7.68
CA THR A 57 0.83 -3.38 8.60
C THR A 57 1.42 -2.20 7.81
N ILE A 58 0.81 -1.04 7.98
CA ILE A 58 1.26 0.15 7.30
C ILE A 58 2.27 0.89 8.18
N LYS A 59 3.51 0.90 7.73
CA LYS A 59 4.58 1.56 8.47
C LYS A 59 5.15 2.69 7.61
N GLU A 60 5.54 3.76 8.30
CA GLU A 60 6.10 4.92 7.61
C GLU A 60 7.63 4.83 7.60
N ILE A 61 8.17 4.65 6.41
CA ILE A 61 9.61 4.55 6.25
C ILE A 61 10.22 5.95 6.33
N ALA A 62 11.14 6.11 7.29
CA ALA A 62 11.81 7.38 7.47
C ALA A 62 13.15 7.36 6.75
N THR A 63 13.61 8.55 6.37
CA THR A 63 14.87 8.69 5.67
C THR A 63 16.02 8.86 6.68
N ASN A 64 16.78 9.92 6.47
CA ASN A 64 17.90 10.21 7.35
C ASN A 64 17.42 10.28 8.80
N PRO A 65 18.40 10.30 9.73
CA PRO A 65 18.08 10.36 11.15
C PRO A 65 17.62 11.75 11.55
N GLU A 66 18.21 12.75 10.91
CA GLU A 66 17.87 14.13 11.19
C GLU A 66 17.47 14.84 9.91
N GLU A 67 16.39 14.36 9.31
CA GLU A 67 15.89 14.94 8.08
C GLU A 67 14.49 15.53 8.29
N ALA A 68 13.95 16.10 7.23
CA ALA A 68 12.63 16.71 7.30
C ALA A 68 11.58 15.65 6.93
N GLY A 69 11.68 14.51 7.62
CA GLY A 69 10.74 13.42 7.38
C GLY A 69 10.64 13.10 5.88
N LYS A 70 9.76 12.16 5.57
CA LYS A 70 9.56 11.76 4.19
C LYS A 70 8.20 11.06 4.06
N PHE A 71 7.69 11.06 2.84
CA PHE A 71 6.41 10.44 2.57
C PHE A 71 6.59 9.03 2.00
N VAL A 72 7.11 8.14 2.84
CA VAL A 72 7.34 6.77 2.44
C VAL A 72 6.69 5.82 3.46
N PHE A 73 6.18 4.73 2.95
CA PHE A 73 5.53 3.74 3.80
C PHE A 73 5.48 2.37 3.12
N GLU A 74 5.65 1.33 3.92
CA GLU A 74 5.63 -0.02 3.41
C GLU A 74 4.47 -0.80 4.03
N ILE A 75 3.95 -1.75 3.25
CA ILE A 75 2.84 -2.56 3.70
C ILE A 75 3.31 -4.00 3.91
N ILE A 76 3.16 -4.47 5.13
CA ILE A 76 3.58 -5.82 5.48
C ILE A 76 2.33 -6.71 5.62
N PRO A 77 2.36 -7.87 4.90
CA PRO A 77 1.24 -8.80 4.94
C PRO A 77 1.24 -9.58 6.25
N ALA A 78 0.06 -10.06 6.62
CA ALA A 78 -0.10 -10.82 7.84
C ALA A 78 1.08 -11.78 8.00
N SER A 79 1.28 -12.60 6.97
CA SER A 79 2.35 -13.57 6.97
C SER A 79 3.45 -13.14 5.98
N TRP A 80 4.69 -13.43 6.37
CA TRP A 80 5.82 -13.07 5.54
C TRP A 80 7.01 -13.91 5.99
N ASP A 81 7.29 -13.85 7.29
CA ASP A 81 8.39 -14.58 7.86
C ASP A 81 8.45 -15.98 7.22
N GLN A 82 9.65 -16.34 6.78
CA GLN A 82 9.85 -17.64 6.15
C GLN A 82 9.19 -17.67 4.76
N ASN A 83 9.94 -17.17 3.78
CA ASN A 83 9.44 -17.14 2.42
C ASN A 83 10.56 -17.57 1.46
N ARG A 84 10.15 -18.05 0.30
CA ARG A 84 11.10 -18.49 -0.70
C ARG A 84 10.79 -17.85 -2.05
N MET A 85 9.82 -16.95 -2.04
CA MET A 85 9.41 -16.26 -3.25
C MET A 85 9.36 -14.74 -3.02
N GLY A 86 10.34 -14.26 -2.26
CA GLY A 86 10.43 -12.84 -1.97
C GLY A 86 10.29 -12.58 -0.47
N GLN A 87 11.24 -11.84 0.06
CA GLN A 87 11.24 -11.51 1.47
C GLN A 87 11.29 -9.99 1.67
N ASP A 88 10.40 -9.31 0.98
CA ASP A 88 10.33 -7.86 1.07
C ASP A 88 8.87 -7.41 0.98
N SER A 89 8.42 -6.74 2.04
CA SER A 89 7.06 -6.26 2.09
C SER A 89 6.78 -5.36 0.89
N TYR A 90 5.70 -4.60 1.01
CA TYR A 90 5.30 -3.69 -0.06
C TYR A 90 5.75 -2.26 0.25
N VAL A 91 6.94 -1.93 -0.22
CA VAL A 91 7.49 -0.60 0.01
C VAL A 91 6.91 0.37 -1.02
N LEU A 92 5.91 1.11 -0.58
CA LEU A 92 5.25 2.07 -1.46
C LEU A 92 5.68 3.48 -1.05
N MET A 93 5.81 4.34 -2.05
CA MET A 93 6.22 5.71 -1.83
C MET A 93 5.29 6.69 -2.55
N ALA A 94 4.91 7.74 -1.83
CA ALA A 94 4.02 8.74 -2.39
C ALA A 94 4.83 9.99 -2.73
N SER A 95 4.36 10.70 -3.75
CA SER A 95 5.03 11.92 -4.18
C SER A 95 4.71 13.06 -3.21
N SER A 96 3.44 13.16 -2.85
CA SER A 96 3.00 14.19 -1.93
C SER A 96 2.45 13.56 -0.65
N GLN A 97 2.31 14.40 0.37
CA GLN A 97 1.78 13.94 1.64
C GLN A 97 0.30 13.64 1.53
N ALA A 98 -0.44 14.62 1.05
CA ALA A 98 -1.88 14.48 0.89
C ALA A 98 -2.19 13.16 0.19
N GLU A 99 -1.21 12.70 -0.59
CA GLU A 99 -1.36 11.46 -1.32
C GLU A 99 -1.18 10.27 -0.37
N MET A 100 -0.10 10.32 0.40
CA MET A 100 0.20 9.27 1.35
C MET A 100 -0.87 9.18 2.44
N GLU A 101 -1.28 10.35 2.91
CA GLU A 101 -2.29 10.42 3.95
C GLU A 101 -3.57 9.71 3.50
N GLU A 102 -4.01 10.07 2.31
CA GLU A 102 -5.22 9.47 1.76
C GLU A 102 -5.07 7.95 1.66
N TRP A 103 -3.95 7.54 1.07
CA TRP A 103 -3.67 6.12 0.90
C TRP A 103 -3.69 5.48 2.29
N VAL A 104 -2.65 5.79 3.07
CA VAL A 104 -2.55 5.24 4.42
C VAL A 104 -3.93 5.25 5.07
N LYS A 105 -4.54 6.42 5.11
CA LYS A 105 -5.86 6.56 5.71
C LYS A 105 -6.72 5.37 5.31
N PHE A 106 -6.97 5.25 4.02
CA PHE A 106 -7.78 4.16 3.50
C PHE A 106 -7.19 2.80 3.89
N LEU A 107 -5.93 2.62 3.51
CA LEU A 107 -5.24 1.37 3.82
C LEU A 107 -5.48 1.00 5.28
N ARG A 108 -4.94 1.82 6.17
CA ARG A 108 -5.10 1.59 7.60
C ARG A 108 -6.58 1.42 7.95
N ARG A 109 -7.39 2.30 7.40
CA ARG A 109 -8.82 2.26 7.64
C ARG A 109 -9.37 0.86 7.35
N VAL A 110 -9.32 0.50 6.07
CA VAL A 110 -9.80 -0.81 5.64
C VAL A 110 -9.16 -1.89 6.52
N ALA A 111 -7.84 -1.85 6.59
CA ALA A 111 -7.10 -2.82 7.37
C ALA A 111 -7.62 -2.81 8.81
N GLY A 112 -8.21 -1.69 9.19
CA GLY A 112 -8.76 -1.54 10.53
C GLY A 112 -9.93 -2.50 10.75
N SER A 113 -10.92 -2.39 9.88
CA SER A 113 -12.09 -3.25 9.96
C SER A 113 -12.62 -3.26 11.40
N GLY A 114 -13.61 -2.41 11.64
CA GLY A 114 -14.20 -2.31 12.96
C GLY A 114 -15.22 -1.17 13.02
N PRO A 115 -15.74 -0.92 14.26
CA PRO A 115 -16.71 0.12 14.46
C PRO A 115 -16.06 1.50 14.42
N SER A 116 -16.86 2.50 14.08
CA SER A 116 -16.36 3.86 14.00
C SER A 116 -17.54 4.85 14.08
N SER A 117 -17.81 5.31 15.29
CA SER A 117 -18.89 6.25 15.51
C SER A 117 -18.77 7.43 14.53
N GLY A 118 -19.73 7.52 13.63
CA GLY A 118 -19.74 8.58 12.65
C GLY A 118 -20.70 8.27 11.50
#